data_1YMC
# 
_entry.id   1YMC 
# 
_audit_conform.dict_name       mmcif_pdbx.dic 
_audit_conform.dict_version    5.387 
_audit_conform.dict_location   http://mmcif.pdb.org/dictionaries/ascii/mmcif_pdbx.dic 
# 
loop_
_database_2.database_id 
_database_2.database_code 
_database_2.pdbx_database_accession 
_database_2.pdbx_DOI 
PDB   1YMC         pdb_00001ymc 10.2210/pdb1ymc/pdb 
WWPDB D_1000177408 ?            ?                   
# 
loop_
_pdbx_audit_revision_history.ordinal 
_pdbx_audit_revision_history.data_content_type 
_pdbx_audit_revision_history.major_revision 
_pdbx_audit_revision_history.minor_revision 
_pdbx_audit_revision_history.revision_date 
1 'Structure model' 1 0 1994-01-31 
2 'Structure model' 1 1 2008-03-24 
3 'Structure model' 1 2 2011-07-13 
4 'Structure model' 1 3 2017-11-29 
5 'Structure model' 1 4 2024-02-14 
# 
_pdbx_audit_revision_details.ordinal             1 
_pdbx_audit_revision_details.revision_ordinal    1 
_pdbx_audit_revision_details.data_content_type   'Structure model' 
_pdbx_audit_revision_details.provider            repository 
_pdbx_audit_revision_details.type                'Initial release' 
_pdbx_audit_revision_details.description         ? 
_pdbx_audit_revision_details.details             ? 
# 
loop_
_pdbx_audit_revision_group.ordinal 
_pdbx_audit_revision_group.revision_ordinal 
_pdbx_audit_revision_group.data_content_type 
_pdbx_audit_revision_group.group 
1 2 'Structure model' 'Version format compliance' 
2 3 'Structure model' 'Version format compliance' 
3 4 'Structure model' 'Derived calculations'      
4 4 'Structure model' Other                       
5 5 'Structure model' 'Data collection'           
6 5 'Structure model' 'Database references'       
7 5 'Structure model' 'Derived calculations'      
# 
loop_
_pdbx_audit_revision_category.ordinal 
_pdbx_audit_revision_category.revision_ordinal 
_pdbx_audit_revision_category.data_content_type 
_pdbx_audit_revision_category.category 
1 4 'Structure model' pdbx_database_status 
2 4 'Structure model' struct_conf          
3 4 'Structure model' struct_conf_type     
4 5 'Structure model' chem_comp_atom       
5 5 'Structure model' chem_comp_bond       
6 5 'Structure model' database_2           
7 5 'Structure model' struct_site          
# 
loop_
_pdbx_audit_revision_item.ordinal 
_pdbx_audit_revision_item.revision_ordinal 
_pdbx_audit_revision_item.data_content_type 
_pdbx_audit_revision_item.item 
1 4 'Structure model' '_pdbx_database_status.process_site'  
2 5 'Structure model' '_database_2.pdbx_DOI'                
3 5 'Structure model' '_database_2.pdbx_database_accession' 
4 5 'Structure model' '_struct_site.pdbx_auth_asym_id'      
5 5 'Structure model' '_struct_site.pdbx_auth_comp_id'      
6 5 'Structure model' '_struct_site.pdbx_auth_seq_id'       
# 
_pdbx_database_status.status_code                     REL 
_pdbx_database_status.entry_id                        1YMC 
_pdbx_database_status.recvd_initial_deposition_date   1993-09-27 
_pdbx_database_status.deposit_site                    ? 
_pdbx_database_status.process_site                    BNL 
_pdbx_database_status.status_code_sf                  REL 
_pdbx_database_status.status_code_mr                  ? 
_pdbx_database_status.SG_entry                        ? 
_pdbx_database_status.pdb_format_compatible           Y 
_pdbx_database_status.status_code_cs                  ? 
_pdbx_database_status.methods_development_category    ? 
_pdbx_database_status.status_code_nmr_data            ? 
# 
loop_
_audit_author.name 
_audit_author.pdbx_ordinal 
'Evans, S.V.'  1 
'Brayer, G.D.' 2 
# 
loop_
_citation.id 
_citation.title 
_citation.journal_abbrev 
_citation.journal_volume 
_citation.page_first 
_citation.page_last 
_citation.year 
_citation.journal_id_ASTM 
_citation.country 
_citation.journal_id_ISSN 
_citation.journal_id_CSD 
_citation.book_publisher 
_citation.pdbx_database_id_PubMed 
_citation.pdbx_database_id_DOI 
primary 'Three-dimensional structure of cyanomet-sulfmyoglobin C.'                                       Proc.Natl.Acad.Sci.USA 91 
4723 4726 1994 PNASA6 US 0027-8424 0040 ? 8197124 10.1073/pnas.91.11.4723 
1       'High-Resolution Study of the Three-Dimensional Structure of Horse Heart Metmyoglobin'           J.Mol.Biol.            
213 885  ?    1990 JMOBAK UK 0022-2836 0070 ? ?       ?                       
2       'Horse Heart Metmyoglobin: A 2.8-Angstroms Resolution Three-Dimensional Structure Determination' J.Biol.Chem.           
263 4263 ?    1988 JBCHA3 US 0021-9258 0071 ? ?       ?                       
3       'Crystallization and Preliminary Diffraction Data for Horse Heart Metmyoglobin'                  J.Mol.Biol.            
193 227  ?    1987 JMOBAK UK 0022-2836 0070 ? ?       ?                       
# 
loop_
_citation_author.citation_id 
_citation_author.name 
_citation_author.ordinal 
_citation_author.identifier_ORCID 
primary 'Evans, S.V.'  1  ? 
primary 'Sishta, B.P.' 2  ? 
primary 'Mauk, A.G.'   3  ? 
primary 'Brayer, G.D.' 4  ? 
1       'Evans, S.V.'  5  ? 
1       'Brayer, G.D.' 6  ? 
2       'Evans, S.V.'  7  ? 
2       'Brayer, G.D.' 8  ? 
3       'Sherwood, C.' 9  ? 
3       'Mauk, A.G.'   10 ? 
3       'Brayer, G.D.' 11 ? 
# 
loop_
_entity.id 
_entity.type 
_entity.src_method 
_entity.pdbx_description 
_entity.formula_weight 
_entity.pdbx_number_of_molecules 
_entity.pdbx_ec 
_entity.pdbx_mutation 
_entity.pdbx_fragment 
_entity.details 
1 polymer     man CYANOMET-SULFMYOGLOBIN                 16983.514 1   ? ? ? ? 
2 non-polymer syn 'SULFATE ION'                          96.063    1   ? ? ? ? 
3 non-polymer syn 'CYANIDE ION'                          26.017    1   ? ? ? ? 
4 non-polymer syn 'SULFUR SUBSTITUTED PROTOPORPHYRIN IX' 648.552   1   ? ? ? ? 
5 water       nat water                                  18.015    173 ? ? ? ? 
# 
_entity_poly.entity_id                      1 
_entity_poly.type                           'polypeptide(L)' 
_entity_poly.nstd_linkage                   no 
_entity_poly.nstd_monomer                   no 
_entity_poly.pdbx_seq_one_letter_code       
;GLSDGEWQQVLNVWGKVEADIAGHGQEVLIRLFTGHPETLEKFDKFKHLKTEAEMKASEDLKKHGTVVLTALGGILKKKG
HHEAELKPLAQSHATKHKIPIKYLEFISDAIIHVLHSKHPGDFGADAQGAMTKALELFRNDIAAKYKELGFQG
;
_entity_poly.pdbx_seq_one_letter_code_can   
;GLSDGEWQQVLNVWGKVEADIAGHGQEVLIRLFTGHPETLEKFDKFKHLKTEAEMKASEDLKKHGTVVLTALGGILKKKG
HHEAELKPLAQSHATKHKIPIKYLEFISDAIIHVLHSKHPGDFGADAQGAMTKALELFRNDIAAKYKELGFQG
;
_entity_poly.pdbx_strand_id                 A 
_entity_poly.pdbx_target_identifier         ? 
# 
loop_
_pdbx_entity_nonpoly.entity_id 
_pdbx_entity_nonpoly.name 
_pdbx_entity_nonpoly.comp_id 
2 'SULFATE ION'                          SO4 
3 'CYANIDE ION'                          CYN 
4 'SULFUR SUBSTITUTED PROTOPORPHYRIN IX' CLN 
5 water                                  HOH 
# 
loop_
_entity_poly_seq.entity_id 
_entity_poly_seq.num 
_entity_poly_seq.mon_id 
_entity_poly_seq.hetero 
1 1   GLY n 
1 2   LEU n 
1 3   SER n 
1 4   ASP n 
1 5   GLY n 
1 6   GLU n 
1 7   TRP n 
1 8   GLN n 
1 9   GLN n 
1 10  VAL n 
1 11  LEU n 
1 12  ASN n 
1 13  VAL n 
1 14  TRP n 
1 15  GLY n 
1 16  LYS n 
1 17  VAL n 
1 18  GLU n 
1 19  ALA n 
1 20  ASP n 
1 21  ILE n 
1 22  ALA n 
1 23  GLY n 
1 24  HIS n 
1 25  GLY n 
1 26  GLN n 
1 27  GLU n 
1 28  VAL n 
1 29  LEU n 
1 30  ILE n 
1 31  ARG n 
1 32  LEU n 
1 33  PHE n 
1 34  THR n 
1 35  GLY n 
1 36  HIS n 
1 37  PRO n 
1 38  GLU n 
1 39  THR n 
1 40  LEU n 
1 41  GLU n 
1 42  LYS n 
1 43  PHE n 
1 44  ASP n 
1 45  LYS n 
1 46  PHE n 
1 47  LYS n 
1 48  HIS n 
1 49  LEU n 
1 50  LYS n 
1 51  THR n 
1 52  GLU n 
1 53  ALA n 
1 54  GLU n 
1 55  MET n 
1 56  LYS n 
1 57  ALA n 
1 58  SER n 
1 59  GLU n 
1 60  ASP n 
1 61  LEU n 
1 62  LYS n 
1 63  LYS n 
1 64  HIS n 
1 65  GLY n 
1 66  THR n 
1 67  VAL n 
1 68  VAL n 
1 69  LEU n 
1 70  THR n 
1 71  ALA n 
1 72  LEU n 
1 73  GLY n 
1 74  GLY n 
1 75  ILE n 
1 76  LEU n 
1 77  LYS n 
1 78  LYS n 
1 79  LYS n 
1 80  GLY n 
1 81  HIS n 
1 82  HIS n 
1 83  GLU n 
1 84  ALA n 
1 85  GLU n 
1 86  LEU n 
1 87  LYS n 
1 88  PRO n 
1 89  LEU n 
1 90  ALA n 
1 91  GLN n 
1 92  SER n 
1 93  HIS n 
1 94  ALA n 
1 95  THR n 
1 96  LYS n 
1 97  HIS n 
1 98  LYS n 
1 99  ILE n 
1 100 PRO n 
1 101 ILE n 
1 102 LYS n 
1 103 TYR n 
1 104 LEU n 
1 105 GLU n 
1 106 PHE n 
1 107 ILE n 
1 108 SER n 
1 109 ASP n 
1 110 ALA n 
1 111 ILE n 
1 112 ILE n 
1 113 HIS n 
1 114 VAL n 
1 115 LEU n 
1 116 HIS n 
1 117 SER n 
1 118 LYS n 
1 119 HIS n 
1 120 PRO n 
1 121 GLY n 
1 122 ASP n 
1 123 PHE n 
1 124 GLY n 
1 125 ALA n 
1 126 ASP n 
1 127 ALA n 
1 128 GLN n 
1 129 GLY n 
1 130 ALA n 
1 131 MET n 
1 132 THR n 
1 133 LYS n 
1 134 ALA n 
1 135 LEU n 
1 136 GLU n 
1 137 LEU n 
1 138 PHE n 
1 139 ARG n 
1 140 ASN n 
1 141 ASP n 
1 142 ILE n 
1 143 ALA n 
1 144 ALA n 
1 145 LYS n 
1 146 TYR n 
1 147 LYS n 
1 148 GLU n 
1 149 LEU n 
1 150 GLY n 
1 151 PHE n 
1 152 GLN n 
1 153 GLY n 
# 
_entity_src_gen.entity_id                          1 
_entity_src_gen.pdbx_src_id                        1 
_entity_src_gen.pdbx_alt_source_flag               sample 
_entity_src_gen.pdbx_seq_type                      ? 
_entity_src_gen.pdbx_beg_seq_num                   ? 
_entity_src_gen.pdbx_end_seq_num                   ? 
_entity_src_gen.gene_src_common_name               horse 
_entity_src_gen.gene_src_genus                     Equus 
_entity_src_gen.pdbx_gene_src_gene                 ? 
_entity_src_gen.gene_src_species                   ? 
_entity_src_gen.gene_src_strain                    ? 
_entity_src_gen.gene_src_tissue                    ? 
_entity_src_gen.gene_src_tissue_fraction           ? 
_entity_src_gen.gene_src_details                   ? 
_entity_src_gen.pdbx_gene_src_fragment             ? 
_entity_src_gen.pdbx_gene_src_scientific_name      'Equus caballus' 
_entity_src_gen.pdbx_gene_src_ncbi_taxonomy_id     9796 
_entity_src_gen.pdbx_gene_src_variant              ? 
_entity_src_gen.pdbx_gene_src_cell_line            ? 
_entity_src_gen.pdbx_gene_src_atcc                 ? 
_entity_src_gen.pdbx_gene_src_organ                ? 
_entity_src_gen.pdbx_gene_src_organelle            ? 
_entity_src_gen.pdbx_gene_src_cell                 ? 
_entity_src_gen.pdbx_gene_src_cellular_location    ? 
_entity_src_gen.host_org_common_name               ? 
_entity_src_gen.pdbx_host_org_scientific_name      ? 
_entity_src_gen.pdbx_host_org_ncbi_taxonomy_id     ? 
_entity_src_gen.host_org_genus                     ? 
_entity_src_gen.pdbx_host_org_gene                 ? 
_entity_src_gen.pdbx_host_org_organ                ? 
_entity_src_gen.host_org_species                   ? 
_entity_src_gen.pdbx_host_org_tissue               ? 
_entity_src_gen.pdbx_host_org_tissue_fraction      ? 
_entity_src_gen.pdbx_host_org_strain               ? 
_entity_src_gen.pdbx_host_org_variant              ? 
_entity_src_gen.pdbx_host_org_cell_line            ? 
_entity_src_gen.pdbx_host_org_atcc                 ? 
_entity_src_gen.pdbx_host_org_culture_collection   ? 
_entity_src_gen.pdbx_host_org_cell                 ? 
_entity_src_gen.pdbx_host_org_organelle            ? 
_entity_src_gen.pdbx_host_org_cellular_location    ? 
_entity_src_gen.pdbx_host_org_vector_type          ? 
_entity_src_gen.pdbx_host_org_vector               ? 
_entity_src_gen.host_org_details                   ? 
_entity_src_gen.expression_system_id               ? 
_entity_src_gen.plasmid_name                       ? 
_entity_src_gen.plasmid_details                    ? 
_entity_src_gen.pdbx_description                   ? 
# 
loop_
_chem_comp.id 
_chem_comp.type 
_chem_comp.mon_nstd_flag 
_chem_comp.name 
_chem_comp.pdbx_synonyms 
_chem_comp.formula 
_chem_comp.formula_weight 
ALA 'L-peptide linking' y ALANINE                                ? 'C3 H7 N O2'         89.093  
ARG 'L-peptide linking' y ARGININE                               ? 'C6 H15 N4 O2 1'     175.209 
ASN 'L-peptide linking' y ASPARAGINE                             ? 'C4 H8 N2 O3'        132.118 
ASP 'L-peptide linking' y 'ASPARTIC ACID'                        ? 'C4 H7 N O4'         133.103 
CLN non-polymer         . 'SULFUR SUBSTITUTED PROTOPORPHYRIN IX' ? 'C34 H32 Fe N4 O4 S' 648.552 
CYN non-polymer         . 'CYANIDE ION'                          ? 'C N -1'             26.017  
GLN 'L-peptide linking' y GLUTAMINE                              ? 'C5 H10 N2 O3'       146.144 
GLU 'L-peptide linking' y 'GLUTAMIC ACID'                        ? 'C5 H9 N O4'         147.129 
GLY 'peptide linking'   y GLYCINE                                ? 'C2 H5 N O2'         75.067  
HIS 'L-peptide linking' y HISTIDINE                              ? 'C6 H10 N3 O2 1'     156.162 
HOH non-polymer         . WATER                                  ? 'H2 O'               18.015  
ILE 'L-peptide linking' y ISOLEUCINE                             ? 'C6 H13 N O2'        131.173 
LEU 'L-peptide linking' y LEUCINE                                ? 'C6 H13 N O2'        131.173 
LYS 'L-peptide linking' y LYSINE                                 ? 'C6 H15 N2 O2 1'     147.195 
MET 'L-peptide linking' y METHIONINE                             ? 'C5 H11 N O2 S'      149.211 
PHE 'L-peptide linking' y PHENYLALANINE                          ? 'C9 H11 N O2'        165.189 
PRO 'L-peptide linking' y PROLINE                                ? 'C5 H9 N O2'         115.130 
SER 'L-peptide linking' y SERINE                                 ? 'C3 H7 N O3'         105.093 
SO4 non-polymer         . 'SULFATE ION'                          ? 'O4 S -2'            96.063  
THR 'L-peptide linking' y THREONINE                              ? 'C4 H9 N O3'         119.119 
TRP 'L-peptide linking' y TRYPTOPHAN                             ? 'C11 H12 N2 O2'      204.225 
TYR 'L-peptide linking' y TYROSINE                               ? 'C9 H11 N O3'        181.189 
VAL 'L-peptide linking' y VALINE                                 ? 'C5 H11 N O2'        117.146 
# 
loop_
_pdbx_poly_seq_scheme.asym_id 
_pdbx_poly_seq_scheme.entity_id 
_pdbx_poly_seq_scheme.seq_id 
_pdbx_poly_seq_scheme.mon_id 
_pdbx_poly_seq_scheme.ndb_seq_num 
_pdbx_poly_seq_scheme.pdb_seq_num 
_pdbx_poly_seq_scheme.auth_seq_num 
_pdbx_poly_seq_scheme.pdb_mon_id 
_pdbx_poly_seq_scheme.auth_mon_id 
_pdbx_poly_seq_scheme.pdb_strand_id 
_pdbx_poly_seq_scheme.pdb_ins_code 
_pdbx_poly_seq_scheme.hetero 
A 1 1   GLY 1   1   1   GLY GLY A . n 
A 1 2   LEU 2   2   2   LEU LEU A . n 
A 1 3   SER 3   3   3   SER SER A . n 
A 1 4   ASP 4   4   4   ASP ASP A . n 
A 1 5   GLY 5   5   5   GLY GLY A . n 
A 1 6   GLU 6   6   6   GLU GLU A . n 
A 1 7   TRP 7   7   7   TRP TRP A . n 
A 1 8   GLN 8   8   8   GLN GLN A . n 
A 1 9   GLN 9   9   9   GLN GLN A . n 
A 1 10  VAL 10  10  10  VAL VAL A . n 
A 1 11  LEU 11  11  11  LEU LEU A . n 
A 1 12  ASN 12  12  12  ASN ASN A . n 
A 1 13  VAL 13  13  13  VAL VAL A . n 
A 1 14  TRP 14  14  14  TRP TRP A . n 
A 1 15  GLY 15  15  15  GLY GLY A . n 
A 1 16  LYS 16  16  16  LYS LYS A . n 
A 1 17  VAL 17  17  17  VAL VAL A . n 
A 1 18  GLU 18  18  18  GLU GLU A . n 
A 1 19  ALA 19  19  19  ALA ALA A . n 
A 1 20  ASP 20  20  20  ASP ASP A . n 
A 1 21  ILE 21  21  21  ILE ILE A . n 
A 1 22  ALA 22  22  22  ALA ALA A . n 
A 1 23  GLY 23  23  23  GLY GLY A . n 
A 1 24  HIS 24  24  24  HIS HIS A . n 
A 1 25  GLY 25  25  25  GLY GLY A . n 
A 1 26  GLN 26  26  26  GLN GLN A . n 
A 1 27  GLU 27  27  27  GLU GLU A . n 
A 1 28  VAL 28  28  28  VAL VAL A . n 
A 1 29  LEU 29  29  29  LEU LEU A . n 
A 1 30  ILE 30  30  30  ILE ILE A . n 
A 1 31  ARG 31  31  31  ARG ARG A . n 
A 1 32  LEU 32  32  32  LEU LEU A . n 
A 1 33  PHE 33  33  33  PHE PHE A . n 
A 1 34  THR 34  34  34  THR THR A . n 
A 1 35  GLY 35  35  35  GLY GLY A . n 
A 1 36  HIS 36  36  36  HIS HIS A . n 
A 1 37  PRO 37  37  37  PRO PRO A . n 
A 1 38  GLU 38  38  38  GLU GLU A . n 
A 1 39  THR 39  39  39  THR THR A . n 
A 1 40  LEU 40  40  40  LEU LEU A . n 
A 1 41  GLU 41  41  41  GLU GLU A . n 
A 1 42  LYS 42  42  42  LYS LYS A . n 
A 1 43  PHE 43  43  43  PHE PHE A . n 
A 1 44  ASP 44  44  44  ASP ASP A . n 
A 1 45  LYS 45  45  45  LYS LYS A . n 
A 1 46  PHE 46  46  46  PHE PHE A . n 
A 1 47  LYS 47  47  47  LYS LYS A . n 
A 1 48  HIS 48  48  48  HIS HIS A . n 
A 1 49  LEU 49  49  49  LEU LEU A . n 
A 1 50  LYS 50  50  50  LYS LYS A . n 
A 1 51  THR 51  51  51  THR THR A . n 
A 1 52  GLU 52  52  52  GLU GLU A . n 
A 1 53  ALA 53  53  53  ALA ALA A . n 
A 1 54  GLU 54  54  54  GLU GLU A . n 
A 1 55  MET 55  55  55  MET MET A . n 
A 1 56  LYS 56  56  56  LYS LYS A . n 
A 1 57  ALA 57  57  57  ALA ALA A . n 
A 1 58  SER 58  58  58  SER SER A . n 
A 1 59  GLU 59  59  59  GLU GLU A . n 
A 1 60  ASP 60  60  60  ASP ASP A . n 
A 1 61  LEU 61  61  61  LEU LEU A . n 
A 1 62  LYS 62  62  62  LYS LYS A . n 
A 1 63  LYS 63  63  63  LYS LYS A . n 
A 1 64  HIS 64  64  64  HIS HIS A . n 
A 1 65  GLY 65  65  65  GLY GLY A . n 
A 1 66  THR 66  66  66  THR THR A . n 
A 1 67  VAL 67  67  67  VAL VAL A . n 
A 1 68  VAL 68  68  68  VAL VAL A . n 
A 1 69  LEU 69  69  69  LEU LEU A . n 
A 1 70  THR 70  70  70  THR THR A . n 
A 1 71  ALA 71  71  71  ALA ALA A . n 
A 1 72  LEU 72  72  72  LEU LEU A . n 
A 1 73  GLY 73  73  73  GLY GLY A . n 
A 1 74  GLY 74  74  74  GLY GLY A . n 
A 1 75  ILE 75  75  75  ILE ILE A . n 
A 1 76  LEU 76  76  76  LEU LEU A . n 
A 1 77  LYS 77  77  77  LYS LYS A . n 
A 1 78  LYS 78  78  78  LYS LYS A . n 
A 1 79  LYS 79  79  79  LYS LYS A . n 
A 1 80  GLY 80  80  80  GLY GLY A . n 
A 1 81  HIS 81  81  81  HIS HIS A . n 
A 1 82  HIS 82  82  82  HIS HIS A . n 
A 1 83  GLU 83  83  83  GLU GLU A . n 
A 1 84  ALA 84  84  84  ALA ALA A . n 
A 1 85  GLU 85  85  85  GLU GLU A . n 
A 1 86  LEU 86  86  86  LEU LEU A . n 
A 1 87  LYS 87  87  87  LYS LYS A . n 
A 1 88  PRO 88  88  88  PRO PRO A . n 
A 1 89  LEU 89  89  89  LEU LEU A . n 
A 1 90  ALA 90  90  90  ALA ALA A . n 
A 1 91  GLN 91  91  91  GLN GLN A . n 
A 1 92  SER 92  92  92  SER SER A . n 
A 1 93  HIS 93  93  93  HIS HIS A . n 
A 1 94  ALA 94  94  94  ALA ALA A . n 
A 1 95  THR 95  95  95  THR THR A . n 
A 1 96  LYS 96  96  96  LYS LYS A . n 
A 1 97  HIS 97  97  97  HIS HIS A . n 
A 1 98  LYS 98  98  98  LYS LYS A . n 
A 1 99  ILE 99  99  99  ILE ILE A . n 
A 1 100 PRO 100 100 100 PRO PRO A . n 
A 1 101 ILE 101 101 101 ILE ILE A . n 
A 1 102 LYS 102 102 102 LYS LYS A . n 
A 1 103 TYR 103 103 103 TYR TYR A . n 
A 1 104 LEU 104 104 104 LEU LEU A . n 
A 1 105 GLU 105 105 105 GLU GLU A . n 
A 1 106 PHE 106 106 106 PHE PHE A . n 
A 1 107 ILE 107 107 107 ILE ILE A . n 
A 1 108 SER 108 108 108 SER SER A . n 
A 1 109 ASP 109 109 109 ASP ASP A . n 
A 1 110 ALA 110 110 110 ALA ALA A . n 
A 1 111 ILE 111 111 111 ILE ILE A . n 
A 1 112 ILE 112 112 112 ILE ILE A . n 
A 1 113 HIS 113 113 113 HIS HIS A . n 
A 1 114 VAL 114 114 114 VAL VAL A . n 
A 1 115 LEU 115 115 115 LEU LEU A . n 
A 1 116 HIS 116 116 116 HIS HIS A . n 
A 1 117 SER 117 117 117 SER SER A . n 
A 1 118 LYS 118 118 118 LYS LYS A . n 
A 1 119 HIS 119 119 119 HIS HIS A . n 
A 1 120 PRO 120 120 120 PRO PRO A . n 
A 1 121 GLY 121 121 121 GLY GLY A . n 
A 1 122 ASP 122 122 122 ASP ASP A . n 
A 1 123 PHE 123 123 123 PHE PHE A . n 
A 1 124 GLY 124 124 124 GLY GLY A . n 
A 1 125 ALA 125 125 125 ALA ALA A . n 
A 1 126 ASP 126 126 126 ASP ASP A . n 
A 1 127 ALA 127 127 127 ALA ALA A . n 
A 1 128 GLN 128 128 128 GLN GLN A . n 
A 1 129 GLY 129 129 129 GLY GLY A . n 
A 1 130 ALA 130 130 130 ALA ALA A . n 
A 1 131 MET 131 131 131 MET MET A . n 
A 1 132 THR 132 132 132 THR THR A . n 
A 1 133 LYS 133 133 133 LYS LYS A . n 
A 1 134 ALA 134 134 134 ALA ALA A . n 
A 1 135 LEU 135 135 135 LEU LEU A . n 
A 1 136 GLU 136 136 136 GLU GLU A . n 
A 1 137 LEU 137 137 137 LEU LEU A . n 
A 1 138 PHE 138 138 138 PHE PHE A . n 
A 1 139 ARG 139 139 139 ARG ARG A . n 
A 1 140 ASN 140 140 140 ASN ASN A . n 
A 1 141 ASP 141 141 141 ASP ASP A . n 
A 1 142 ILE 142 142 142 ILE ILE A . n 
A 1 143 ALA 143 143 143 ALA ALA A . n 
A 1 144 ALA 144 144 144 ALA ALA A . n 
A 1 145 LYS 145 145 145 LYS LYS A . n 
A 1 146 TYR 146 146 146 TYR TYR A . n 
A 1 147 LYS 147 147 147 LYS LYS A . n 
A 1 148 GLU 148 148 148 GLU GLU A . n 
A 1 149 LEU 149 149 149 LEU LEU A . n 
A 1 150 GLY 150 150 150 GLY GLY A . n 
A 1 151 PHE 151 151 151 PHE PHE A . n 
A 1 152 GLN 152 152 152 GLN GLN A . n 
A 1 153 GLY 153 153 153 GLY GLY A . n 
# 
loop_
_pdbx_nonpoly_scheme.asym_id 
_pdbx_nonpoly_scheme.entity_id 
_pdbx_nonpoly_scheme.mon_id 
_pdbx_nonpoly_scheme.ndb_seq_num 
_pdbx_nonpoly_scheme.pdb_seq_num 
_pdbx_nonpoly_scheme.auth_seq_num 
_pdbx_nonpoly_scheme.pdb_mon_id 
_pdbx_nonpoly_scheme.auth_mon_id 
_pdbx_nonpoly_scheme.pdb_strand_id 
_pdbx_nonpoly_scheme.pdb_ins_code 
B 2 SO4 1   155 155 SO4 SO4 A . 
C 3 CYN 1   156 156 CYN CN  A . 
D 4 CLN 1   154 154 CLN CLN A . 
E 5 HOH 1   157 157 HOH HOH A . 
E 5 HOH 2   158 158 HOH HOH A . 
E 5 HOH 3   159 159 HOH HOH A . 
E 5 HOH 4   160 160 HOH HOH A . 
E 5 HOH 5   161 161 HOH HOH A . 
E 5 HOH 6   162 162 HOH HOH A . 
E 5 HOH 7   163 163 HOH HOH A . 
E 5 HOH 8   164 164 HOH HOH A . 
E 5 HOH 9   165 165 HOH HOH A . 
E 5 HOH 10  166 166 HOH HOH A . 
E 5 HOH 11  167 167 HOH HOH A . 
E 5 HOH 12  168 168 HOH HOH A . 
E 5 HOH 13  169 169 HOH HOH A . 
E 5 HOH 14  170 170 HOH HOH A . 
E 5 HOH 15  171 171 HOH HOH A . 
E 5 HOH 16  172 172 HOH HOH A . 
E 5 HOH 17  173 173 HOH HOH A . 
E 5 HOH 18  174 174 HOH HOH A . 
E 5 HOH 19  175 175 HOH HOH A . 
E 5 HOH 20  176 176 HOH HOH A . 
E 5 HOH 21  177 177 HOH HOH A . 
E 5 HOH 22  178 178 HOH HOH A . 
E 5 HOH 23  179 179 HOH HOH A . 
E 5 HOH 24  180 180 HOH HOH A . 
E 5 HOH 25  181 181 HOH HOH A . 
E 5 HOH 26  182 182 HOH HOH A . 
E 5 HOH 27  183 183 HOH HOH A . 
E 5 HOH 28  184 184 HOH HOH A . 
E 5 HOH 29  185 185 HOH HOH A . 
E 5 HOH 30  186 186 HOH HOH A . 
E 5 HOH 31  187 187 HOH HOH A . 
E 5 HOH 32  188 188 HOH HOH A . 
E 5 HOH 33  189 189 HOH HOH A . 
E 5 HOH 34  190 190 HOH HOH A . 
E 5 HOH 35  191 191 HOH HOH A . 
E 5 HOH 36  192 192 HOH HOH A . 
E 5 HOH 37  193 193 HOH HOH A . 
E 5 HOH 38  194 194 HOH HOH A . 
E 5 HOH 39  195 195 HOH HOH A . 
E 5 HOH 40  196 196 HOH HOH A . 
E 5 HOH 41  197 197 HOH HOH A . 
E 5 HOH 42  198 198 HOH HOH A . 
E 5 HOH 43  199 199 HOH HOH A . 
E 5 HOH 44  200 200 HOH HOH A . 
E 5 HOH 45  201 201 HOH HOH A . 
E 5 HOH 46  202 202 HOH HOH A . 
E 5 HOH 47  203 203 HOH HOH A . 
E 5 HOH 48  204 204 HOH HOH A . 
E 5 HOH 49  205 205 HOH HOH A . 
E 5 HOH 50  206 206 HOH HOH A . 
E 5 HOH 51  207 207 HOH HOH A . 
E 5 HOH 52  208 208 HOH HOH A . 
E 5 HOH 53  209 209 HOH HOH A . 
E 5 HOH 54  210 210 HOH HOH A . 
E 5 HOH 55  211 211 HOH HOH A . 
E 5 HOH 56  212 212 HOH HOH A . 
E 5 HOH 57  213 213 HOH HOH A . 
E 5 HOH 58  214 214 HOH HOH A . 
E 5 HOH 59  215 215 HOH HOH A . 
E 5 HOH 60  216 216 HOH HOH A . 
E 5 HOH 61  217 217 HOH HOH A . 
E 5 HOH 62  218 218 HOH HOH A . 
E 5 HOH 63  219 219 HOH HOH A . 
E 5 HOH 64  220 220 HOH HOH A . 
E 5 HOH 65  221 221 HOH HOH A . 
E 5 HOH 66  222 222 HOH HOH A . 
E 5 HOH 67  223 223 HOH HOH A . 
E 5 HOH 68  224 224 HOH HOH A . 
E 5 HOH 69  225 225 HOH HOH A . 
E 5 HOH 70  226 226 HOH HOH A . 
E 5 HOH 71  227 227 HOH HOH A . 
E 5 HOH 72  228 228 HOH HOH A . 
E 5 HOH 73  229 229 HOH HOH A . 
E 5 HOH 74  230 230 HOH HOH A . 
E 5 HOH 75  231 231 HOH HOH A . 
E 5 HOH 76  232 232 HOH HOH A . 
E 5 HOH 77  233 233 HOH HOH A . 
E 5 HOH 78  234 234 HOH HOH A . 
E 5 HOH 79  235 235 HOH HOH A . 
E 5 HOH 80  236 236 HOH HOH A . 
E 5 HOH 81  237 237 HOH HOH A . 
E 5 HOH 82  238 238 HOH HOH A . 
E 5 HOH 83  239 239 HOH HOH A . 
E 5 HOH 84  240 240 HOH HOH A . 
E 5 HOH 85  241 241 HOH HOH A . 
E 5 HOH 86  242 242 HOH HOH A . 
E 5 HOH 87  243 243 HOH HOH A . 
E 5 HOH 88  244 244 HOH HOH A . 
E 5 HOH 89  245 245 HOH HOH A . 
E 5 HOH 90  246 246 HOH HOH A . 
E 5 HOH 91  247 247 HOH HOH A . 
E 5 HOH 92  248 248 HOH HOH A . 
E 5 HOH 93  249 249 HOH HOH A . 
E 5 HOH 94  250 250 HOH HOH A . 
E 5 HOH 95  251 251 HOH HOH A . 
E 5 HOH 96  252 252 HOH HOH A . 
E 5 HOH 97  253 253 HOH HOH A . 
E 5 HOH 98  254 254 HOH HOH A . 
E 5 HOH 99  255 255 HOH HOH A . 
E 5 HOH 100 256 256 HOH HOH A . 
E 5 HOH 101 257 257 HOH HOH A . 
E 5 HOH 102 258 258 HOH HOH A . 
E 5 HOH 103 259 259 HOH HOH A . 
E 5 HOH 104 260 260 HOH HOH A . 
E 5 HOH 105 261 261 HOH HOH A . 
E 5 HOH 106 262 262 HOH HOH A . 
E 5 HOH 107 263 263 HOH HOH A . 
E 5 HOH 108 264 264 HOH HOH A . 
E 5 HOH 109 265 265 HOH HOH A . 
E 5 HOH 110 266 266 HOH HOH A . 
E 5 HOH 111 267 267 HOH HOH A . 
E 5 HOH 112 268 268 HOH HOH A . 
E 5 HOH 113 269 269 HOH HOH A . 
E 5 HOH 114 270 270 HOH HOH A . 
E 5 HOH 115 271 271 HOH HOH A . 
E 5 HOH 116 272 272 HOH HOH A . 
E 5 HOH 117 273 273 HOH HOH A . 
E 5 HOH 118 274 274 HOH HOH A . 
E 5 HOH 119 275 275 HOH HOH A . 
E 5 HOH 120 276 276 HOH HOH A . 
E 5 HOH 121 277 277 HOH HOH A . 
E 5 HOH 122 278 278 HOH HOH A . 
E 5 HOH 123 279 279 HOH HOH A . 
E 5 HOH 124 280 280 HOH HOH A . 
E 5 HOH 125 281 281 HOH HOH A . 
E 5 HOH 126 282 282 HOH HOH A . 
E 5 HOH 127 283 283 HOH HOH A . 
E 5 HOH 128 284 284 HOH HOH A . 
E 5 HOH 129 285 285 HOH HOH A . 
E 5 HOH 130 286 286 HOH HOH A . 
E 5 HOH 131 287 287 HOH HOH A . 
E 5 HOH 132 288 288 HOH HOH A . 
E 5 HOH 133 289 289 HOH HOH A . 
E 5 HOH 134 290 290 HOH HOH A . 
E 5 HOH 135 291 291 HOH HOH A . 
E 5 HOH 136 292 292 HOH HOH A . 
E 5 HOH 137 293 293 HOH HOH A . 
E 5 HOH 138 294 294 HOH HOH A . 
E 5 HOH 139 295 295 HOH HOH A . 
E 5 HOH 140 296 296 HOH HOH A . 
E 5 HOH 141 297 297 HOH HOH A . 
E 5 HOH 142 298 298 HOH HOH A . 
E 5 HOH 143 299 299 HOH HOH A . 
E 5 HOH 144 300 300 HOH HOH A . 
E 5 HOH 145 301 301 HOH HOH A . 
E 5 HOH 146 302 302 HOH HOH A . 
E 5 HOH 147 303 303 HOH HOH A . 
E 5 HOH 148 304 304 HOH HOH A . 
E 5 HOH 149 305 305 HOH HOH A . 
E 5 HOH 150 306 306 HOH HOH A . 
E 5 HOH 151 307 307 HOH HOH A . 
E 5 HOH 152 308 308 HOH HOH A . 
E 5 HOH 153 309 309 HOH HOH A . 
E 5 HOH 154 310 310 HOH HOH A . 
E 5 HOH 155 311 311 HOH HOH A . 
E 5 HOH 156 312 312 HOH HOH A . 
E 5 HOH 157 313 313 HOH HOH A . 
E 5 HOH 158 314 314 HOH HOH A . 
E 5 HOH 159 315 315 HOH HOH A . 
E 5 HOH 160 316 316 HOH HOH A . 
E 5 HOH 161 317 317 HOH HOH A . 
E 5 HOH 162 318 318 HOH HOH A . 
E 5 HOH 163 319 319 HOH HOH A . 
E 5 HOH 164 320 320 HOH HOH A . 
E 5 HOH 165 321 321 HOH HOH A . 
E 5 HOH 166 322 322 HOH HOH A . 
E 5 HOH 167 323 323 HOH HOH A . 
E 5 HOH 168 324 324 HOH HOH A . 
E 5 HOH 169 325 325 HOH HOH A . 
E 5 HOH 170 326 326 HOH HOH A . 
E 5 HOH 171 327 327 HOH HOH A . 
E 5 HOH 172 328 328 HOH HOH A . 
E 5 HOH 173 329 329 HOH HOH A . 
# 
_software.name             PROLSQ 
_software.classification   refinement 
_software.version          . 
_software.citation_id      ? 
_software.pdbx_ordinal     1 
# 
_cell.entry_id           1YMC 
_cell.length_a           64.500 
_cell.length_b           28.910 
_cell.length_c           35.660 
_cell.angle_alpha        90.00 
_cell.angle_beta         107.00 
_cell.angle_gamma        90.00 
_cell.Z_PDB              2 
_cell.pdbx_unique_axis   ? 
# 
_symmetry.entry_id                         1YMC 
_symmetry.space_group_name_H-M             'P 1 21 1' 
_symmetry.pdbx_full_space_group_name_H-M   ? 
_symmetry.cell_setting                     ? 
_symmetry.Int_Tables_number                4 
# 
_exptl.entry_id          1YMC 
_exptl.method            'X-RAY DIFFRACTION' 
_exptl.crystals_number   ? 
# 
_exptl_crystal.id                    1 
_exptl_crystal.density_meas          ? 
_exptl_crystal.density_Matthews      1.87 
_exptl_crystal.density_percent_sol   34.28 
_exptl_crystal.description           ? 
# 
_refine.entry_id                                 1YMC 
_refine.ls_number_reflns_obs                     5369 
_refine.ls_number_reflns_all                     ? 
_refine.pdbx_ls_sigma_I                          ? 
_refine.pdbx_ls_sigma_F                          2.0 
_refine.pdbx_data_cutoff_high_absF               ? 
_refine.pdbx_data_cutoff_low_absF                ? 
_refine.pdbx_data_cutoff_high_rms_absF           ? 
_refine.ls_d_res_low                             6.0 
_refine.ls_d_res_high                            2.0 
_refine.ls_percent_reflns_obs                    ? 
_refine.ls_R_factor_obs                          0.129 
_refine.ls_R_factor_all                          ? 
_refine.ls_R_factor_R_work                       ? 
_refine.ls_R_factor_R_free                       ? 
_refine.ls_R_factor_R_free_error                 ? 
_refine.ls_R_factor_R_free_error_details         ? 
_refine.ls_percent_reflns_R_free                 ? 
_refine.ls_number_reflns_R_free                  ? 
_refine.ls_number_parameters                     ? 
_refine.ls_number_restraints                     ? 
_refine.occupancy_min                            ? 
_refine.occupancy_max                            ? 
_refine.B_iso_mean                               ? 
_refine.aniso_B[1][1]                            ? 
_refine.aniso_B[2][2]                            ? 
_refine.aniso_B[3][3]                            ? 
_refine.aniso_B[1][2]                            ? 
_refine.aniso_B[1][3]                            ? 
_refine.aniso_B[2][3]                            ? 
_refine.solvent_model_details                    ? 
_refine.solvent_model_param_ksol                 ? 
_refine.solvent_model_param_bsol                 ? 
_refine.pdbx_ls_cross_valid_method               ? 
_refine.details                                  ? 
_refine.pdbx_starting_model                      ? 
_refine.pdbx_method_to_determine_struct          ? 
_refine.pdbx_isotropic_thermal_model             ? 
_refine.pdbx_stereochemistry_target_values       ? 
_refine.pdbx_stereochem_target_val_spec_case     ? 
_refine.pdbx_R_Free_selection_details            ? 
_refine.pdbx_overall_ESU_R                       ? 
_refine.pdbx_overall_ESU_R_Free                  ? 
_refine.overall_SU_ML                            ? 
_refine.overall_SU_B                             ? 
_refine.pdbx_refine_id                           'X-RAY DIFFRACTION' 
_refine.pdbx_diffrn_id                           1 
_refine.pdbx_TLS_residual_ADP_flag               ? 
_refine.correlation_coeff_Fo_to_Fc               ? 
_refine.correlation_coeff_Fo_to_Fc_free          ? 
_refine.pdbx_solvent_vdw_probe_radii             ? 
_refine.pdbx_solvent_ion_probe_radii             ? 
_refine.pdbx_solvent_shrinkage_radii             ? 
_refine.pdbx_overall_phase_error                 ? 
_refine.overall_SU_R_Cruickshank_DPI             ? 
_refine.pdbx_overall_SU_R_free_Cruickshank_DPI   ? 
_refine.pdbx_overall_SU_R_Blow_DPI               ? 
_refine.pdbx_overall_SU_R_free_Blow_DPI          ? 
# 
_refine_hist.pdbx_refine_id                   'X-RAY DIFFRACTION' 
_refine_hist.cycle_id                         LAST 
_refine_hist.pdbx_number_atoms_protein        1199 
_refine_hist.pdbx_number_atoms_nucleic_acid   0 
_refine_hist.pdbx_number_atoms_ligand         51 
_refine_hist.number_atoms_solvent             173 
_refine_hist.number_atoms_total               1423 
_refine_hist.d_res_high                       2.0 
_refine_hist.d_res_low                        6.0 
# 
loop_
_refine_ls_restr.type 
_refine_ls_restr.dev_ideal 
_refine_ls_restr.dev_ideal_target 
_refine_ls_restr.weight 
_refine_ls_restr.number 
_refine_ls_restr.pdbx_refine_id 
_refine_ls_restr.pdbx_restraint_function 
p_bond_d            0.036 ? ? ? 'X-RAY DIFFRACTION' ? 
p_angle_d           ?     ? ? ? 'X-RAY DIFFRACTION' ? 
p_angle_deg         ?     ? ? ? 'X-RAY DIFFRACTION' ? 
p_planar_d          ?     ? ? ? 'X-RAY DIFFRACTION' ? 
p_hb_or_metal_coord ?     ? ? ? 'X-RAY DIFFRACTION' ? 
p_mcbond_it         ?     ? ? ? 'X-RAY DIFFRACTION' ? 
p_mcangle_it        ?     ? ? ? 'X-RAY DIFFRACTION' ? 
p_scbond_it         ?     ? ? ? 'X-RAY DIFFRACTION' ? 
p_scangle_it        ?     ? ? ? 'X-RAY DIFFRACTION' ? 
p_plane_restr       ?     ? ? ? 'X-RAY DIFFRACTION' ? 
p_chiral_restr      ?     ? ? ? 'X-RAY DIFFRACTION' ? 
p_singtor_nbd       ?     ? ? ? 'X-RAY DIFFRACTION' ? 
p_multtor_nbd       ?     ? ? ? 'X-RAY DIFFRACTION' ? 
p_xhyhbond_nbd      ?     ? ? ? 'X-RAY DIFFRACTION' ? 
p_xyhbond_nbd       ?     ? ? ? 'X-RAY DIFFRACTION' ? 
p_planar_tor        ?     ? ? ? 'X-RAY DIFFRACTION' ? 
p_staggered_tor     ?     ? ? ? 'X-RAY DIFFRACTION' ? 
p_orthonormal_tor   ?     ? ? ? 'X-RAY DIFFRACTION' ? 
p_transverse_tor    ?     ? ? ? 'X-RAY DIFFRACTION' ? 
p_special_tor       ?     ? ? ? 'X-RAY DIFFRACTION' ? 
# 
_struct.entry_id                  1YMC 
_struct.title                     'THREE-DIMENSIONAL STRUCTURE OF CYANOMET-SULFMYOGLOBIN C' 
_struct.pdbx_model_details        ? 
_struct.pdbx_CASP_flag            ? 
_struct.pdbx_model_type_details   ? 
# 
_struct_keywords.entry_id        1YMC 
_struct_keywords.pdbx_keywords   'OXYGEN TRANSPORT' 
_struct_keywords.text            'OXYGEN TRANSPORT' 
# 
loop_
_struct_asym.id 
_struct_asym.pdbx_blank_PDB_chainid_flag 
_struct_asym.pdbx_modified 
_struct_asym.entity_id 
_struct_asym.details 
A N N 1 ? 
B N N 2 ? 
C N N 3 ? 
D N N 4 ? 
E N N 5 ? 
# 
_struct_ref.id                         1 
_struct_ref.db_name                    UNP 
_struct_ref.db_code                    MYG_HORSE 
_struct_ref.entity_id                  1 
_struct_ref.pdbx_db_accession          P68082 
_struct_ref.pdbx_align_begin           1 
_struct_ref.pdbx_seq_one_letter_code   
;GLSDGEWQQVLNVWGKVEADIAGHGQEVLIRLFTGHPETLEKFDKFKHLKTEAEMKASEDLKKHGTVVLTALGGILKKKG
HHEAELKPLAQSHATKHKIPIKYLEFISDAIIHVLHSKHPGDFGADAQGAMTKALELFRNDIAAKYKELGFQG
;
_struct_ref.pdbx_db_isoform            ? 
# 
_struct_ref_seq.align_id                      1 
_struct_ref_seq.ref_id                        1 
_struct_ref_seq.pdbx_PDB_id_code              1YMC 
_struct_ref_seq.pdbx_strand_id                A 
_struct_ref_seq.seq_align_beg                 1 
_struct_ref_seq.pdbx_seq_align_beg_ins_code   ? 
_struct_ref_seq.seq_align_end                 153 
_struct_ref_seq.pdbx_seq_align_end_ins_code   ? 
_struct_ref_seq.pdbx_db_accession             P68082 
_struct_ref_seq.db_align_beg                  1 
_struct_ref_seq.pdbx_db_align_beg_ins_code    ? 
_struct_ref_seq.db_align_end                  153 
_struct_ref_seq.pdbx_db_align_end_ins_code    ? 
_struct_ref_seq.pdbx_auth_seq_align_beg       1 
_struct_ref_seq.pdbx_auth_seq_align_end       153 
# 
_pdbx_struct_assembly.id                   1 
_pdbx_struct_assembly.details              author_defined_assembly 
_pdbx_struct_assembly.method_details       ? 
_pdbx_struct_assembly.oligomeric_details   monomeric 
_pdbx_struct_assembly.oligomeric_count     1 
# 
_pdbx_struct_assembly_gen.assembly_id       1 
_pdbx_struct_assembly_gen.oper_expression   1 
_pdbx_struct_assembly_gen.asym_id_list      A,B,C,D,E 
# 
_pdbx_struct_oper_list.id                   1 
_pdbx_struct_oper_list.type                 'identity operation' 
_pdbx_struct_oper_list.name                 1_555 
_pdbx_struct_oper_list.symmetry_operation   x,y,z 
_pdbx_struct_oper_list.matrix[1][1]         1.0000000000 
_pdbx_struct_oper_list.matrix[1][2]         0.0000000000 
_pdbx_struct_oper_list.matrix[1][3]         0.0000000000 
_pdbx_struct_oper_list.vector[1]            0.0000000000 
_pdbx_struct_oper_list.matrix[2][1]         0.0000000000 
_pdbx_struct_oper_list.matrix[2][2]         1.0000000000 
_pdbx_struct_oper_list.matrix[2][3]         0.0000000000 
_pdbx_struct_oper_list.vector[2]            0.0000000000 
_pdbx_struct_oper_list.matrix[3][1]         0.0000000000 
_pdbx_struct_oper_list.matrix[3][2]         0.0000000000 
_pdbx_struct_oper_list.matrix[3][3]         1.0000000000 
_pdbx_struct_oper_list.vector[3]            0.0000000000 
# 
_struct_biol.id   1 
# 
loop_
_struct_conf.conf_type_id 
_struct_conf.id 
_struct_conf.pdbx_PDB_helix_id 
_struct_conf.beg_label_comp_id 
_struct_conf.beg_label_asym_id 
_struct_conf.beg_label_seq_id 
_struct_conf.pdbx_beg_PDB_ins_code 
_struct_conf.end_label_comp_id 
_struct_conf.end_label_asym_id 
_struct_conf.end_label_seq_id 
_struct_conf.pdbx_end_PDB_ins_code 
_struct_conf.beg_auth_comp_id 
_struct_conf.beg_auth_asym_id 
_struct_conf.beg_auth_seq_id 
_struct_conf.end_auth_comp_id 
_struct_conf.end_auth_asym_id 
_struct_conf.end_auth_seq_id 
_struct_conf.pdbx_PDB_helix_class 
_struct_conf.details 
_struct_conf.pdbx_PDB_helix_length 
HELX_P HELX_P1 A SER A 3   ? GLU A 18  ? SER A 3   GLU A 18  1 ? 16 
HELX_P HELX_P2 B ASP A 20  ? HIS A 36  ? ASP A 20  HIS A 36  1 ? 17 
HELX_P HELX_P3 C HIS A 36  ? LYS A 42  ? HIS A 36  LYS A 42  5 ? 7  
HELX_P HELX_P4 D GLU A 52  ? ALA A 57  ? GLU A 52  ALA A 57  1 ? 6  
HELX_P HELX_P5 E GLU A 59  ? LYS A 79  ? GLU A 59  LYS A 79  1 ? 21 
HELX_P HELX_P6 F HIS A 82  ? HIS A 97  ? HIS A 82  HIS A 97  1 ? 16 
HELX_P HELX_P7 G PRO A 100 ? HIS A 119 ? PRO A 100 HIS A 119 1 ? 20 
HELX_P HELX_P8 H GLY A 124 ? PHE A 151 ? GLY A 124 PHE A 151 1 ? 28 
# 
_struct_conf_type.id          HELX_P 
_struct_conf_type.criteria    ? 
_struct_conf_type.reference   ? 
# 
loop_
_struct_conn.id 
_struct_conn.conn_type_id 
_struct_conn.pdbx_leaving_atom_flag 
_struct_conn.pdbx_PDB_id 
_struct_conn.ptnr1_label_asym_id 
_struct_conn.ptnr1_label_comp_id 
_struct_conn.ptnr1_label_seq_id 
_struct_conn.ptnr1_label_atom_id 
_struct_conn.pdbx_ptnr1_label_alt_id 
_struct_conn.pdbx_ptnr1_PDB_ins_code 
_struct_conn.pdbx_ptnr1_standard_comp_id 
_struct_conn.ptnr1_symmetry 
_struct_conn.ptnr2_label_asym_id 
_struct_conn.ptnr2_label_comp_id 
_struct_conn.ptnr2_label_seq_id 
_struct_conn.ptnr2_label_atom_id 
_struct_conn.pdbx_ptnr2_label_alt_id 
_struct_conn.pdbx_ptnr2_PDB_ins_code 
_struct_conn.ptnr1_auth_asym_id 
_struct_conn.ptnr1_auth_comp_id 
_struct_conn.ptnr1_auth_seq_id 
_struct_conn.ptnr2_auth_asym_id 
_struct_conn.ptnr2_auth_comp_id 
_struct_conn.ptnr2_auth_seq_id 
_struct_conn.ptnr2_symmetry 
_struct_conn.pdbx_ptnr3_label_atom_id 
_struct_conn.pdbx_ptnr3_label_seq_id 
_struct_conn.pdbx_ptnr3_label_comp_id 
_struct_conn.pdbx_ptnr3_label_asym_id 
_struct_conn.pdbx_ptnr3_label_alt_id 
_struct_conn.pdbx_ptnr3_PDB_ins_code 
_struct_conn.details 
_struct_conn.pdbx_dist_value 
_struct_conn.pdbx_value_order 
_struct_conn.pdbx_role 
metalc1 metalc ? ? A HIS 93 NE2 ? ? ? 1_555 D CLN . FE ? ? A HIS 93  A CLN 154 1_555 ? ? ? ? ? ? ? 2.142 ? ? 
metalc2 metalc ? ? D CLN .  FE  ? ? ? 1_555 C CYN . C  ? ? A CLN 154 A CYN 156 1_555 ? ? ? ? ? ? ? 2.125 ? ? 
metalc3 metalc ? ? D CLN .  FE  ? ? ? 1_555 C CYN . N  ? ? A CLN 154 A CYN 156 1_555 ? ? ? ? ? ? ? 2.986 ? ? 
# 
_struct_conn_type.id          metalc 
_struct_conn_type.criteria    ? 
_struct_conn_type.reference   ? 
# 
loop_
_pdbx_struct_conn_angle.id 
_pdbx_struct_conn_angle.ptnr1_label_atom_id 
_pdbx_struct_conn_angle.ptnr1_label_alt_id 
_pdbx_struct_conn_angle.ptnr1_label_asym_id 
_pdbx_struct_conn_angle.ptnr1_label_comp_id 
_pdbx_struct_conn_angle.ptnr1_label_seq_id 
_pdbx_struct_conn_angle.ptnr1_auth_atom_id 
_pdbx_struct_conn_angle.ptnr1_auth_asym_id 
_pdbx_struct_conn_angle.ptnr1_auth_comp_id 
_pdbx_struct_conn_angle.ptnr1_auth_seq_id 
_pdbx_struct_conn_angle.ptnr1_PDB_ins_code 
_pdbx_struct_conn_angle.ptnr1_symmetry 
_pdbx_struct_conn_angle.ptnr2_label_atom_id 
_pdbx_struct_conn_angle.ptnr2_label_alt_id 
_pdbx_struct_conn_angle.ptnr2_label_asym_id 
_pdbx_struct_conn_angle.ptnr2_label_comp_id 
_pdbx_struct_conn_angle.ptnr2_label_seq_id 
_pdbx_struct_conn_angle.ptnr2_auth_atom_id 
_pdbx_struct_conn_angle.ptnr2_auth_asym_id 
_pdbx_struct_conn_angle.ptnr2_auth_comp_id 
_pdbx_struct_conn_angle.ptnr2_auth_seq_id 
_pdbx_struct_conn_angle.ptnr2_PDB_ins_code 
_pdbx_struct_conn_angle.ptnr2_symmetry 
_pdbx_struct_conn_angle.ptnr3_label_atom_id 
_pdbx_struct_conn_angle.ptnr3_label_alt_id 
_pdbx_struct_conn_angle.ptnr3_label_asym_id 
_pdbx_struct_conn_angle.ptnr3_label_comp_id 
_pdbx_struct_conn_angle.ptnr3_label_seq_id 
_pdbx_struct_conn_angle.ptnr3_auth_atom_id 
_pdbx_struct_conn_angle.ptnr3_auth_asym_id 
_pdbx_struct_conn_angle.ptnr3_auth_comp_id 
_pdbx_struct_conn_angle.ptnr3_auth_seq_id 
_pdbx_struct_conn_angle.ptnr3_PDB_ins_code 
_pdbx_struct_conn_angle.ptnr3_symmetry 
_pdbx_struct_conn_angle.value 
_pdbx_struct_conn_angle.value_esd 
1  NE2 ? A HIS 93 ? A HIS 93  ? 1_555 FE ? D CLN . ? A CLN 154 ? 1_555 NA ? D CLN . ? A CLN 154 ? 1_555 91.7  ? 
2  NE2 ? A HIS 93 ? A HIS 93  ? 1_555 FE ? D CLN . ? A CLN 154 ? 1_555 NB ? D CLN . ? A CLN 154 ? 1_555 93.9  ? 
3  NA  ? D CLN .  ? A CLN 154 ? 1_555 FE ? D CLN . ? A CLN 154 ? 1_555 NB ? D CLN . ? A CLN 154 ? 1_555 87.9  ? 
4  NE2 ? A HIS 93 ? A HIS 93  ? 1_555 FE ? D CLN . ? A CLN 154 ? 1_555 NC ? D CLN . ? A CLN 154 ? 1_555 94.8  ? 
5  NA  ? D CLN .  ? A CLN 154 ? 1_555 FE ? D CLN . ? A CLN 154 ? 1_555 NC ? D CLN . ? A CLN 154 ? 1_555 173.4 ? 
6  NB  ? D CLN .  ? A CLN 154 ? 1_555 FE ? D CLN . ? A CLN 154 ? 1_555 NC ? D CLN . ? A CLN 154 ? 1_555 90.7  ? 
7  NE2 ? A HIS 93 ? A HIS 93  ? 1_555 FE ? D CLN . ? A CLN 154 ? 1_555 ND ? D CLN . ? A CLN 154 ? 1_555 89.0  ? 
8  NA  ? D CLN .  ? A CLN 154 ? 1_555 FE ? D CLN . ? A CLN 154 ? 1_555 ND ? D CLN . ? A CLN 154 ? 1_555 88.8  ? 
9  NB  ? D CLN .  ? A CLN 154 ? 1_555 FE ? D CLN . ? A CLN 154 ? 1_555 ND ? D CLN . ? A CLN 154 ? 1_555 175.6 ? 
10 NC  ? D CLN .  ? A CLN 154 ? 1_555 FE ? D CLN . ? A CLN 154 ? 1_555 ND ? D CLN . ? A CLN 154 ? 1_555 92.3  ? 
11 NE2 ? A HIS 93 ? A HIS 93  ? 1_555 FE ? D CLN . ? A CLN 154 ? 1_555 C  ? C CYN . ? A CYN 156 ? 1_555 178.6 ? 
12 NA  ? D CLN .  ? A CLN 154 ? 1_555 FE ? D CLN . ? A CLN 154 ? 1_555 C  ? C CYN . ? A CYN 156 ? 1_555 87.1  ? 
13 NB  ? D CLN .  ? A CLN 154 ? 1_555 FE ? D CLN . ? A CLN 154 ? 1_555 C  ? C CYN . ? A CYN 156 ? 1_555 85.2  ? 
14 NC  ? D CLN .  ? A CLN 154 ? 1_555 FE ? D CLN . ? A CLN 154 ? 1_555 C  ? C CYN . ? A CYN 156 ? 1_555 86.4  ? 
15 ND  ? D CLN .  ? A CLN 154 ? 1_555 FE ? D CLN . ? A CLN 154 ? 1_555 C  ? C CYN . ? A CYN 156 ? 1_555 91.8  ? 
16 NE2 ? A HIS 93 ? A HIS 93  ? 1_555 FE ? D CLN . ? A CLN 154 ? 1_555 N  ? C CYN . ? A CYN 156 ? 1_555 167.0 ? 
17 NA  ? D CLN .  ? A CLN 154 ? 1_555 FE ? D CLN . ? A CLN 154 ? 1_555 N  ? C CYN . ? A CYN 156 ? 1_555 100.9 ? 
18 NB  ? D CLN .  ? A CLN 154 ? 1_555 FE ? D CLN . ? A CLN 154 ? 1_555 N  ? C CYN . ? A CYN 156 ? 1_555 83.3  ? 
19 NC  ? D CLN .  ? A CLN 154 ? 1_555 FE ? D CLN . ? A CLN 154 ? 1_555 N  ? C CYN . ? A CYN 156 ? 1_555 72.6  ? 
20 ND  ? D CLN .  ? A CLN 154 ? 1_555 FE ? D CLN . ? A CLN 154 ? 1_555 N  ? C CYN . ? A CYN 156 ? 1_555 94.6  ? 
21 C   ? C CYN .  ? A CYN 156 ? 1_555 FE ? D CLN . ? A CLN 154 ? 1_555 N  ? C CYN . ? A CYN 156 ? 1_555 14.0  ? 
# 
loop_
_struct_site.id 
_struct_site.pdbx_evidence_code 
_struct_site.pdbx_auth_asym_id 
_struct_site.pdbx_auth_comp_id 
_struct_site.pdbx_auth_seq_id 
_struct_site.pdbx_auth_ins_code 
_struct_site.pdbx_num_residues 
_struct_site.details 
AC1 Software A SO4 155 ? 6  'BINDING SITE FOR RESIDUE SO4 A 155' 
AC2 Software A CYN 156 ? 3  'BINDING SITE FOR RESIDUE CYN A 156' 
AC3 Software A CLN 154 ? 23 'BINDING SITE FOR RESIDUE CLN A 154' 
# 
loop_
_struct_site_gen.id 
_struct_site_gen.site_id 
_struct_site_gen.pdbx_num_res 
_struct_site_gen.label_comp_id 
_struct_site_gen.label_asym_id 
_struct_site_gen.label_seq_id 
_struct_site_gen.pdbx_auth_ins_code 
_struct_site_gen.auth_comp_id 
_struct_site_gen.auth_asym_id 
_struct_site_gen.auth_seq_id 
_struct_site_gen.label_atom_id 
_struct_site_gen.label_alt_id 
_struct_site_gen.symmetry 
_struct_site_gen.details 
1  AC1 6  SER A 58  ? SER A 58  . ? 1_555 ? 
2  AC1 6  GLU A 59  ? GLU A 59  . ? 1_555 ? 
3  AC1 6  ASP A 60  ? ASP A 60  . ? 1_555 ? 
4  AC1 6  HOH E .   ? HOH A 159 . ? 1_555 ? 
5  AC1 6  HOH E .   ? HOH A 254 . ? 1_555 ? 
6  AC1 6  HOH E .   ? HOH A 268 . ? 1_555 ? 
7  AC2 3  HIS A 64  ? HIS A 64  . ? 1_555 ? 
8  AC2 3  VAL A 68  ? VAL A 68  . ? 1_555 ? 
9  AC2 3  CLN D .   ? CLN A 154 . ? 1_555 ? 
10 AC3 23 LYS A 42  ? LYS A 42  . ? 1_555 ? 
11 AC3 23 PHE A 43  ? PHE A 43  . ? 1_555 ? 
12 AC3 23 LYS A 45  ? LYS A 45  . ? 1_555 ? 
13 AC3 23 VAL A 68  ? VAL A 68  . ? 1_555 ? 
14 AC3 23 LEU A 72  ? LEU A 72  . ? 1_555 ? 
15 AC3 23 LEU A 89  ? LEU A 89  . ? 1_555 ? 
16 AC3 23 SER A 92  ? SER A 92  . ? 1_555 ? 
17 AC3 23 HIS A 93  ? HIS A 93  . ? 1_555 ? 
18 AC3 23 HIS A 97  ? HIS A 97  . ? 1_555 ? 
19 AC3 23 ILE A 99  ? ILE A 99  . ? 1_555 ? 
20 AC3 23 LEU A 104 ? LEU A 104 . ? 1_555 ? 
21 AC3 23 ILE A 107 ? ILE A 107 . ? 1_555 ? 
22 AC3 23 HIS A 113 ? HIS A 113 . ? 1_565 ? 
23 AC3 23 HIS A 116 ? HIS A 116 . ? 1_565 ? 
24 AC3 23 GLN A 128 ? GLN A 128 . ? 1_565 ? 
25 AC3 23 CYN C .   ? CYN A 156 . ? 1_555 ? 
26 AC3 23 HOH E .   ? HOH A 169 . ? 1_555 ? 
27 AC3 23 HOH E .   ? HOH A 170 . ? 1_555 ? 
28 AC3 23 HOH E .   ? HOH A 202 . ? 1_555 ? 
29 AC3 23 HOH E .   ? HOH A 223 . ? 1_555 ? 
30 AC3 23 HOH E .   ? HOH A 230 . ? 1_555 ? 
31 AC3 23 HOH E .   ? HOH A 242 . ? 1_555 ? 
32 AC3 23 HOH E .   ? HOH A 289 . ? 1_565 ? 
# 
loop_
_pdbx_validate_symm_contact.id 
_pdbx_validate_symm_contact.PDB_model_num 
_pdbx_validate_symm_contact.auth_atom_id_1 
_pdbx_validate_symm_contact.auth_asym_id_1 
_pdbx_validate_symm_contact.auth_comp_id_1 
_pdbx_validate_symm_contact.auth_seq_id_1 
_pdbx_validate_symm_contact.PDB_ins_code_1 
_pdbx_validate_symm_contact.label_alt_id_1 
_pdbx_validate_symm_contact.site_symmetry_1 
_pdbx_validate_symm_contact.auth_atom_id_2 
_pdbx_validate_symm_contact.auth_asym_id_2 
_pdbx_validate_symm_contact.auth_comp_id_2 
_pdbx_validate_symm_contact.auth_seq_id_2 
_pdbx_validate_symm_contact.PDB_ins_code_2 
_pdbx_validate_symm_contact.label_alt_id_2 
_pdbx_validate_symm_contact.site_symmetry_2 
_pdbx_validate_symm_contact.dist 
1 1 CA  A GLY 129 ? ? 1_555 O   A HOH 318 ? ? 1_545 1.42 
2 1 O   A HOH 165 ? ? 1_555 O   A HOH 289 ? ? 1_565 1.54 
3 1 NE2 A GLN 91  ? ? 1_555 C   A GLY 153 ? ? 2_555 2.00 
4 1 NE2 A GLN 91  ? ? 1_555 O   A GLY 153 ? ? 2_555 2.05 
5 1 N   A GLY 129 ? ? 1_555 O   A HOH 318 ? ? 1_545 2.09 
6 1 O   A HOH 192 ? ? 1_555 O   A HOH 272 ? ? 1_546 2.12 
7 1 O   A HOH 255 ? ? 1_555 O   A HOH 326 ? ? 2_555 2.14 
8 1 OE1 A GLU 136 ? ? 1_555 OXT A GLY 153 ? ? 2_545 2.19 
# 
loop_
_pdbx_validate_rmsd_bond.id 
_pdbx_validate_rmsd_bond.PDB_model_num 
_pdbx_validate_rmsd_bond.auth_atom_id_1 
_pdbx_validate_rmsd_bond.auth_asym_id_1 
_pdbx_validate_rmsd_bond.auth_comp_id_1 
_pdbx_validate_rmsd_bond.auth_seq_id_1 
_pdbx_validate_rmsd_bond.PDB_ins_code_1 
_pdbx_validate_rmsd_bond.label_alt_id_1 
_pdbx_validate_rmsd_bond.auth_atom_id_2 
_pdbx_validate_rmsd_bond.auth_asym_id_2 
_pdbx_validate_rmsd_bond.auth_comp_id_2 
_pdbx_validate_rmsd_bond.auth_seq_id_2 
_pdbx_validate_rmsd_bond.PDB_ins_code_2 
_pdbx_validate_rmsd_bond.label_alt_id_2 
_pdbx_validate_rmsd_bond.bond_value 
_pdbx_validate_rmsd_bond.bond_target_value 
_pdbx_validate_rmsd_bond.bond_deviation 
_pdbx_validate_rmsd_bond.bond_standard_deviation 
_pdbx_validate_rmsd_bond.linker_flag 
1 1 CD A GLU 18  ? ? OE2 A GLU 18  ? ? 1.169 1.252 -0.083 0.011 N 
2 1 N  A GLY 23  ? ? CA  A GLY 23  ? ? 1.552 1.456 0.096  0.015 N 
3 1 C  A GLY 121 ? ? O   A GLY 121 ? ? 1.340 1.232 0.108  0.016 N 
4 1 N  A GLY 124 ? ? CA  A GLY 124 ? ? 1.355 1.456 -0.101 0.015 N 
5 1 C  A LYS 133 ? ? O   A LYS 133 ? ? 1.345 1.229 0.116  0.019 N 
6 1 C  A ALA 144 ? ? O   A ALA 144 ? ? 1.384 1.229 0.155  0.019 N 
# 
loop_
_pdbx_validate_rmsd_angle.id 
_pdbx_validate_rmsd_angle.PDB_model_num 
_pdbx_validate_rmsd_angle.auth_atom_id_1 
_pdbx_validate_rmsd_angle.auth_asym_id_1 
_pdbx_validate_rmsd_angle.auth_comp_id_1 
_pdbx_validate_rmsd_angle.auth_seq_id_1 
_pdbx_validate_rmsd_angle.PDB_ins_code_1 
_pdbx_validate_rmsd_angle.label_alt_id_1 
_pdbx_validate_rmsd_angle.auth_atom_id_2 
_pdbx_validate_rmsd_angle.auth_asym_id_2 
_pdbx_validate_rmsd_angle.auth_comp_id_2 
_pdbx_validate_rmsd_angle.auth_seq_id_2 
_pdbx_validate_rmsd_angle.PDB_ins_code_2 
_pdbx_validate_rmsd_angle.label_alt_id_2 
_pdbx_validate_rmsd_angle.auth_atom_id_3 
_pdbx_validate_rmsd_angle.auth_asym_id_3 
_pdbx_validate_rmsd_angle.auth_comp_id_3 
_pdbx_validate_rmsd_angle.auth_seq_id_3 
_pdbx_validate_rmsd_angle.PDB_ins_code_3 
_pdbx_validate_rmsd_angle.label_alt_id_3 
_pdbx_validate_rmsd_angle.angle_value 
_pdbx_validate_rmsd_angle.angle_target_value 
_pdbx_validate_rmsd_angle.angle_deviation 
_pdbx_validate_rmsd_angle.angle_standard_deviation 
_pdbx_validate_rmsd_angle.linker_flag 
1  1 CA  A LEU 2   ? ? CB  A LEU 2   ? ? CG  A LEU 2   ? ? 140.59 115.30 25.29  2.30 N 
2  1 N   A ASP 4   ? ? CA  A ASP 4   ? ? CB  A ASP 4   ? ? 122.01 110.60 11.41  1.80 N 
3  1 CA  A TRP 7   ? ? C   A TRP 7   ? ? O   A TRP 7   ? ? 133.34 120.10 13.24  2.10 N 
4  1 CA  A GLN 8   ? ? CB  A GLN 8   ? ? CG  A GLN 8   ? ? 135.04 113.40 21.64  2.20 N 
5  1 O   A GLN 9   ? ? C   A GLN 9   ? ? N   A VAL 10  ? ? 110.56 122.70 -12.14 1.60 Y 
6  1 OE1 A GLU 27  ? ? CD  A GLU 27  ? ? OE2 A GLU 27  ? ? 114.00 123.30 -9.30  1.20 N 
7  1 CG  A GLU 27  ? ? CD  A GLU 27  ? ? OE2 A GLU 27  ? ? 132.66 118.30 14.36  2.00 N 
8  1 CG  A ARG 31  ? ? CD  A ARG 31  ? ? NE  A ARG 31  ? ? 130.09 111.80 18.29  2.10 N 
9  1 CD  A ARG 31  ? ? NE  A ARG 31  ? ? CZ  A ARG 31  ? ? 140.41 123.60 16.81  1.40 N 
10 1 NE  A ARG 31  ? ? CZ  A ARG 31  ? ? NH1 A ARG 31  ? ? 123.50 120.30 3.20   0.50 N 
11 1 CB  A PHE 33  ? ? CG  A PHE 33  ? ? CD2 A PHE 33  ? ? 114.99 120.80 -5.81  0.70 N 
12 1 CB  A PHE 33  ? ? CG  A PHE 33  ? ? CD1 A PHE 33  ? ? 125.75 120.80 4.95   0.70 N 
13 1 C   A THR 34  ? ? N   A GLY 35  ? ? CA  A GLY 35  ? ? 135.20 122.30 12.90  2.10 Y 
14 1 O   A GLU 38  ? ? C   A GLU 38  ? ? N   A THR 39  ? ? 133.19 122.70 10.49  1.60 Y 
15 1 CG  A MET 55  ? ? SD  A MET 55  ? ? CE  A MET 55  ? ? 117.17 100.20 16.97  1.60 N 
16 1 CB  A ALA 57  ? ? CA  A ALA 57  ? ? C   A ALA 57  ? ? 120.18 110.10 10.08  1.50 N 
17 1 CA  A ASP 60  ? ? CB  A ASP 60  ? ? CG  A ASP 60  ? ? 139.42 113.40 26.02  2.20 N 
18 1 CB  A LYS 62  ? ? CA  A LYS 62  ? ? C   A LYS 62  ? ? 122.52 110.40 12.12  2.00 N 
19 1 CA  A LYS 62  ? ? CB  A LYS 62  ? ? CG  A LYS 62  ? ? 153.00 113.40 39.60  2.20 N 
20 1 CA  A HIS 64  ? ? CB  A HIS 64  ? ? CG  A HIS 64  ? ? 124.20 113.60 10.60  1.70 N 
21 1 CA  A THR 66  ? ? CB  A THR 66  ? ? CG2 A THR 66  ? ? 126.59 112.40 14.19  1.40 N 
22 1 CB  A VAL 67  ? ? CA  A VAL 67  ? ? C   A VAL 67  ? ? 124.79 111.40 13.39  1.90 N 
23 1 CA  A LEU 76  ? ? CB  A LEU 76  ? ? CG  A LEU 76  ? ? 136.10 115.30 20.80  2.30 N 
24 1 OE1 A GLU 83  ? ? CD  A GLU 83  ? ? OE2 A GLU 83  ? ? 114.27 123.30 -9.03  1.20 N 
25 1 CG  A GLU 85  ? ? CD  A GLU 85  ? ? OE1 A GLU 85  ? ? 139.74 118.30 21.44  2.00 N 
26 1 CG  A GLU 85  ? ? CD  A GLU 85  ? ? OE2 A GLU 85  ? ? 102.73 118.30 -15.57 2.00 N 
27 1 C   A LYS 87  ? ? N   A PRO 88  ? ? CA  A PRO 88  ? ? 128.64 119.30 9.34   1.50 Y 
28 1 CB  A GLN 91  ? ? CA  A GLN 91  ? ? C   A GLN 91  ? ? 122.47 110.40 12.07  2.00 N 
29 1 CA  A LYS 102 ? ? CB  A LYS 102 ? ? CG  A LYS 102 ? ? 126.65 113.40 13.25  2.20 N 
30 1 CA  A TYR 103 ? ? CB  A TYR 103 ? ? CG  A TYR 103 ? ? 131.14 113.40 17.74  1.90 N 
31 1 CB  A TYR 103 ? ? CG  A TYR 103 ? ? CD2 A TYR 103 ? ? 115.08 121.00 -5.92  0.60 N 
32 1 CA  A LEU 104 ? ? CB  A LEU 104 ? ? CG  A LEU 104 ? ? 132.40 115.30 17.10  2.30 N 
33 1 CB  A PHE 106 ? ? CG  A PHE 106 ? ? CD1 A PHE 106 ? ? 128.58 120.80 7.78   0.70 N 
34 1 CG  A PHE 106 ? ? CD1 A PHE 106 ? ? CE1 A PHE 106 ? ? 127.88 120.80 7.08   1.10 N 
35 1 CA  A HIS 113 ? ? C   A HIS 113 ? ? O   A HIS 113 ? ? 133.02 120.10 12.92  2.10 N 
36 1 CB  A PHE 123 ? ? CA  A PHE 123 ? ? C   A PHE 123 ? ? 123.62 110.40 13.22  2.00 N 
37 1 CA  A ASP 126 ? ? CB  A ASP 126 ? ? CG  A ASP 126 ? ? 127.88 113.40 14.48  2.20 N 
38 1 CB  A ASP 126 ? ? CG  A ASP 126 ? ? OD1 A ASP 126 ? ? 128.48 118.30 10.18  0.90 N 
39 1 N   A ALA 127 ? ? CA  A ALA 127 ? ? CB  A ALA 127 ? ? 120.48 110.10 10.38  1.40 N 
40 1 CB  A LEU 135 ? ? CA  A LEU 135 ? ? C   A LEU 135 ? ? 123.14 110.20 12.94  1.90 N 
41 1 CA  A LEU 135 ? ? CB  A LEU 135 ? ? CG  A LEU 135 ? ? 134.29 115.30 18.99  2.30 N 
42 1 CD  A ARG 139 ? ? NE  A ARG 139 ? ? CZ  A ARG 139 ? ? 147.38 123.60 23.78  1.40 N 
43 1 NH1 A ARG 139 ? ? CZ  A ARG 139 ? ? NH2 A ARG 139 ? ? 105.96 119.40 -13.44 1.10 N 
44 1 NE  A ARG 139 ? ? CZ  A ARG 139 ? ? NH1 A ARG 139 ? ? 128.03 120.30 7.73   0.50 N 
45 1 NE  A ARG 139 ? ? CZ  A ARG 139 ? ? NH2 A ARG 139 ? ? 126.01 120.30 5.71   0.50 N 
46 1 CB  A ASP 141 ? ? CG  A ASP 141 ? ? OD1 A ASP 141 ? ? 125.89 118.30 7.59   0.90 N 
47 1 CB  A ALA 144 ? ? CA  A ALA 144 ? ? C   A ALA 144 ? ? 121.91 110.10 11.81  1.50 N 
48 1 CG  A TYR 146 ? ? CD2 A TYR 146 ? ? CE2 A TYR 146 ? ? 126.75 121.30 5.45   0.80 N 
49 1 CZ  A TYR 146 ? ? CE2 A TYR 146 ? ? CD2 A TYR 146 ? ? 113.54 119.80 -6.26  0.90 N 
50 1 N   A GLU 148 ? ? CA  A GLU 148 ? ? CB  A GLU 148 ? ? 121.43 110.60 10.83  1.80 N 
51 1 CA  A GLU 148 ? ? C   A GLU 148 ? ? O   A GLU 148 ? ? 106.96 120.10 -13.14 2.10 N 
52 1 O   A GLU 148 ? ? C   A GLU 148 ? ? N   A LEU 149 ? ? 135.38 122.70 12.68  1.60 Y 
53 1 CB  A GLN 152 ? ? CG  A GLN 152 ? ? CD  A GLN 152 ? ? 130.80 111.60 19.20  2.60 N 
# 
loop_
_pdbx_validate_torsion.id 
_pdbx_validate_torsion.PDB_model_num 
_pdbx_validate_torsion.auth_comp_id 
_pdbx_validate_torsion.auth_asym_id 
_pdbx_validate_torsion.auth_seq_id 
_pdbx_validate_torsion.PDB_ins_code 
_pdbx_validate_torsion.label_alt_id 
_pdbx_validate_torsion.phi 
_pdbx_validate_torsion.psi 
1 1 HIS A 81  ? ? -95.41 54.35  
2 1 PRO A 120 ? ? -67.08 79.80  
3 1 GLN A 152 ? ? 45.08  121.63 
# 
_pdbx_validate_chiral.id              1 
_pdbx_validate_chiral.PDB_model_num   1 
_pdbx_validate_chiral.auth_atom_id    C3C 
_pdbx_validate_chiral.label_alt_id    ? 
_pdbx_validate_chiral.auth_asym_id    A 
_pdbx_validate_chiral.auth_comp_id    CLN 
_pdbx_validate_chiral.auth_seq_id     154 
_pdbx_validate_chiral.PDB_ins_code    ? 
_pdbx_validate_chiral.details         PLANAR 
_pdbx_validate_chiral.omega           . 
# 
loop_
_chem_comp_atom.comp_id 
_chem_comp_atom.atom_id 
_chem_comp_atom.type_symbol 
_chem_comp_atom.pdbx_aromatic_flag 
_chem_comp_atom.pdbx_stereo_config 
_chem_comp_atom.pdbx_ordinal 
ALA N    N  N N 1   
ALA CA   C  N S 2   
ALA C    C  N N 3   
ALA O    O  N N 4   
ALA CB   C  N N 5   
ALA OXT  O  N N 6   
ALA H    H  N N 7   
ALA H2   H  N N 8   
ALA HA   H  N N 9   
ALA HB1  H  N N 10  
ALA HB2  H  N N 11  
ALA HB3  H  N N 12  
ALA HXT  H  N N 13  
ARG N    N  N N 14  
ARG CA   C  N S 15  
ARG C    C  N N 16  
ARG O    O  N N 17  
ARG CB   C  N N 18  
ARG CG   C  N N 19  
ARG CD   C  N N 20  
ARG NE   N  N N 21  
ARG CZ   C  N N 22  
ARG NH1  N  N N 23  
ARG NH2  N  N N 24  
ARG OXT  O  N N 25  
ARG H    H  N N 26  
ARG H2   H  N N 27  
ARG HA   H  N N 28  
ARG HB2  H  N N 29  
ARG HB3  H  N N 30  
ARG HG2  H  N N 31  
ARG HG3  H  N N 32  
ARG HD2  H  N N 33  
ARG HD3  H  N N 34  
ARG HE   H  N N 35  
ARG HH11 H  N N 36  
ARG HH12 H  N N 37  
ARG HH21 H  N N 38  
ARG HH22 H  N N 39  
ARG HXT  H  N N 40  
ASN N    N  N N 41  
ASN CA   C  N S 42  
ASN C    C  N N 43  
ASN O    O  N N 44  
ASN CB   C  N N 45  
ASN CG   C  N N 46  
ASN OD1  O  N N 47  
ASN ND2  N  N N 48  
ASN OXT  O  N N 49  
ASN H    H  N N 50  
ASN H2   H  N N 51  
ASN HA   H  N N 52  
ASN HB2  H  N N 53  
ASN HB3  H  N N 54  
ASN HD21 H  N N 55  
ASN HD22 H  N N 56  
ASN HXT  H  N N 57  
ASP N    N  N N 58  
ASP CA   C  N S 59  
ASP C    C  N N 60  
ASP O    O  N N 61  
ASP CB   C  N N 62  
ASP CG   C  N N 63  
ASP OD1  O  N N 64  
ASP OD2  O  N N 65  
ASP OXT  O  N N 66  
ASP H    H  N N 67  
ASP H2   H  N N 68  
ASP HA   H  N N 69  
ASP HB2  H  N N 70  
ASP HB3  H  N N 71  
ASP HD2  H  N N 72  
ASP HXT  H  N N 73  
CLN FE   FE N N 74  
CLN CHA  C  N N 75  
CLN CHB  C  N N 76  
CLN CHC  C  N N 77  
CLN CHD  C  N N 78  
CLN NA   N  N N 79  
CLN C1A  C  N N 80  
CLN C2A  C  N N 81  
CLN C3A  C  N N 82  
CLN C4A  C  N N 83  
CLN CMA  C  N N 84  
CLN CAA  C  N N 85  
CLN CBA  C  N N 86  
CLN CGA  C  N N 87  
CLN O1A  O  N N 88  
CLN O2A  O  N N 89  
CLN NB   N  N S 90  
CLN C1B  C  N N 91  
CLN C2B  C  N N 92  
CLN C3B  C  N N 93  
CLN C4B  C  N N 94  
CLN CMB  C  N N 95  
CLN CAB  C  N N 96  
CLN CBB  C  N N 97  
CLN NC   N  N N 98  
CLN C1C  C  N N 99  
CLN C2C  C  N R 100 
CLN C3C  C  N R 101 
CLN C4C  C  N N 102 
CLN CMC  C  N N 103 
CLN CAC  C  N N 104 
CLN CBC  C  N N 105 
CLN S    S  N N 106 
CLN ND   N  Y N 107 
CLN C1D  C  Y N 108 
CLN C2D  C  Y N 109 
CLN C3D  C  Y N 110 
CLN C4D  C  Y N 111 
CLN CMD  C  N N 112 
CLN CAD  C  N N 113 
CLN CBD  C  N N 114 
CLN CGD  C  N N 115 
CLN O1D  O  N N 116 
CLN O2D  O  N N 117 
CLN HHA  H  N N 118 
CLN HHB  H  N N 119 
CLN HHC  H  N N 120 
CLN HHD  H  N N 121 
CLN HMA1 H  N N 122 
CLN HMA2 H  N N 123 
CLN HMA3 H  N N 124 
CLN HAA1 H  N N 125 
CLN HAA2 H  N N 126 
CLN HBA1 H  N N 127 
CLN HBA2 H  N N 128 
CLN H2A  H  N N 129 
CLN HMB1 H  N N 130 
CLN HMB2 H  N N 131 
CLN HMB3 H  N N 132 
CLN HAB  H  N N 133 
CLN HBB1 H  N N 134 
CLN HBB2 H  N N 135 
CLN H3C  H  N N 136 
CLN HMC1 H  N N 137 
CLN HMC2 H  N N 138 
CLN HMC3 H  N N 139 
CLN HAC  H  N N 140 
CLN HBC  H  N N 141 
CLN HMD1 H  N N 142 
CLN HMD2 H  N N 143 
CLN HMD3 H  N N 144 
CLN HAD1 H  N N 145 
CLN HAD2 H  N N 146 
CLN HBD1 H  N N 147 
CLN HBD2 H  N N 148 
CLN H2D  H  N N 149 
CYN C    C  N N 150 
CYN N    N  N N 151 
GLN N    N  N N 152 
GLN CA   C  N S 153 
GLN C    C  N N 154 
GLN O    O  N N 155 
GLN CB   C  N N 156 
GLN CG   C  N N 157 
GLN CD   C  N N 158 
GLN OE1  O  N N 159 
GLN NE2  N  N N 160 
GLN OXT  O  N N 161 
GLN H    H  N N 162 
GLN H2   H  N N 163 
GLN HA   H  N N 164 
GLN HB2  H  N N 165 
GLN HB3  H  N N 166 
GLN HG2  H  N N 167 
GLN HG3  H  N N 168 
GLN HE21 H  N N 169 
GLN HE22 H  N N 170 
GLN HXT  H  N N 171 
GLU N    N  N N 172 
GLU CA   C  N S 173 
GLU C    C  N N 174 
GLU O    O  N N 175 
GLU CB   C  N N 176 
GLU CG   C  N N 177 
GLU CD   C  N N 178 
GLU OE1  O  N N 179 
GLU OE2  O  N N 180 
GLU OXT  O  N N 181 
GLU H    H  N N 182 
GLU H2   H  N N 183 
GLU HA   H  N N 184 
GLU HB2  H  N N 185 
GLU HB3  H  N N 186 
GLU HG2  H  N N 187 
GLU HG3  H  N N 188 
GLU HE2  H  N N 189 
GLU HXT  H  N N 190 
GLY N    N  N N 191 
GLY CA   C  N N 192 
GLY C    C  N N 193 
GLY O    O  N N 194 
GLY OXT  O  N N 195 
GLY H    H  N N 196 
GLY H2   H  N N 197 
GLY HA2  H  N N 198 
GLY HA3  H  N N 199 
GLY HXT  H  N N 200 
HIS N    N  N N 201 
HIS CA   C  N S 202 
HIS C    C  N N 203 
HIS O    O  N N 204 
HIS CB   C  N N 205 
HIS CG   C  Y N 206 
HIS ND1  N  Y N 207 
HIS CD2  C  Y N 208 
HIS CE1  C  Y N 209 
HIS NE2  N  Y N 210 
HIS OXT  O  N N 211 
HIS H    H  N N 212 
HIS H2   H  N N 213 
HIS HA   H  N N 214 
HIS HB2  H  N N 215 
HIS HB3  H  N N 216 
HIS HD1  H  N N 217 
HIS HD2  H  N N 218 
HIS HE1  H  N N 219 
HIS HE2  H  N N 220 
HIS HXT  H  N N 221 
HOH O    O  N N 222 
HOH H1   H  N N 223 
HOH H2   H  N N 224 
ILE N    N  N N 225 
ILE CA   C  N S 226 
ILE C    C  N N 227 
ILE O    O  N N 228 
ILE CB   C  N S 229 
ILE CG1  C  N N 230 
ILE CG2  C  N N 231 
ILE CD1  C  N N 232 
ILE OXT  O  N N 233 
ILE H    H  N N 234 
ILE H2   H  N N 235 
ILE HA   H  N N 236 
ILE HB   H  N N 237 
ILE HG12 H  N N 238 
ILE HG13 H  N N 239 
ILE HG21 H  N N 240 
ILE HG22 H  N N 241 
ILE HG23 H  N N 242 
ILE HD11 H  N N 243 
ILE HD12 H  N N 244 
ILE HD13 H  N N 245 
ILE HXT  H  N N 246 
LEU N    N  N N 247 
LEU CA   C  N S 248 
LEU C    C  N N 249 
LEU O    O  N N 250 
LEU CB   C  N N 251 
LEU CG   C  N N 252 
LEU CD1  C  N N 253 
LEU CD2  C  N N 254 
LEU OXT  O  N N 255 
LEU H    H  N N 256 
LEU H2   H  N N 257 
LEU HA   H  N N 258 
LEU HB2  H  N N 259 
LEU HB3  H  N N 260 
LEU HG   H  N N 261 
LEU HD11 H  N N 262 
LEU HD12 H  N N 263 
LEU HD13 H  N N 264 
LEU HD21 H  N N 265 
LEU HD22 H  N N 266 
LEU HD23 H  N N 267 
LEU HXT  H  N N 268 
LYS N    N  N N 269 
LYS CA   C  N S 270 
LYS C    C  N N 271 
LYS O    O  N N 272 
LYS CB   C  N N 273 
LYS CG   C  N N 274 
LYS CD   C  N N 275 
LYS CE   C  N N 276 
LYS NZ   N  N N 277 
LYS OXT  O  N N 278 
LYS H    H  N N 279 
LYS H2   H  N N 280 
LYS HA   H  N N 281 
LYS HB2  H  N N 282 
LYS HB3  H  N N 283 
LYS HG2  H  N N 284 
LYS HG3  H  N N 285 
LYS HD2  H  N N 286 
LYS HD3  H  N N 287 
LYS HE2  H  N N 288 
LYS HE3  H  N N 289 
LYS HZ1  H  N N 290 
LYS HZ2  H  N N 291 
LYS HZ3  H  N N 292 
LYS HXT  H  N N 293 
MET N    N  N N 294 
MET CA   C  N S 295 
MET C    C  N N 296 
MET O    O  N N 297 
MET CB   C  N N 298 
MET CG   C  N N 299 
MET SD   S  N N 300 
MET CE   C  N N 301 
MET OXT  O  N N 302 
MET H    H  N N 303 
MET H2   H  N N 304 
MET HA   H  N N 305 
MET HB2  H  N N 306 
MET HB3  H  N N 307 
MET HG2  H  N N 308 
MET HG3  H  N N 309 
MET HE1  H  N N 310 
MET HE2  H  N N 311 
MET HE3  H  N N 312 
MET HXT  H  N N 313 
PHE N    N  N N 314 
PHE CA   C  N S 315 
PHE C    C  N N 316 
PHE O    O  N N 317 
PHE CB   C  N N 318 
PHE CG   C  Y N 319 
PHE CD1  C  Y N 320 
PHE CD2  C  Y N 321 
PHE CE1  C  Y N 322 
PHE CE2  C  Y N 323 
PHE CZ   C  Y N 324 
PHE OXT  O  N N 325 
PHE H    H  N N 326 
PHE H2   H  N N 327 
PHE HA   H  N N 328 
PHE HB2  H  N N 329 
PHE HB3  H  N N 330 
PHE HD1  H  N N 331 
PHE HD2  H  N N 332 
PHE HE1  H  N N 333 
PHE HE2  H  N N 334 
PHE HZ   H  N N 335 
PHE HXT  H  N N 336 
PRO N    N  N N 337 
PRO CA   C  N S 338 
PRO C    C  N N 339 
PRO O    O  N N 340 
PRO CB   C  N N 341 
PRO CG   C  N N 342 
PRO CD   C  N N 343 
PRO OXT  O  N N 344 
PRO H    H  N N 345 
PRO HA   H  N N 346 
PRO HB2  H  N N 347 
PRO HB3  H  N N 348 
PRO HG2  H  N N 349 
PRO HG3  H  N N 350 
PRO HD2  H  N N 351 
PRO HD3  H  N N 352 
PRO HXT  H  N N 353 
SER N    N  N N 354 
SER CA   C  N S 355 
SER C    C  N N 356 
SER O    O  N N 357 
SER CB   C  N N 358 
SER OG   O  N N 359 
SER OXT  O  N N 360 
SER H    H  N N 361 
SER H2   H  N N 362 
SER HA   H  N N 363 
SER HB2  H  N N 364 
SER HB3  H  N N 365 
SER HG   H  N N 366 
SER HXT  H  N N 367 
SO4 S    S  N N 368 
SO4 O1   O  N N 369 
SO4 O2   O  N N 370 
SO4 O3   O  N N 371 
SO4 O4   O  N N 372 
THR N    N  N N 373 
THR CA   C  N S 374 
THR C    C  N N 375 
THR O    O  N N 376 
THR CB   C  N R 377 
THR OG1  O  N N 378 
THR CG2  C  N N 379 
THR OXT  O  N N 380 
THR H    H  N N 381 
THR H2   H  N N 382 
THR HA   H  N N 383 
THR HB   H  N N 384 
THR HG1  H  N N 385 
THR HG21 H  N N 386 
THR HG22 H  N N 387 
THR HG23 H  N N 388 
THR HXT  H  N N 389 
TRP N    N  N N 390 
TRP CA   C  N S 391 
TRP C    C  N N 392 
TRP O    O  N N 393 
TRP CB   C  N N 394 
TRP CG   C  Y N 395 
TRP CD1  C  Y N 396 
TRP CD2  C  Y N 397 
TRP NE1  N  Y N 398 
TRP CE2  C  Y N 399 
TRP CE3  C  Y N 400 
TRP CZ2  C  Y N 401 
TRP CZ3  C  Y N 402 
TRP CH2  C  Y N 403 
TRP OXT  O  N N 404 
TRP H    H  N N 405 
TRP H2   H  N N 406 
TRP HA   H  N N 407 
TRP HB2  H  N N 408 
TRP HB3  H  N N 409 
TRP HD1  H  N N 410 
TRP HE1  H  N N 411 
TRP HE3  H  N N 412 
TRP HZ2  H  N N 413 
TRP HZ3  H  N N 414 
TRP HH2  H  N N 415 
TRP HXT  H  N N 416 
TYR N    N  N N 417 
TYR CA   C  N S 418 
TYR C    C  N N 419 
TYR O    O  N N 420 
TYR CB   C  N N 421 
TYR CG   C  Y N 422 
TYR CD1  C  Y N 423 
TYR CD2  C  Y N 424 
TYR CE1  C  Y N 425 
TYR CE2  C  Y N 426 
TYR CZ   C  Y N 427 
TYR OH   O  N N 428 
TYR OXT  O  N N 429 
TYR H    H  N N 430 
TYR H2   H  N N 431 
TYR HA   H  N N 432 
TYR HB2  H  N N 433 
TYR HB3  H  N N 434 
TYR HD1  H  N N 435 
TYR HD2  H  N N 436 
TYR HE1  H  N N 437 
TYR HE2  H  N N 438 
TYR HH   H  N N 439 
TYR HXT  H  N N 440 
VAL N    N  N N 441 
VAL CA   C  N S 442 
VAL C    C  N N 443 
VAL O    O  N N 444 
VAL CB   C  N N 445 
VAL CG1  C  N N 446 
VAL CG2  C  N N 447 
VAL OXT  O  N N 448 
VAL H    H  N N 449 
VAL H2   H  N N 450 
VAL HA   H  N N 451 
VAL HB   H  N N 452 
VAL HG11 H  N N 453 
VAL HG12 H  N N 454 
VAL HG13 H  N N 455 
VAL HG21 H  N N 456 
VAL HG22 H  N N 457 
VAL HG23 H  N N 458 
VAL HXT  H  N N 459 
# 
loop_
_chem_comp_bond.comp_id 
_chem_comp_bond.atom_id_1 
_chem_comp_bond.atom_id_2 
_chem_comp_bond.value_order 
_chem_comp_bond.pdbx_aromatic_flag 
_chem_comp_bond.pdbx_stereo_config 
_chem_comp_bond.pdbx_ordinal 
ALA N   CA   sing N N 1   
ALA N   H    sing N N 2   
ALA N   H2   sing N N 3   
ALA CA  C    sing N N 4   
ALA CA  CB   sing N N 5   
ALA CA  HA   sing N N 6   
ALA C   O    doub N N 7   
ALA C   OXT  sing N N 8   
ALA CB  HB1  sing N N 9   
ALA CB  HB2  sing N N 10  
ALA CB  HB3  sing N N 11  
ALA OXT HXT  sing N N 12  
ARG N   CA   sing N N 13  
ARG N   H    sing N N 14  
ARG N   H2   sing N N 15  
ARG CA  C    sing N N 16  
ARG CA  CB   sing N N 17  
ARG CA  HA   sing N N 18  
ARG C   O    doub N N 19  
ARG C   OXT  sing N N 20  
ARG CB  CG   sing N N 21  
ARG CB  HB2  sing N N 22  
ARG CB  HB3  sing N N 23  
ARG CG  CD   sing N N 24  
ARG CG  HG2  sing N N 25  
ARG CG  HG3  sing N N 26  
ARG CD  NE   sing N N 27  
ARG CD  HD2  sing N N 28  
ARG CD  HD3  sing N N 29  
ARG NE  CZ   sing N N 30  
ARG NE  HE   sing N N 31  
ARG CZ  NH1  sing N N 32  
ARG CZ  NH2  doub N N 33  
ARG NH1 HH11 sing N N 34  
ARG NH1 HH12 sing N N 35  
ARG NH2 HH21 sing N N 36  
ARG NH2 HH22 sing N N 37  
ARG OXT HXT  sing N N 38  
ASN N   CA   sing N N 39  
ASN N   H    sing N N 40  
ASN N   H2   sing N N 41  
ASN CA  C    sing N N 42  
ASN CA  CB   sing N N 43  
ASN CA  HA   sing N N 44  
ASN C   O    doub N N 45  
ASN C   OXT  sing N N 46  
ASN CB  CG   sing N N 47  
ASN CB  HB2  sing N N 48  
ASN CB  HB3  sing N N 49  
ASN CG  OD1  doub N N 50  
ASN CG  ND2  sing N N 51  
ASN ND2 HD21 sing N N 52  
ASN ND2 HD22 sing N N 53  
ASN OXT HXT  sing N N 54  
ASP N   CA   sing N N 55  
ASP N   H    sing N N 56  
ASP N   H2   sing N N 57  
ASP CA  C    sing N N 58  
ASP CA  CB   sing N N 59  
ASP CA  HA   sing N N 60  
ASP C   O    doub N N 61  
ASP C   OXT  sing N N 62  
ASP CB  CG   sing N N 63  
ASP CB  HB2  sing N N 64  
ASP CB  HB3  sing N N 65  
ASP CG  OD1  doub N N 66  
ASP CG  OD2  sing N N 67  
ASP OD2 HD2  sing N N 68  
ASP OXT HXT  sing N N 69  
CLN FE  NA   sing N N 70  
CLN FE  NB   sing N N 71  
CLN FE  NC   sing N N 72  
CLN FE  ND   sing N N 73  
CLN CHA C1A  doub N N 74  
CLN CHA C4D  sing N N 75  
CLN CHA HHA  sing N N 76  
CLN CHB C4A  sing N N 77  
CLN CHB C1B  doub N N 78  
CLN CHB HHB  sing N N 79  
CLN CHC C4B  doub N N 80  
CLN CHC C1C  sing N N 81  
CLN CHC HHC  sing N N 82  
CLN CHD C4C  doub N N 83  
CLN CHD C1D  sing N N 84  
CLN CHD HHD  sing N N 85  
CLN NA  C1A  sing N N 86  
CLN NA  C4A  doub N N 87  
CLN C1A C2A  sing N N 88  
CLN C2A C3A  doub N N 89  
CLN C2A CAA  sing N N 90  
CLN C3A C4A  sing N N 91  
CLN C3A CMA  sing N N 92  
CLN CMA HMA1 sing N N 93  
CLN CMA HMA2 sing N N 94  
CLN CMA HMA3 sing N N 95  
CLN CAA CBA  sing N N 96  
CLN CAA HAA1 sing N N 97  
CLN CAA HAA2 sing N N 98  
CLN CBA CGA  sing N N 99  
CLN CBA HBA1 sing N N 100 
CLN CBA HBA2 sing N N 101 
CLN CGA O1A  doub N N 102 
CLN CGA O2A  sing N N 103 
CLN O2A H2A  sing N N 104 
CLN NB  C1B  sing N N 105 
CLN NB  C4B  sing N N 106 
CLN C1B C2B  sing N N 107 
CLN C2B C3B  doub N N 108 
CLN C2B CMB  sing N N 109 
CLN C3B C4B  sing N N 110 
CLN C3B CAB  sing N N 111 
CLN CMB HMB1 sing N N 112 
CLN CMB HMB2 sing N N 113 
CLN CMB HMB3 sing N N 114 
CLN CAB CBB  doub N N 115 
CLN CAB HAB  sing N N 116 
CLN CBB HBB1 sing N N 117 
CLN CBB HBB2 sing N N 118 
CLN NC  C1C  doub N N 119 
CLN NC  C4C  sing N N 120 
CLN C1C C2C  sing N N 121 
CLN C2C C3C  sing N N 122 
CLN C2C CMC  sing N N 123 
CLN C2C S    sing N N 124 
CLN C3C C4C  sing N N 125 
CLN C3C CAC  sing N N 126 
CLN C3C H3C  sing N N 127 
CLN CMC HMC1 sing N N 128 
CLN CMC HMC2 sing N N 129 
CLN CMC HMC3 sing N N 130 
CLN CAC CBC  doub N N 131 
CLN CAC HAC  sing N N 132 
CLN CBC S    sing N N 133 
CLN CBC HBC  sing N N 134 
CLN ND  C1D  sing Y N 135 
CLN ND  C4D  sing Y N 136 
CLN C1D C2D  doub Y N 137 
CLN C2D C3D  sing Y N 138 
CLN C2D CMD  sing N N 139 
CLN C3D C4D  doub Y N 140 
CLN C3D CAD  sing N N 141 
CLN CMD HMD1 sing N N 142 
CLN CMD HMD2 sing N N 143 
CLN CMD HMD3 sing N N 144 
CLN CAD CBD  sing N N 145 
CLN CAD HAD1 sing N N 146 
CLN CAD HAD2 sing N N 147 
CLN CBD CGD  sing N N 148 
CLN CBD HBD1 sing N N 149 
CLN CBD HBD2 sing N N 150 
CLN CGD O1D  doub N N 151 
CLN CGD O2D  sing N N 152 
CLN O2D H2D  sing N N 153 
CYN C   N    trip N N 154 
GLN N   CA   sing N N 155 
GLN N   H    sing N N 156 
GLN N   H2   sing N N 157 
GLN CA  C    sing N N 158 
GLN CA  CB   sing N N 159 
GLN CA  HA   sing N N 160 
GLN C   O    doub N N 161 
GLN C   OXT  sing N N 162 
GLN CB  CG   sing N N 163 
GLN CB  HB2  sing N N 164 
GLN CB  HB3  sing N N 165 
GLN CG  CD   sing N N 166 
GLN CG  HG2  sing N N 167 
GLN CG  HG3  sing N N 168 
GLN CD  OE1  doub N N 169 
GLN CD  NE2  sing N N 170 
GLN NE2 HE21 sing N N 171 
GLN NE2 HE22 sing N N 172 
GLN OXT HXT  sing N N 173 
GLU N   CA   sing N N 174 
GLU N   H    sing N N 175 
GLU N   H2   sing N N 176 
GLU CA  C    sing N N 177 
GLU CA  CB   sing N N 178 
GLU CA  HA   sing N N 179 
GLU C   O    doub N N 180 
GLU C   OXT  sing N N 181 
GLU CB  CG   sing N N 182 
GLU CB  HB2  sing N N 183 
GLU CB  HB3  sing N N 184 
GLU CG  CD   sing N N 185 
GLU CG  HG2  sing N N 186 
GLU CG  HG3  sing N N 187 
GLU CD  OE1  doub N N 188 
GLU CD  OE2  sing N N 189 
GLU OE2 HE2  sing N N 190 
GLU OXT HXT  sing N N 191 
GLY N   CA   sing N N 192 
GLY N   H    sing N N 193 
GLY N   H2   sing N N 194 
GLY CA  C    sing N N 195 
GLY CA  HA2  sing N N 196 
GLY CA  HA3  sing N N 197 
GLY C   O    doub N N 198 
GLY C   OXT  sing N N 199 
GLY OXT HXT  sing N N 200 
HIS N   CA   sing N N 201 
HIS N   H    sing N N 202 
HIS N   H2   sing N N 203 
HIS CA  C    sing N N 204 
HIS CA  CB   sing N N 205 
HIS CA  HA   sing N N 206 
HIS C   O    doub N N 207 
HIS C   OXT  sing N N 208 
HIS CB  CG   sing N N 209 
HIS CB  HB2  sing N N 210 
HIS CB  HB3  sing N N 211 
HIS CG  ND1  sing Y N 212 
HIS CG  CD2  doub Y N 213 
HIS ND1 CE1  doub Y N 214 
HIS ND1 HD1  sing N N 215 
HIS CD2 NE2  sing Y N 216 
HIS CD2 HD2  sing N N 217 
HIS CE1 NE2  sing Y N 218 
HIS CE1 HE1  sing N N 219 
HIS NE2 HE2  sing N N 220 
HIS OXT HXT  sing N N 221 
HOH O   H1   sing N N 222 
HOH O   H2   sing N N 223 
ILE N   CA   sing N N 224 
ILE N   H    sing N N 225 
ILE N   H2   sing N N 226 
ILE CA  C    sing N N 227 
ILE CA  CB   sing N N 228 
ILE CA  HA   sing N N 229 
ILE C   O    doub N N 230 
ILE C   OXT  sing N N 231 
ILE CB  CG1  sing N N 232 
ILE CB  CG2  sing N N 233 
ILE CB  HB   sing N N 234 
ILE CG1 CD1  sing N N 235 
ILE CG1 HG12 sing N N 236 
ILE CG1 HG13 sing N N 237 
ILE CG2 HG21 sing N N 238 
ILE CG2 HG22 sing N N 239 
ILE CG2 HG23 sing N N 240 
ILE CD1 HD11 sing N N 241 
ILE CD1 HD12 sing N N 242 
ILE CD1 HD13 sing N N 243 
ILE OXT HXT  sing N N 244 
LEU N   CA   sing N N 245 
LEU N   H    sing N N 246 
LEU N   H2   sing N N 247 
LEU CA  C    sing N N 248 
LEU CA  CB   sing N N 249 
LEU CA  HA   sing N N 250 
LEU C   O    doub N N 251 
LEU C   OXT  sing N N 252 
LEU CB  CG   sing N N 253 
LEU CB  HB2  sing N N 254 
LEU CB  HB3  sing N N 255 
LEU CG  CD1  sing N N 256 
LEU CG  CD2  sing N N 257 
LEU CG  HG   sing N N 258 
LEU CD1 HD11 sing N N 259 
LEU CD1 HD12 sing N N 260 
LEU CD1 HD13 sing N N 261 
LEU CD2 HD21 sing N N 262 
LEU CD2 HD22 sing N N 263 
LEU CD2 HD23 sing N N 264 
LEU OXT HXT  sing N N 265 
LYS N   CA   sing N N 266 
LYS N   H    sing N N 267 
LYS N   H2   sing N N 268 
LYS CA  C    sing N N 269 
LYS CA  CB   sing N N 270 
LYS CA  HA   sing N N 271 
LYS C   O    doub N N 272 
LYS C   OXT  sing N N 273 
LYS CB  CG   sing N N 274 
LYS CB  HB2  sing N N 275 
LYS CB  HB3  sing N N 276 
LYS CG  CD   sing N N 277 
LYS CG  HG2  sing N N 278 
LYS CG  HG3  sing N N 279 
LYS CD  CE   sing N N 280 
LYS CD  HD2  sing N N 281 
LYS CD  HD3  sing N N 282 
LYS CE  NZ   sing N N 283 
LYS CE  HE2  sing N N 284 
LYS CE  HE3  sing N N 285 
LYS NZ  HZ1  sing N N 286 
LYS NZ  HZ2  sing N N 287 
LYS NZ  HZ3  sing N N 288 
LYS OXT HXT  sing N N 289 
MET N   CA   sing N N 290 
MET N   H    sing N N 291 
MET N   H2   sing N N 292 
MET CA  C    sing N N 293 
MET CA  CB   sing N N 294 
MET CA  HA   sing N N 295 
MET C   O    doub N N 296 
MET C   OXT  sing N N 297 
MET CB  CG   sing N N 298 
MET CB  HB2  sing N N 299 
MET CB  HB3  sing N N 300 
MET CG  SD   sing N N 301 
MET CG  HG2  sing N N 302 
MET CG  HG3  sing N N 303 
MET SD  CE   sing N N 304 
MET CE  HE1  sing N N 305 
MET CE  HE2  sing N N 306 
MET CE  HE3  sing N N 307 
MET OXT HXT  sing N N 308 
PHE N   CA   sing N N 309 
PHE N   H    sing N N 310 
PHE N   H2   sing N N 311 
PHE CA  C    sing N N 312 
PHE CA  CB   sing N N 313 
PHE CA  HA   sing N N 314 
PHE C   O    doub N N 315 
PHE C   OXT  sing N N 316 
PHE CB  CG   sing N N 317 
PHE CB  HB2  sing N N 318 
PHE CB  HB3  sing N N 319 
PHE CG  CD1  doub Y N 320 
PHE CG  CD2  sing Y N 321 
PHE CD1 CE1  sing Y N 322 
PHE CD1 HD1  sing N N 323 
PHE CD2 CE2  doub Y N 324 
PHE CD2 HD2  sing N N 325 
PHE CE1 CZ   doub Y N 326 
PHE CE1 HE1  sing N N 327 
PHE CE2 CZ   sing Y N 328 
PHE CE2 HE2  sing N N 329 
PHE CZ  HZ   sing N N 330 
PHE OXT HXT  sing N N 331 
PRO N   CA   sing N N 332 
PRO N   CD   sing N N 333 
PRO N   H    sing N N 334 
PRO CA  C    sing N N 335 
PRO CA  CB   sing N N 336 
PRO CA  HA   sing N N 337 
PRO C   O    doub N N 338 
PRO C   OXT  sing N N 339 
PRO CB  CG   sing N N 340 
PRO CB  HB2  sing N N 341 
PRO CB  HB3  sing N N 342 
PRO CG  CD   sing N N 343 
PRO CG  HG2  sing N N 344 
PRO CG  HG3  sing N N 345 
PRO CD  HD2  sing N N 346 
PRO CD  HD3  sing N N 347 
PRO OXT HXT  sing N N 348 
SER N   CA   sing N N 349 
SER N   H    sing N N 350 
SER N   H2   sing N N 351 
SER CA  C    sing N N 352 
SER CA  CB   sing N N 353 
SER CA  HA   sing N N 354 
SER C   O    doub N N 355 
SER C   OXT  sing N N 356 
SER CB  OG   sing N N 357 
SER CB  HB2  sing N N 358 
SER CB  HB3  sing N N 359 
SER OG  HG   sing N N 360 
SER OXT HXT  sing N N 361 
SO4 S   O1   doub N N 362 
SO4 S   O2   doub N N 363 
SO4 S   O3   sing N N 364 
SO4 S   O4   sing N N 365 
THR N   CA   sing N N 366 
THR N   H    sing N N 367 
THR N   H2   sing N N 368 
THR CA  C    sing N N 369 
THR CA  CB   sing N N 370 
THR CA  HA   sing N N 371 
THR C   O    doub N N 372 
THR C   OXT  sing N N 373 
THR CB  OG1  sing N N 374 
THR CB  CG2  sing N N 375 
THR CB  HB   sing N N 376 
THR OG1 HG1  sing N N 377 
THR CG2 HG21 sing N N 378 
THR CG2 HG22 sing N N 379 
THR CG2 HG23 sing N N 380 
THR OXT HXT  sing N N 381 
TRP N   CA   sing N N 382 
TRP N   H    sing N N 383 
TRP N   H2   sing N N 384 
TRP CA  C    sing N N 385 
TRP CA  CB   sing N N 386 
TRP CA  HA   sing N N 387 
TRP C   O    doub N N 388 
TRP C   OXT  sing N N 389 
TRP CB  CG   sing N N 390 
TRP CB  HB2  sing N N 391 
TRP CB  HB3  sing N N 392 
TRP CG  CD1  doub Y N 393 
TRP CG  CD2  sing Y N 394 
TRP CD1 NE1  sing Y N 395 
TRP CD1 HD1  sing N N 396 
TRP CD2 CE2  doub Y N 397 
TRP CD2 CE3  sing Y N 398 
TRP NE1 CE2  sing Y N 399 
TRP NE1 HE1  sing N N 400 
TRP CE2 CZ2  sing Y N 401 
TRP CE3 CZ3  doub Y N 402 
TRP CE3 HE3  sing N N 403 
TRP CZ2 CH2  doub Y N 404 
TRP CZ2 HZ2  sing N N 405 
TRP CZ3 CH2  sing Y N 406 
TRP CZ3 HZ3  sing N N 407 
TRP CH2 HH2  sing N N 408 
TRP OXT HXT  sing N N 409 
TYR N   CA   sing N N 410 
TYR N   H    sing N N 411 
TYR N   H2   sing N N 412 
TYR CA  C    sing N N 413 
TYR CA  CB   sing N N 414 
TYR CA  HA   sing N N 415 
TYR C   O    doub N N 416 
TYR C   OXT  sing N N 417 
TYR CB  CG   sing N N 418 
TYR CB  HB2  sing N N 419 
TYR CB  HB3  sing N N 420 
TYR CG  CD1  doub Y N 421 
TYR CG  CD2  sing Y N 422 
TYR CD1 CE1  sing Y N 423 
TYR CD1 HD1  sing N N 424 
TYR CD2 CE2  doub Y N 425 
TYR CD2 HD2  sing N N 426 
TYR CE1 CZ   doub Y N 427 
TYR CE1 HE1  sing N N 428 
TYR CE2 CZ   sing Y N 429 
TYR CE2 HE2  sing N N 430 
TYR CZ  OH   sing N N 431 
TYR OH  HH   sing N N 432 
TYR OXT HXT  sing N N 433 
VAL N   CA   sing N N 434 
VAL N   H    sing N N 435 
VAL N   H2   sing N N 436 
VAL CA  C    sing N N 437 
VAL CA  CB   sing N N 438 
VAL CA  HA   sing N N 439 
VAL C   O    doub N N 440 
VAL C   OXT  sing N N 441 
VAL CB  CG1  sing N N 442 
VAL CB  CG2  sing N N 443 
VAL CB  HB   sing N N 444 
VAL CG1 HG11 sing N N 445 
VAL CG1 HG12 sing N N 446 
VAL CG1 HG13 sing N N 447 
VAL CG2 HG21 sing N N 448 
VAL CG2 HG22 sing N N 449 
VAL CG2 HG23 sing N N 450 
VAL OXT HXT  sing N N 451 
# 
_atom_sites.entry_id                    1YMC 
_atom_sites.fract_transf_matrix[1][1]   0.00187951 
_atom_sites.fract_transf_matrix[1][2]   0.01300553 
_atom_sites.fract_transf_matrix[1][3]   -0.00949554 
_atom_sites.fract_transf_matrix[2][1]   0.01644581 
_atom_sites.fract_transf_matrix[2][2]   -0.01945845 
_atom_sites.fract_transf_matrix[2][3]   -0.02339599 
_atom_sites.fract_transf_matrix[3][1]   -0.02346130 
_atom_sites.fract_transf_matrix[3][2]   0.00126747 
_atom_sites.fract_transf_matrix[3][3]   -0.01754587 
_atom_sites.fract_transf_vector[1]      0.252540 
_atom_sites.fract_transf_vector[2]      0.747403 
_atom_sites.fract_transf_vector[3]      0.245374 
# 
loop_
_atom_type.symbol 
C  
FE 
N  
O  
S  
# 
loop_
_atom_site.group_PDB 
_atom_site.id 
_atom_site.type_symbol 
_atom_site.label_atom_id 
_atom_site.label_alt_id 
_atom_site.label_comp_id 
_atom_site.label_asym_id 
_atom_site.label_entity_id 
_atom_site.label_seq_id 
_atom_site.pdbx_PDB_ins_code 
_atom_site.Cartn_x 
_atom_site.Cartn_y 
_atom_site.Cartn_z 
_atom_site.occupancy 
_atom_site.B_iso_or_equiv 
_atom_site.pdbx_formal_charge 
_atom_site.auth_seq_id 
_atom_site.auth_comp_id 
_atom_site.auth_asym_id 
_atom_site.auth_atom_id 
_atom_site.pdbx_PDB_model_num 
ATOM   1    N  N   . GLY A 1 1   ? -14.027 -11.326 6.423   1.00 25.31 ? 1   GLY A N   1 
ATOM   2    C  CA  . GLY A 1 1   ? -13.809 -10.150 7.287   1.00 25.59 ? 1   GLY A CA  1 
ATOM   3    C  C   . GLY A 1 1   ? -14.718 -8.965  6.924   1.00 25.54 ? 1   GLY A C   1 
ATOM   4    O  O   . GLY A 1 1   ? -15.225 -8.319  7.906   1.00 25.86 ? 1   GLY A O   1 
ATOM   5    N  N   . LEU A 1 2   ? -14.954 -8.623  5.654   1.00 24.88 ? 2   LEU A N   1 
ATOM   6    C  CA  . LEU A 1 2   ? -15.847 -7.449  5.422   1.00 23.91 ? 2   LEU A CA  1 
ATOM   7    C  C   . LEU A 1 2   ? -17.078 -7.907  4.605   1.00 23.67 ? 2   LEU A C   1 
ATOM   8    O  O   . LEU A 1 2   ? -17.061 -8.943  3.935   1.00 24.12 ? 2   LEU A O   1 
ATOM   9    C  CB  . LEU A 1 2   ? -15.128 -6.329  4.785   1.00 23.95 ? 2   LEU A CB  1 
ATOM   10   C  CG  . LEU A 1 2   ? -13.964 -5.483  4.985   1.00 23.47 ? 2   LEU A CG  1 
ATOM   11   C  CD1 . LEU A 1 2   ? -12.647 -6.228  5.240   1.00 23.25 ? 2   LEU A CD1 1 
ATOM   12   C  CD2 . LEU A 1 2   ? -13.700 -4.630  3.666   1.00 23.58 ? 2   LEU A CD2 1 
ATOM   13   N  N   . SER A 1 3   ? -18.136 -7.125  4.722   1.00 22.94 ? 3   SER A N   1 
ATOM   14   C  CA  . SER A 1 3   ? -19.375 -7.274  3.917   1.00 22.53 ? 3   SER A CA  1 
ATOM   15   C  C   . SER A 1 3   ? -19.284 -6.408  2.638   1.00 21.38 ? 3   SER A C   1 
ATOM   16   O  O   . SER A 1 3   ? -18.339 -5.651  2.565   1.00 19.80 ? 3   SER A O   1 
ATOM   17   C  CB  . SER A 1 3   ? -20.557 -6.860  4.790   1.00 22.86 ? 3   SER A CB  1 
ATOM   18   O  OG  . SER A 1 3   ? -20.233 -5.830  5.731   1.00 21.68 ? 3   SER A OG  1 
ATOM   19   N  N   . ASP A 1 4   ? -20.300 -6.346  1.775   1.00 22.46 ? 4   ASP A N   1 
ATOM   20   C  CA  . ASP A 1 4   ? -20.428 -5.506  0.589   1.00 21.99 ? 4   ASP A CA  1 
ATOM   21   C  C   . ASP A 1 4   ? -20.682 -4.045  0.961   1.00 21.05 ? 4   ASP A C   1 
ATOM   22   O  O   . ASP A 1 4   ? -20.339 -3.225  0.048   1.00 21.02 ? 4   ASP A O   1 
ATOM   23   C  CB  . ASP A 1 4   ? -21.528 -5.765  -0.498  1.00 24.63 ? 4   ASP A CB  1 
ATOM   24   C  CG  . ASP A 1 4   ? -21.270 -5.023  -1.851  1.00 25.90 ? 4   ASP A CG  1 
ATOM   25   O  OD1 . ASP A 1 4   ? -20.193 -5.100  -2.487  1.00 26.51 ? 4   ASP A OD1 1 
ATOM   26   O  OD2 . ASP A 1 4   ? -22.202 -4.298  -2.361  1.00 27.07 ? 4   ASP A OD2 1 
ATOM   27   N  N   . GLY A 1 5   ? -21.352 -3.755  2.062   1.00 19.70 ? 5   GLY A N   1 
ATOM   28   C  CA  . GLY A 1 5   ? -21.654 -2.328  2.359   1.00 17.68 ? 5   GLY A CA  1 
ATOM   29   C  C   . GLY A 1 5   ? -20.230 -1.700  2.434   1.00 16.32 ? 5   GLY A C   1 
ATOM   30   O  O   . GLY A 1 5   ? -19.821 -0.706  1.779   1.00 17.92 ? 5   GLY A O   1 
ATOM   31   N  N   . GLU A 1 6   ? -19.468 -2.430  3.212   1.00 15.00 ? 6   GLU A N   1 
ATOM   32   C  CA  . GLU A 1 6   ? -18.059 -2.120  3.468   1.00 12.12 ? 6   GLU A CA  1 
ATOM   33   C  C   . GLU A 1 6   ? -17.238 -2.244  2.227   1.00 10.67 ? 6   GLU A C   1 
ATOM   34   O  O   . GLU A 1 6   ? -16.329 -1.416  1.953   1.00 10.50 ? 6   GLU A O   1 
ATOM   35   C  CB  . GLU A 1 6   ? -17.636 -3.083  4.554   1.00 11.19 ? 6   GLU A CB  1 
ATOM   36   C  CG  . GLU A 1 6   ? -18.351 -3.286  5.814   1.00 12.07 ? 6   GLU A CG  1 
ATOM   37   C  CD  . GLU A 1 6   ? -17.541 -3.778  7.042   1.00 11.92 ? 6   GLU A CD  1 
ATOM   38   O  OE1 . GLU A 1 6   ? -17.246 -4.972  6.994   1.00 11.15 ? 6   GLU A OE1 1 
ATOM   39   O  OE2 . GLU A 1 6   ? -17.191 -3.061  7.970   1.00 11.94 ? 6   GLU A OE2 1 
ATOM   40   N  N   . TRP A 1 7   ? -17.437 -3.218  1.396   1.00 9.84  ? 7   TRP A N   1 
ATOM   41   C  CA  . TRP A 1 7   ? -16.570 -3.318  0.116   1.00 8.97  ? 7   TRP A CA  1 
ATOM   42   C  C   . TRP A 1 7   ? -16.814 -2.190  -0.860  1.00 9.30  ? 7   TRP A C   1 
ATOM   43   O  O   . TRP A 1 7   ? -16.090 -1.598  -1.673  1.00 7.88  ? 7   TRP A O   1 
ATOM   44   C  CB  . TRP A 1 7   ? -16.856 -4.713  -0.456  1.00 8.21  ? 7   TRP A CB  1 
ATOM   45   C  CG  . TRP A 1 7   ? -15.948 -5.757  0.111   1.00 8.85  ? 7   TRP A CG  1 
ATOM   46   C  CD1 . TRP A 1 7   ? -16.381 -6.929  0.726   1.00 9.10  ? 7   TRP A CD1 1 
ATOM   47   C  CD2 . TRP A 1 7   ? -14.535 -5.809  0.183   1.00 8.21  ? 7   TRP A CD2 1 
ATOM   48   N  NE1 . TRP A 1 7   ? -15.282 -7.671  1.088   1.00 8.10  ? 7   TRP A NE1 1 
ATOM   49   C  CE2 . TRP A 1 7   ? -14.163 -7.019  0.817   1.00 8.63  ? 7   TRP A CE2 1 
ATOM   50   C  CE3 . TRP A 1 7   ? -13.516 -4.969  -0.281  1.00 10.08 ? 7   TRP A CE3 1 
ATOM   51   C  CZ2 . TRP A 1 7   ? -12.804 -7.360  1.075   1.00 6.11  ? 7   TRP A CZ2 1 
ATOM   52   C  CZ3 . TRP A 1 7   ? -12.162 -5.270  -0.016  1.00 8.84  ? 7   TRP A CZ3 1 
ATOM   53   C  CH2 . TRP A 1 7   ? -11.887 -6.440  0.706   1.00 7.13  ? 7   TRP A CH2 1 
ATOM   54   N  N   . GLN A 1 8   ? -18.174 -1.924  -0.863  1.00 9.43  ? 8   GLN A N   1 
ATOM   55   C  CA  . GLN A 1 8   ? -18.791 -0.880  -1.681  1.00 9.57  ? 8   GLN A CA  1 
ATOM   56   C  C   . GLN A 1 8   ? -18.182 0.431   -1.132  1.00 9.42  ? 8   GLN A C   1 
ATOM   57   O  O   . GLN A 1 8   ? -17.936 1.244   -1.986  1.00 9.21  ? 8   GLN A O   1 
ATOM   58   C  CB  . GLN A 1 8   ? -20.234 -1.031  -1.655  1.00 10.85 ? 8   GLN A CB  1 
ATOM   59   C  CG  . GLN A 1 8   ? -21.288 -1.115  -2.673  1.00 13.72 ? 8   GLN A CG  1 
ATOM   60   C  CD  . GLN A 1 8   ? -22.713 -0.776  -2.186  1.00 15.12 ? 8   GLN A CD  1 
ATOM   61   O  OE1 . GLN A 1 8   ? -23.165 0.348   -2.098  1.00 16.10 ? 8   GLN A OE1 1 
ATOM   62   N  NE2 . GLN A 1 8   ? -23.489 -1.826  -1.907  1.00 15.96 ? 8   GLN A NE2 1 
ATOM   63   N  N   . GLN A 1 9   ? -18.013 0.622   0.176   1.00 8.96  ? 9   GLN A N   1 
ATOM   64   C  CA  . GLN A 1 9   ? -17.363 1.853   0.745   1.00 8.42  ? 9   GLN A CA  1 
ATOM   65   C  C   . GLN A 1 9   ? -15.942 1.815   0.383   1.00 8.12  ? 9   GLN A C   1 
ATOM   66   O  O   . GLN A 1 9   ? -15.282 2.775   -0.093  1.00 11.70 ? 9   GLN A O   1 
ATOM   67   C  CB  . GLN A 1 9   ? -17.686 1.967   2.276   1.00 9.24  ? 9   GLN A CB  1 
ATOM   68   C  CG  . GLN A 1 9   ? -18.882 2.802   2.673   1.00 10.28 ? 9   GLN A CG  1 
ATOM   69   C  CD  . GLN A 1 9   ? -19.884 2.230   3.686   1.00 11.78 ? 9   GLN A CD  1 
ATOM   70   O  OE1 . GLN A 1 9   ? -19.508 1.992   4.844   1.00 11.78 ? 9   GLN A OE1 1 
ATOM   71   N  NE2 . GLN A 1 9   ? -21.136 1.846   3.312   1.00 9.67  ? 9   GLN A NE2 1 
ATOM   72   N  N   . VAL A 1 10  ? -15.232 0.645   0.283   1.00 7.46  ? 10  VAL A N   1 
ATOM   73   C  CA  . VAL A 1 10  ? -13.766 0.605   -0.123  1.00 4.52  ? 10  VAL A CA  1 
ATOM   74   C  C   . VAL A 1 10  ? -13.614 1.003   -1.574  1.00 4.93  ? 10  VAL A C   1 
ATOM   75   O  O   . VAL A 1 10  ? -12.626 1.718   -1.900  1.00 4.24  ? 10  VAL A O   1 
ATOM   76   C  CB  . VAL A 1 10  ? -13.166 -0.741  0.153   1.00 2.76  ? 10  VAL A CB  1 
ATOM   77   C  CG1 . VAL A 1 10  ? -11.698 -0.985  -0.518  1.00 2.46  ? 10  VAL A CG1 1 
ATOM   78   C  CG2 . VAL A 1 10  ? -13.141 -1.136  1.623   1.00 2.00  ? 10  VAL A CG2 1 
ATOM   79   N  N   . LEU A 1 11  ? -14.502 0.443   -2.417  1.00 3.44  ? 11  LEU A N   1 
ATOM   80   C  CA  . LEU A 1 11  ? -14.274 0.800   -3.878  1.00 3.59  ? 11  LEU A CA  1 
ATOM   81   C  C   . LEU A 1 11  ? -14.667 2.158   -4.239  1.00 2.28  ? 11  LEU A C   1 
ATOM   82   O  O   . LEU A 1 11  ? -14.034 2.781   -5.234  1.00 3.86  ? 11  LEU A O   1 
ATOM   83   C  CB  . LEU A 1 11  ? -14.898 -0.412  -4.601  1.00 4.22  ? 11  LEU A CB  1 
ATOM   84   C  CG  . LEU A 1 11  ? -14.364 -1.808  -4.461  1.00 4.64  ? 11  LEU A CG  1 
ATOM   85   C  CD1 . LEU A 1 11  ? -15.194 -2.882  -5.179  1.00 4.37  ? 11  LEU A CD1 1 
ATOM   86   C  CD2 . LEU A 1 11  ? -12.893 -1.838  -4.948  1.00 4.96  ? 11  LEU A CD2 1 
ATOM   87   N  N   . ASN A 1 12  ? -15.542 2.804   -3.586  1.00 3.45  ? 12  ASN A N   1 
ATOM   88   C  CA  . ASN A 1 12  ? -15.914 4.213   -3.882  1.00 4.32  ? 12  ASN A CA  1 
ATOM   89   C  C   . ASN A 1 12  ? -14.679 5.004   -3.571  1.00 5.27  ? 12  ASN A C   1 
ATOM   90   O  O   . ASN A 1 12  ? -14.130 5.707   -4.481  1.00 3.90  ? 12  ASN A O   1 
ATOM   91   C  CB  . ASN A 1 12  ? -17.178 4.546   -3.177  1.00 8.00  ? 12  ASN A CB  1 
ATOM   92   C  CG  . ASN A 1 12  ? -17.751 5.923   -3.352  1.00 10.47 ? 12  ASN A CG  1 
ATOM   93   O  OD1 . ASN A 1 12  ? -18.148 6.367   -4.458  1.00 14.51 ? 12  ASN A OD1 1 
ATOM   94   N  ND2 . ASN A 1 12  ? -17.818 6.746   -2.303  1.00 9.31  ? 12  ASN A ND2 1 
ATOM   95   N  N   . VAL A 1 13  ? -14.059 4.826   -2.370  1.00 5.93  ? 13  VAL A N   1 
ATOM   96   C  CA  . VAL A 1 13  ? -12.796 5.555   -2.054  1.00 4.87  ? 13  VAL A CA  1 
ATOM   97   C  C   . VAL A 1 13  ? -11.646 5.229   -3.052  1.00 6.99  ? 13  VAL A C   1 
ATOM   98   O  O   . VAL A 1 13  ? -10.646 6.049   -3.206  1.00 5.82  ? 13  VAL A O   1 
ATOM   99   C  CB  . VAL A 1 13  ? -12.334 5.200   -0.671  1.00 4.85  ? 13  VAL A CB  1 
ATOM   100  C  CG1 . VAL A 1 13  ? -11.024 5.917   -0.221  1.00 5.86  ? 13  VAL A CG1 1 
ATOM   101  C  CG2 . VAL A 1 13  ? -13.339 5.524   0.418   1.00 6.48  ? 13  VAL A CG2 1 
ATOM   102  N  N   . TRP A 1 14  ? -11.736 4.032   -3.684  1.00 5.91  ? 14  TRP A N   1 
ATOM   103  C  CA  . TRP A 1 14  ? -10.613 3.639   -4.578  1.00 8.13  ? 14  TRP A CA  1 
ATOM   104  C  C   . TRP A 1 14  ? -10.823 4.427   -5.839  1.00 9.22  ? 14  TRP A C   1 
ATOM   105  O  O   . TRP A 1 14  ? -9.901  4.841   -6.525  1.00 10.63 ? 14  TRP A O   1 
ATOM   106  C  CB  . TRP A 1 14  ? -10.505 2.126   -4.729  1.00 8.31  ? 14  TRP A CB  1 
ATOM   107  C  CG  . TRP A 1 14  ? -9.264  1.802   -5.429  1.00 8.62  ? 14  TRP A CG  1 
ATOM   108  C  CD1 . TRP A 1 14  ? -9.106  1.610   -6.804  1.00 9.85  ? 14  TRP A CD1 1 
ATOM   109  C  CD2 . TRP A 1 14  ? -7.937  1.801   -4.869  1.00 8.41  ? 14  TRP A CD2 1 
ATOM   110  N  NE1 . TRP A 1 14  ? -7.731  1.474   -7.048  1.00 9.23  ? 14  TRP A NE1 1 
ATOM   111  C  CE2 . TRP A 1 14  ? -7.017  1.564   -5.897  1.00 7.29  ? 14  TRP A CE2 1 
ATOM   112  C  CE3 . TRP A 1 14  ? -7.483  2.047   -3.556  1.00 7.64  ? 14  TRP A CE3 1 
ATOM   113  C  CZ2 . TRP A 1 14  ? -5.650  1.524   -5.678  1.00 6.73  ? 14  TRP A CZ2 1 
ATOM   114  C  CZ3 . TRP A 1 14  ? -6.117  1.985   -3.357  1.00 7.20  ? 14  TRP A CZ3 1 
ATOM   115  C  CH2 . TRP A 1 14  ? -5.190  1.723   -4.373  1.00 5.73  ? 14  TRP A CH2 1 
ATOM   116  N  N   . GLY A 1 15  ? -12.132 4.679   -6.158  1.00 9.92  ? 15  GLY A N   1 
ATOM   117  C  CA  . GLY A 1 15  ? -12.537 5.472   -7.207  1.00 10.53 ? 15  GLY A CA  1 
ATOM   118  C  C   . GLY A 1 15  ? -11.742 6.781   -7.182  1.00 11.28 ? 15  GLY A C   1 
ATOM   119  O  O   . GLY A 1 15  ? -11.596 7.398   -8.214  1.00 10.95 ? 15  GLY A O   1 
ATOM   120  N  N   . LYS A 1 16  ? -11.304 7.161   -5.993  1.00 12.85 ? 16  LYS A N   1 
ATOM   121  C  CA  . LYS A 1 16  ? -10.632 8.469   -5.839  1.00 13.19 ? 16  LYS A CA  1 
ATOM   122  C  C   . LYS A 1 16  ? -9.184  8.392   -6.189  1.00 13.44 ? 16  LYS A C   1 
ATOM   123  O  O   . LYS A 1 16  ? -8.594  9.330   -6.771  1.00 14.06 ? 16  LYS A O   1 
ATOM   124  C  CB  . LYS A 1 16  ? -10.740 9.045   -4.411  1.00 13.27 ? 16  LYS A CB  1 
ATOM   125  C  CG  . LYS A 1 16  ? -12.151 9.131   -3.767  1.00 13.73 ? 16  LYS A CG  1 
ATOM   126  C  CD  . LYS A 1 16  ? -12.187 10.357  -2.907  1.00 15.27 ? 16  LYS A CD  1 
ATOM   127  C  CE  . LYS A 1 16  ? -13.030 10.238  -1.671  1.00 14.99 ? 16  LYS A CE  1 
ATOM   128  N  NZ  . LYS A 1 16  ? -12.239 9.118   -0.876  1.00 18.40 ? 16  LYS A NZ  1 
ATOM   129  N  N   . VAL A 1 17  ? -8.545  7.317   -5.851  1.00 13.67 ? 17  VAL A N   1 
ATOM   130  C  CA  . VAL A 1 17  ? -7.090  7.086   -6.089  1.00 14.05 ? 17  VAL A CA  1 
ATOM   131  C  C   . VAL A 1 17  ? -6.780  6.924   -7.611  1.00 14.35 ? 17  VAL A C   1 
ATOM   132  O  O   . VAL A 1 17  ? -5.594  7.060   -8.075  1.00 13.89 ? 17  VAL A O   1 
ATOM   133  C  CB  . VAL A 1 17  ? -6.665  5.824   -5.314  1.00 13.21 ? 17  VAL A CB  1 
ATOM   134  C  CG1 . VAL A 1 17  ? -5.219  5.387   -5.592  1.00 11.83 ? 17  VAL A CG1 1 
ATOM   135  C  CG2 . VAL A 1 17  ? -6.995  5.943   -3.757  1.00 12.82 ? 17  VAL A CG2 1 
ATOM   136  N  N   . GLU A 1 18  ? -7.849  6.516   -8.298  1.00 14.39 ? 18  GLU A N   1 
ATOM   137  C  CA  . GLU A 1 18  ? -7.628  6.186   -9.699  1.00 15.88 ? 18  GLU A CA  1 
ATOM   138  C  C   . GLU A 1 18  ? -7.627  7.388   -10.619 1.00 16.39 ? 18  GLU A C   1 
ATOM   139  O  O   . GLU A 1 18  ? -6.917  7.305   -11.657 1.00 17.01 ? 18  GLU A O   1 
ATOM   140  C  CB  . GLU A 1 18  ? -8.573  5.151   -10.144 1.00 15.52 ? 18  GLU A CB  1 
ATOM   141  C  CG  . GLU A 1 18  ? -9.121  4.105   -9.254  1.00 16.57 ? 18  GLU A CG  1 
ATOM   142  C  CD  . GLU A 1 18  ? -9.784  3.069   -10.069 1.00 16.90 ? 18  GLU A CD  1 
ATOM   143  O  OE1 . GLU A 1 18  ? -10.968 3.387   -10.470 1.00 19.77 ? 18  GLU A OE1 1 
ATOM   144  O  OE2 . GLU A 1 18  ? -9.173  2.120   -10.372 1.00 18.53 ? 18  GLU A OE2 1 
ATOM   145  N  N   . ALA A 1 19  ? -8.338  8.460   -10.272 1.00 17.59 ? 19  ALA A N   1 
ATOM   146  C  CA  . ALA A 1 19  ? -8.329  9.718   -11.092 1.00 16.24 ? 19  ALA A CA  1 
ATOM   147  C  C   . ALA A 1 19  ? -6.902  10.200  -11.135 1.00 15.56 ? 19  ALA A C   1 
ATOM   148  O  O   . ALA A 1 19  ? -6.553  10.737  -12.165 1.00 16.06 ? 19  ALA A O   1 
ATOM   149  C  CB  . ALA A 1 19  ? -9.209  10.814  -10.416 1.00 16.95 ? 19  ALA A CB  1 
ATOM   150  N  N   . ASP A 1 20  ? -6.133  10.022  -10.064 1.00 13.58 ? 20  ASP A N   1 
ATOM   151  C  CA  . ASP A 1 20  ? -4.663  10.447  -10.087 1.00 11.94 ? 20  ASP A CA  1 
ATOM   152  C  C   . ASP A 1 20  ? -3.850  9.344   -9.350  1.00 12.36 ? 20  ASP A C   1 
ATOM   153  O  O   . ASP A 1 20  ? -3.549  9.441   -8.124  1.00 10.28 ? 20  ASP A O   1 
ATOM   154  C  CB  . ASP A 1 20  ? -4.561  11.752  -9.522  1.00 10.36 ? 20  ASP A CB  1 
ATOM   155  C  CG  . ASP A 1 20  ? -3.235  12.436  -9.367  1.00 10.88 ? 20  ASP A CG  1 
ATOM   156  O  OD1 . ASP A 1 20  ? -2.298  12.072  -10.073 1.00 8.94  ? 20  ASP A OD1 1 
ATOM   157  O  OD2 . ASP A 1 20  ? -3.230  13.403  -8.528  1.00 11.07 ? 20  ASP A OD2 1 
ATOM   158  N  N   . ILE A 1 21  ? -3.577  8.266   -10.128 1.00 11.87 ? 21  ILE A N   1 
ATOM   159  C  CA  . ILE A 1 21  ? -2.946  7.079   -9.510  1.00 12.59 ? 21  ILE A CA  1 
ATOM   160  C  C   . ILE A 1 21  ? -1.474  7.315   -9.153  1.00 12.87 ? 21  ILE A C   1 
ATOM   161  O  O   . ILE A 1 21  ? -0.942  6.884   -8.105  1.00 11.31 ? 21  ILE A O   1 
ATOM   162  C  CB  . ILE A 1 21  ? -3.243  5.801   -10.352 1.00 12.92 ? 21  ILE A CB  1 
ATOM   163  C  CG1 . ILE A 1 21  ? -3.186  4.557   -9.373  1.00 14.16 ? 21  ILE A CG1 1 
ATOM   164  C  CG2 . ILE A 1 21  ? -2.363  5.660   -11.594 1.00 13.43 ? 21  ILE A CG2 1 
ATOM   165  C  CD1 . ILE A 1 21  ? -3.701  3.256   -10.095 1.00 13.60 ? 21  ILE A CD1 1 
ATOM   166  N  N   . ALA A 1 22  ? -0.888  8.096   -10.099 1.00 12.99 ? 22  ALA A N   1 
ATOM   167  C  CA  . ALA A 1 22  ? 0.584   8.446   -9.906  1.00 12.66 ? 22  ALA A CA  1 
ATOM   168  C  C   . ALA A 1 22  ? 0.796   9.516   -8.866  1.00 11.92 ? 22  ALA A C   1 
ATOM   169  O  O   . ALA A 1 22  ? 1.929   9.771   -8.390  1.00 11.02 ? 22  ALA A O   1 
ATOM   170  C  CB  . ALA A 1 22  ? 1.132   8.808   -11.273 1.00 11.18 ? 22  ALA A CB  1 
ATOM   171  N  N   . GLY A 1 23  ? -0.266  10.280  -8.603  1.00 11.86 ? 23  GLY A N   1 
ATOM   172  C  CA  . GLY A 1 23  ? -0.060  11.426  -7.576  1.00 9.79  ? 23  GLY A CA  1 
ATOM   173  C  C   . GLY A 1 23  ? -0.279  10.823  -6.232  1.00 9.61  ? 23  GLY A C   1 
ATOM   174  O  O   . GLY A 1 23  ? 0.356   11.257  -5.267  1.00 9.40  ? 23  GLY A O   1 
ATOM   175  N  N   . HIS A 1 24  ? -1.228  9.872   -6.165  1.00 9.80  ? 24  HIS A N   1 
ATOM   176  C  CA  . HIS A 1 24  ? -1.485  9.168   -4.947  1.00 9.74  ? 24  HIS A CA  1 
ATOM   177  C  C   . HIS A 1 24  ? -0.328  8.245   -4.582  1.00 11.37 ? 24  HIS A C   1 
ATOM   178  O  O   . HIS A 1 24  ? -0.166  8.071   -3.310  1.00 11.81 ? 24  HIS A O   1 
ATOM   179  C  CB  . HIS A 1 24  ? -2.767  8.261   -4.838  1.00 8.26  ? 24  HIS A CB  1 
ATOM   180  C  CG  . HIS A 1 24  ? -3.956  9.151   -4.690  1.00 7.22  ? 24  HIS A CG  1 
ATOM   181  N  ND1 . HIS A 1 24  ? -4.701  9.692   -5.677  1.00 6.81  ? 24  HIS A ND1 1 
ATOM   182  C  CD2 . HIS A 1 24  ? -4.547  9.571   -3.528  1.00 7.92  ? 24  HIS A CD2 1 
ATOM   183  C  CE1 . HIS A 1 24  ? -5.633  10.480  -5.156  1.00 8.05  ? 24  HIS A CE1 1 
ATOM   184  N  NE2 . HIS A 1 24  ? -5.533  10.496  -3.838  1.00 7.63  ? 24  HIS A NE2 1 
ATOM   185  N  N   . GLY A 1 25  ? 0.445   7.621   -5.465  1.00 12.20 ? 25  GLY A N   1 
ATOM   186  C  CA  . GLY A 1 25  ? 1.555   6.690   -5.002  1.00 11.87 ? 25  GLY A CA  1 
ATOM   187  C  C   . GLY A 1 25  ? 2.861   7.416   -4.699  1.00 12.46 ? 25  GLY A C   1 
ATOM   188  O  O   . GLY A 1 25  ? 3.656   7.041   -3.792  1.00 13.25 ? 25  GLY A O   1 
ATOM   189  N  N   . GLN A 1 26  ? 3.160   8.491   -5.357  1.00 12.99 ? 26  GLN A N   1 
ATOM   190  C  CA  . GLN A 1 26  ? 4.317   9.310   -5.092  1.00 14.06 ? 26  GLN A CA  1 
ATOM   191  C  C   . GLN A 1 26  ? 4.228   9.791   -3.639  1.00 14.32 ? 26  GLN A C   1 
ATOM   192  O  O   . GLN A 1 26  ? 5.136   9.750   -2.760  1.00 12.86 ? 26  GLN A O   1 
ATOM   193  C  CB  . GLN A 1 26  ? 4.234   10.467  -6.114  1.00 16.78 ? 26  GLN A CB  1 
ATOM   194  C  CG  . GLN A 1 26  ? 5.298   11.514  -5.985  1.00 18.76 ? 26  GLN A CG  1 
ATOM   195  C  CD  . GLN A 1 26  ? 4.735   12.912  -6.236  1.00 20.01 ? 26  GLN A CD  1 
ATOM   196  O  OE1 . GLN A 1 26  ? 4.497   13.726  -5.313  1.00 20.68 ? 26  GLN A OE1 1 
ATOM   197  N  NE2 . GLN A 1 26  ? 4.577   13.030  -7.564  1.00 21.64 ? 26  GLN A NE2 1 
ATOM   198  N  N   . GLU A 1 27  ? 2.964   10.277  -3.369  1.00 13.45 ? 27  GLU A N   1 
ATOM   199  C  CA  . GLU A 1 27  ? 2.686   10.818  -1.999  1.00 13.61 ? 27  GLU A CA  1 
ATOM   200  C  C   . GLU A 1 27  ? 2.709   9.626   -1.044  1.00 12.52 ? 27  GLU A C   1 
ATOM   201  O  O   . GLU A 1 27  ? 3.516   9.786   -0.059  1.00 12.40 ? 27  GLU A O   1 
ATOM   202  C  CB  . GLU A 1 27  ? 1.420   11.666  -1.859  1.00 16.48 ? 27  GLU A CB  1 
ATOM   203  C  CG  . GLU A 1 27  ? 1.626   13.251  -1.740  1.00 20.01 ? 27  GLU A CG  1 
ATOM   204  C  CD  . GLU A 1 27  ? 0.317   14.001  -1.975  1.00 22.62 ? 27  GLU A CD  1 
ATOM   205  O  OE1 . GLU A 1 27  ? -0.034  14.052  -3.242  1.00 23.75 ? 27  GLU A OE1 1 
ATOM   206  O  OE2 . GLU A 1 27  ? -0.476  14.562  -1.210  1.00 23.05 ? 27  GLU A OE2 1 
ATOM   207  N  N   . VAL A 1 28  ? 2.071   8.510   -1.256  1.00 10.38 ? 28  VAL A N   1 
ATOM   208  C  CA  . VAL A 1 28  ? 2.095   7.385   -0.363  1.00 11.90 ? 28  VAL A CA  1 
ATOM   209  C  C   . VAL A 1 28  ? 3.530   6.977   0.070   1.00 11.83 ? 28  VAL A C   1 
ATOM   210  O  O   . VAL A 1 28  ? 3.976   6.797   1.224   1.00 13.09 ? 28  VAL A O   1 
ATOM   211  C  CB  . VAL A 1 28  ? 1.261   6.267   -1.009  1.00 10.66 ? 28  VAL A CB  1 
ATOM   212  C  CG1 . VAL A 1 28  ? 1.325   4.902   -0.297  1.00 10.45 ? 28  VAL A CG1 1 
ATOM   213  C  CG2 . VAL A 1 28  ? -0.187  6.600   -0.944  1.00 10.12 ? 28  VAL A CG2 1 
ATOM   214  N  N   . LEU A 1 29  ? 4.340   6.847   -0.947  1.00 14.08 ? 29  LEU A N   1 
ATOM   215  C  CA  . LEU A 1 29  ? 5.751   6.416   -0.935  1.00 14.49 ? 29  LEU A CA  1 
ATOM   216  C  C   . LEU A 1 29  ? 6.611   7.474   -0.292  1.00 13.64 ? 29  LEU A C   1 
ATOM   217  O  O   . LEU A 1 29  ? 7.343   7.069   0.621   1.00 12.64 ? 29  LEU A O   1 
ATOM   218  C  CB  . LEU A 1 29  ? 6.104   5.942   -2.362  1.00 16.63 ? 29  LEU A CB  1 
ATOM   219  C  CG  . LEU A 1 29  ? 6.067   4.422   -2.588  1.00 18.35 ? 29  LEU A CG  1 
ATOM   220  C  CD1 . LEU A 1 29  ? 4.595   3.909   -2.562  1.00 18.60 ? 29  LEU A CD1 1 
ATOM   221  C  CD2 . LEU A 1 29  ? 6.746   4.096   -3.917  1.00 18.00 ? 29  LEU A CD2 1 
ATOM   222  N  N   . ILE A 1 30  ? 6.483   8.718   -0.681  1.00 13.78 ? 30  ILE A N   1 
ATOM   223  C  CA  . ILE A 1 30  ? 7.204   9.804   -0.013  1.00 13.15 ? 30  ILE A CA  1 
ATOM   224  C  C   . ILE A 1 30  ? 6.981   9.652   1.499   1.00 12.64 ? 30  ILE A C   1 
ATOM   225  O  O   . ILE A 1 30  ? 7.992   9.774   2.221   1.00 13.65 ? 30  ILE A O   1 
ATOM   226  C  CB  . ILE A 1 30  ? 6.830   11.288  -0.494  1.00 13.76 ? 30  ILE A CB  1 
ATOM   227  C  CG1 . ILE A 1 30  ? 7.676   11.736  -1.711  1.00 12.76 ? 30  ILE A CG1 1 
ATOM   228  C  CG2 . ILE A 1 30  ? 6.946   12.426  0.588   1.00 13.86 ? 30  ILE A CG2 1 
ATOM   229  C  CD1 . ILE A 1 30  ? 6.985   12.401  -2.903  1.00 14.72 ? 30  ILE A CD1 1 
ATOM   230  N  N   . ARG A 1 31  ? 5.737   9.446   1.833   1.00 11.58 ? 31  ARG A N   1 
ATOM   231  C  CA  . ARG A 1 31  ? 5.257   9.461   3.199   1.00 10.45 ? 31  ARG A CA  1 
ATOM   232  C  C   . ARG A 1 31  ? 5.854   8.296   3.986   1.00 10.87 ? 31  ARG A C   1 
ATOM   233  O  O   . ARG A 1 31  ? 6.055   8.288   5.139   1.00 11.16 ? 31  ARG A O   1 
ATOM   234  C  CB  . ARG A 1 31  ? 3.728   9.585   3.198   1.00 9.26  ? 31  ARG A CB  1 
ATOM   235  C  CG  . ARG A 1 31  ? 2.976   9.317   4.493   1.00 7.21  ? 31  ARG A CG  1 
ATOM   236  C  CD  . ARG A 1 31  ? 3.256   10.165  5.642   1.00 7.54  ? 31  ARG A CD  1 
ATOM   237  N  NE  . ARG A 1 31  ? 2.743   10.131  6.902   1.00 7.55  ? 31  ARG A NE  1 
ATOM   238  C  CZ  . ARG A 1 31  ? 2.614   10.920  8.004   1.00 7.72  ? 31  ARG A CZ  1 
ATOM   239  N  NH1 . ARG A 1 31  ? 3.085   12.164  8.076   1.00 5.35  ? 31  ARG A NH1 1 
ATOM   240  N  NH2 . ARG A 1 31  ? 1.990   10.412  9.065   1.00 7.49  ? 31  ARG A NH2 1 
ATOM   241  N  N   . LEU A 1 32  ? 6.149   7.187   3.255   1.00 10.81 ? 32  LEU A N   1 
ATOM   242  C  CA  . LEU A 1 32  ? 6.724   5.997   3.808   1.00 9.96  ? 32  LEU A CA  1 
ATOM   243  C  C   . LEU A 1 32  ? 8.222   6.242   4.042   1.00 10.32 ? 32  LEU A C   1 
ATOM   244  O  O   . LEU A 1 32  ? 8.788   5.944   5.095   1.00 10.56 ? 32  LEU A O   1 
ATOM   245  C  CB  . LEU A 1 32  ? 6.425   4.845   2.836   1.00 9.21  ? 32  LEU A CB  1 
ATOM   246  C  CG  . LEU A 1 32  ? 7.301   3.643   2.889   1.00 7.97  ? 32  LEU A CG  1 
ATOM   247  C  CD1 . LEU A 1 32  ? 6.964   2.760   4.062   1.00 8.77  ? 32  LEU A CD1 1 
ATOM   248  C  CD2 . LEU A 1 32  ? 7.119   2.878   1.539   1.00 9.06  ? 32  LEU A CD2 1 
ATOM   249  N  N   . PHE A 1 33  ? 8.826   6.795   2.966   1.00 10.60 ? 33  PHE A N   1 
ATOM   250  C  CA  . PHE A 1 33  ? 10.280  7.023   2.977   1.00 9.65  ? 33  PHE A CA  1 
ATOM   251  C  C   . PHE A 1 33  ? 10.741  8.008   4.033   1.00 10.63 ? 33  PHE A C   1 
ATOM   252  O  O   . PHE A 1 33  ? 11.831  7.648   4.517   1.00 10.28 ? 33  PHE A O   1 
ATOM   253  C  CB  . PHE A 1 33  ? 10.828  7.327   1.634   1.00 9.62  ? 33  PHE A CB  1 
ATOM   254  C  CG  . PHE A 1 33  ? 10.616  6.294   0.543   1.00 11.34 ? 33  PHE A CG  1 
ATOM   255  C  CD1 . PHE A 1 33  ? 10.424  4.933   0.740   1.00 11.22 ? 33  PHE A CD1 1 
ATOM   256  C  CD2 . PHE A 1 33  ? 10.661  6.809   -0.794  1.00 12.24 ? 33  PHE A CD2 1 
ATOM   257  C  CE1 . PHE A 1 33  ? 10.215  4.074   -0.346  1.00 11.94 ? 33  PHE A CE1 1 
ATOM   258  C  CE2 . PHE A 1 33  ? 10.464  5.981   -1.885  1.00 11.97 ? 33  PHE A CE2 1 
ATOM   259  C  CZ  . PHE A 1 33  ? 10.249  4.586   -1.629  1.00 13.58 ? 33  PHE A CZ  1 
ATOM   260  N  N   . THR A 1 34  ? 10.017  9.071   4.261   1.00 10.50 ? 34  THR A N   1 
ATOM   261  C  CA  . THR A 1 34  ? 10.413  10.088  5.263   1.00 12.47 ? 34  THR A CA  1 
ATOM   262  C  C   . THR A 1 34  ? 10.054  9.757   6.713   1.00 12.04 ? 34  THR A C   1 
ATOM   263  O  O   . THR A 1 34  ? 10.594  10.317  7.655   1.00 12.79 ? 34  THR A O   1 
ATOM   264  C  CB  . THR A 1 34  ? 9.798   11.497  4.848   1.00 12.55 ? 34  THR A CB  1 
ATOM   265  O  OG1 . THR A 1 34  ? 8.352   11.371  4.788   1.00 13.23 ? 34  THR A OG1 1 
ATOM   266  C  CG2 . THR A 1 34  ? 10.221  11.946  3.426   1.00 14.49 ? 34  THR A CG2 1 
ATOM   267  N  N   . GLY A 1 35  ? 9.095   8.912   6.942   1.00 13.50 ? 35  GLY A N   1 
ATOM   268  C  CA  . GLY A 1 35  ? 8.467   8.373   8.119   1.00 14.44 ? 35  GLY A CA  1 
ATOM   269  C  C   . GLY A 1 35  ? 9.299   7.210   8.678   1.00 15.18 ? 35  GLY A C   1 
ATOM   270  O  O   . GLY A 1 35  ? 9.383   6.958   9.852   1.00 16.33 ? 35  GLY A O   1 
ATOM   271  N  N   . HIS A 1 36  ? 9.920   6.470   7.759   1.00 15.61 ? 36  HIS A N   1 
ATOM   272  C  CA  . HIS A 1 36  ? 10.722  5.263   8.045   1.00 14.91 ? 36  HIS A CA  1 
ATOM   273  C  C   . HIS A 1 36  ? 11.803  5.120   7.072   1.00 14.90 ? 36  HIS A C   1 
ATOM   274  O  O   . HIS A 1 36  ? 11.845  4.289   6.095   1.00 15.62 ? 36  HIS A O   1 
ATOM   275  C  CB  . HIS A 1 36  ? 9.819   3.987   8.040   1.00 15.25 ? 36  HIS A CB  1 
ATOM   276  C  CG  . HIS A 1 36  ? 8.668   4.156   9.027   1.00 15.15 ? 36  HIS A CG  1 
ATOM   277  N  ND1 . HIS A 1 36  ? 8.654   3.592   10.302  1.00 15.24 ? 36  HIS A ND1 1 
ATOM   278  C  CD2 . HIS A 1 36  ? 7.472   4.740   8.833   1.00 14.79 ? 36  HIS A CD2 1 
ATOM   279  C  CE1 . HIS A 1 36  ? 7.472   3.852   10.849  1.00 15.12 ? 36  HIS A CE1 1 
ATOM   280  N  NE2 . HIS A 1 36  ? 6.740   4.551   9.965   1.00 15.22 ? 36  HIS A NE2 1 
ATOM   281  N  N   . PRO A 1 37  ? 12.834  5.991   7.264   1.00 14.50 ? 37  PRO A N   1 
ATOM   282  C  CA  . PRO A 1 37  ? 13.985  5.965   6.355   1.00 14.21 ? 37  PRO A CA  1 
ATOM   283  C  C   . PRO A 1 37  ? 14.538  4.618   6.040   1.00 13.28 ? 37  PRO A C   1 
ATOM   284  O  O   . PRO A 1 37  ? 15.222  4.357   5.050   1.00 12.34 ? 37  PRO A O   1 
ATOM   285  C  CB  . PRO A 1 37  ? 15.035  6.848   7.105   1.00 14.08 ? 37  PRO A CB  1 
ATOM   286  C  CG  . PRO A 1 37  ? 14.134  7.887   7.701   1.00 13.95 ? 37  PRO A CG  1 
ATOM   287  C  CD  . PRO A 1 37  ? 12.980  6.981   8.273   1.00 14.75 ? 37  PRO A CD  1 
ATOM   288  N  N   . GLU A 1 38  ? 14.266  3.662   6.967   1.00 13.23 ? 38  GLU A N   1 
ATOM   289  C  CA  . GLU A 1 38  ? 14.852  2.356   6.923   1.00 12.54 ? 38  GLU A CA  1 
ATOM   290  C  C   . GLU A 1 38  ? 14.343  1.611   5.698   1.00 13.62 ? 38  GLU A C   1 
ATOM   291  O  O   . GLU A 1 38  ? 15.139  0.731   5.309   1.00 14.67 ? 38  GLU A O   1 
ATOM   292  C  CB  . GLU A 1 38  ? 14.636  1.391   8.110   1.00 10.69 ? 38  GLU A CB  1 
ATOM   293  C  CG  . GLU A 1 38  ? 13.214  1.036   8.488   1.00 9.74  ? 38  GLU A CG  1 
ATOM   294  C  CD  . GLU A 1 38  ? 12.402  2.032   9.280   1.00 9.16  ? 38  GLU A CD  1 
ATOM   295  O  OE1 . GLU A 1 38  ? 12.641  3.207   9.081   1.00 5.43  ? 38  GLU A OE1 1 
ATOM   296  O  OE2 . GLU A 1 38  ? 11.550  1.733   10.161  1.00 9.52  ? 38  GLU A OE2 1 
ATOM   297  N  N   . THR A 1 39  ? 13.107  1.926   5.354   1.00 12.61 ? 39  THR A N   1 
ATOM   298  C  CA  . THR A 1 39  ? 12.436  1.220   4.209   1.00 12.44 ? 39  THR A CA  1 
ATOM   299  C  C   . THR A 1 39  ? 13.001  1.609   2.868   1.00 12.34 ? 39  THR A C   1 
ATOM   300  O  O   . THR A 1 39  ? 13.073  0.863   1.874   1.00 12.85 ? 39  THR A O   1 
ATOM   301  C  CB  . THR A 1 39  ? 10.889  1.556   4.325   1.00 11.82 ? 39  THR A CB  1 
ATOM   302  O  OG1 . THR A 1 39  ? 10.918  3.009   4.104   1.00 11.26 ? 39  THR A OG1 1 
ATOM   303  C  CG2 . THR A 1 39  ? 10.142  1.276   5.643   1.00 11.93 ? 39  THR A CG2 1 
ATOM   304  N  N   . LEU A 1 40  ? 13.485  2.832   2.785   1.00 12.93 ? 40  LEU A N   1 
ATOM   305  C  CA  . LEU A 1 40  ? 14.104  3.398   1.558   1.00 13.87 ? 40  LEU A CA  1 
ATOM   306  C  C   . LEU A 1 40  ? 15.360  2.673   1.181   1.00 13.81 ? 40  LEU A C   1 
ATOM   307  O  O   . LEU A 1 40  ? 15.639  2.431   0.008   1.00 13.55 ? 40  LEU A O   1 
ATOM   308  C  CB  . LEU A 1 40  ? 14.194  4.944   1.823   1.00 14.11 ? 40  LEU A CB  1 
ATOM   309  C  CG  . LEU A 1 40  ? 14.978  5.780   0.879   1.00 14.34 ? 40  LEU A CG  1 
ATOM   310  C  CD1 . LEU A 1 40  ? 14.434  5.845   -0.550  1.00 13.53 ? 40  LEU A CD1 1 
ATOM   311  C  CD2 . LEU A 1 40  ? 14.995  7.260   1.426   1.00 15.62 ? 40  LEU A CD2 1 
ATOM   312  N  N   . GLU A 1 41  ? 16.181  2.155   2.158   1.00 15.14 ? 41  GLU A N   1 
ATOM   313  C  CA  . GLU A 1 41  ? 17.384  1.378   1.816   1.00 14.08 ? 41  GLU A CA  1 
ATOM   314  C  C   . GLU A 1 41  ? 17.127  0.080   1.078   1.00 14.33 ? 41  GLU A C   1 
ATOM   315  O  O   . GLU A 1 41  ? 18.090  -0.443  0.478   1.00 14.56 ? 41  GLU A O   1 
ATOM   316  C  CB  . GLU A 1 41  ? 18.262  1.043   3.027   1.00 14.07 ? 41  GLU A CB  1 
ATOM   317  C  CG  . GLU A 1 41  ? 18.898  2.058   3.802   1.00 15.01 ? 41  GLU A CG  1 
ATOM   318  C  CD  . GLU A 1 41  ? 19.523  3.276   3.295   1.00 16.81 ? 41  GLU A CD  1 
ATOM   319  O  OE1 . GLU A 1 41  ? 20.750  2.988   2.954   1.00 17.89 ? 41  GLU A OE1 1 
ATOM   320  O  OE2 . GLU A 1 41  ? 18.966  4.354   3.063   1.00 17.40 ? 41  GLU A OE2 1 
ATOM   321  N  N   . LYS A 1 42  ? 15.910  -0.446  1.014   1.00 14.73 ? 42  LYS A N   1 
ATOM   322  C  CA  . LYS A 1 42  ? 15.605  -1.721  0.346   1.00 14.05 ? 42  LYS A CA  1 
ATOM   323  C  C   . LYS A 1 42  ? 15.583  -1.667  -1.150  1.00 14.40 ? 42  LYS A C   1 
ATOM   324  O  O   . LYS A 1 42  ? 15.583  -2.713  -1.893  1.00 13.71 ? 42  LYS A O   1 
ATOM   325  C  CB  . LYS A 1 42  ? 14.224  -2.197  0.892   1.00 14.08 ? 42  LYS A CB  1 
ATOM   326  C  CG  . LYS A 1 42  ? 14.261  -2.435  2.415   1.00 15.22 ? 42  LYS A CG  1 
ATOM   327  C  CD  . LYS A 1 42  ? 15.239  -3.555  2.787   1.00 14.89 ? 42  LYS A CD  1 
ATOM   328  C  CE  . LYS A 1 42  ? 14.833  -4.368  3.982   1.00 14.22 ? 42  LYS A CE  1 
ATOM   329  N  NZ  . LYS A 1 42  ? 14.486  -5.766  3.530   1.00 16.39 ? 42  LYS A NZ  1 
ATOM   330  N  N   . PHE A 1 43  ? 15.477  -0.473  -1.580  1.00 13.13 ? 43  PHE A N   1 
ATOM   331  C  CA  . PHE A 1 43  ? 15.392  -0.101  -2.954  1.00 14.72 ? 43  PHE A CA  1 
ATOM   332  C  C   . PHE A 1 43  ? 16.789  0.326   -3.428  1.00 14.34 ? 43  PHE A C   1 
ATOM   333  O  O   . PHE A 1 43  ? 17.390  1.201   -2.930  1.00 14.40 ? 43  PHE A O   1 
ATOM   334  C  CB  . PHE A 1 43  ? 14.306  1.020   -3.184  1.00 12.22 ? 43  PHE A CB  1 
ATOM   335  C  CG  . PHE A 1 43  ? 12.888  0.687   -2.774  1.00 10.25 ? 43  PHE A CG  1 
ATOM   336  C  CD1 . PHE A 1 43  ? 12.038  0.142   -3.763  1.00 9.66  ? 43  PHE A CD1 1 
ATOM   337  C  CD2 . PHE A 1 43  ? 12.345  0.966   -1.572  1.00 7.98  ? 43  PHE A CD2 1 
ATOM   338  C  CE1 . PHE A 1 43  ? 10.741  -0.199  -3.423  1.00 9.04  ? 43  PHE A CE1 1 
ATOM   339  C  CE2 . PHE A 1 43  ? 11.032  0.660   -1.242  1.00 8.50  ? 43  PHE A CE2 1 
ATOM   340  C  CZ  . PHE A 1 43  ? 10.197  0.078   -2.192  1.00 7.28  ? 43  PHE A CZ  1 
ATOM   341  N  N   . ASP A 1 44  ? 17.287  -0.418  -4.433  1.00 16.96 ? 44  ASP A N   1 
ATOM   342  C  CA  . ASP A 1 44  ? 18.636  0.057   -4.931  1.00 18.45 ? 44  ASP A CA  1 
ATOM   343  C  C   . ASP A 1 44  ? 18.259  1.153   -5.977  1.00 19.84 ? 44  ASP A C   1 
ATOM   344  O  O   . ASP A 1 44  ? 19.215  1.873   -6.328  1.00 20.65 ? 44  ASP A O   1 
ATOM   345  C  CB  . ASP A 1 44  ? 19.595  -1.054  -5.313  1.00 18.32 ? 44  ASP A CB  1 
ATOM   346  C  CG  . ASP A 1 44  ? 19.355  -2.339  -4.512  1.00 18.43 ? 44  ASP A CG  1 
ATOM   347  O  OD1 . ASP A 1 44  ? 19.518  -2.185  -3.264  1.00 18.72 ? 44  ASP A OD1 1 
ATOM   348  O  OD2 . ASP A 1 44  ? 19.025  -3.416  -5.100  1.00 17.22 ? 44  ASP A OD2 1 
ATOM   349  N  N   . LYS A 1 45  ? 16.980  1.356   -6.367  1.00 20.13 ? 45  LYS A N   1 
ATOM   350  C  CA  . LYS A 1 45  ? 16.814  2.512   -7.335  1.00 20.96 ? 45  LYS A CA  1 
ATOM   351  C  C   . LYS A 1 45  ? 16.334  3.826   -6.709  1.00 20.94 ? 45  LYS A C   1 
ATOM   352  O  O   . LYS A 1 45  ? 16.270  4.842   -7.503  1.00 19.34 ? 45  LYS A O   1 
ATOM   353  C  CB  . LYS A 1 45  ? 16.009  2.097   -8.569  1.00 22.02 ? 45  LYS A CB  1 
ATOM   354  C  CG  . LYS A 1 45  ? 14.471  1.894   -8.347  1.00 21.23 ? 45  LYS A CG  1 
ATOM   355  C  CD  . LYS A 1 45  ? 13.937  0.587   -8.864  1.00 21.24 ? 45  LYS A CD  1 
ATOM   356  C  CE  . LYS A 1 45  ? 13.118  0.552   -10.078 1.00 20.83 ? 45  LYS A CE  1 
ATOM   357  N  NZ  . LYS A 1 45  ? 11.796  -0.152  -10.127 1.00 21.14 ? 45  LYS A NZ  1 
ATOM   358  N  N   . PHE A 1 46  ? 16.150  3.974   -5.408  1.00 20.41 ? 46  PHE A N   1 
ATOM   359  C  CA  . PHE A 1 46  ? 15.739  5.242   -4.791  1.00 21.08 ? 46  PHE A CA  1 
ATOM   360  C  C   . PHE A 1 46  ? 16.526  5.574   -3.515  1.00 21.50 ? 46  PHE A C   1 
ATOM   361  O  O   . PHE A 1 46  ? 16.085  6.496   -2.805  1.00 19.99 ? 46  PHE A O   1 
ATOM   362  C  CB  . PHE A 1 46  ? 14.235  5.314   -4.460  1.00 21.13 ? 46  PHE A CB  1 
ATOM   363  C  CG  . PHE A 1 46  ? 13.288  4.777   -5.484  1.00 21.77 ? 46  PHE A CG  1 
ATOM   364  C  CD1 . PHE A 1 46  ? 13.316  5.123   -6.804  1.00 20.63 ? 46  PHE A CD1 1 
ATOM   365  C  CD2 . PHE A 1 46  ? 12.295  3.851   -5.036  1.00 21.30 ? 46  PHE A CD2 1 
ATOM   366  C  CE1 . PHE A 1 46  ? 12.391  4.608   -7.721  1.00 20.96 ? 46  PHE A CE1 1 
ATOM   367  C  CE2 . PHE A 1 46  ? 11.373  3.348   -5.960  1.00 20.86 ? 46  PHE A CE2 1 
ATOM   368  C  CZ  . PHE A 1 46  ? 11.441  3.693   -7.300  1.00 20.81 ? 46  PHE A CZ  1 
ATOM   369  N  N   . LYS A 1 47  ? 17.575  4.762   -3.257  1.00 21.78 ? 47  LYS A N   1 
ATOM   370  C  CA  . LYS A 1 47  ? 18.377  4.920   -2.070  1.00 23.16 ? 47  LYS A CA  1 
ATOM   371  C  C   . LYS A 1 47  ? 19.148  6.241   -2.060  1.00 23.72 ? 47  LYS A C   1 
ATOM   372  O  O   . LYS A 1 47  ? 19.613  6.704   -0.976  1.00 24.14 ? 47  LYS A O   1 
ATOM   373  C  CB  . LYS A 1 47  ? 19.406  3.821   -1.861  1.00 23.85 ? 47  LYS A CB  1 
ATOM   374  C  CG  . LYS A 1 47  ? 20.502  3.679   -2.942  1.00 25.02 ? 47  LYS A CG  1 
ATOM   375  C  CD  . LYS A 1 47  ? 20.646  2.136   -3.208  1.00 25.68 ? 47  LYS A CD  1 
ATOM   376  C  CE  . LYS A 1 47  ? 21.728  1.523   -2.275  1.00 25.60 ? 47  LYS A CE  1 
ATOM   377  N  NZ  . LYS A 1 47  ? 20.991  0.384   -1.642  1.00 26.42 ? 47  LYS A NZ  1 
ATOM   378  N  N   . HIS A 1 48  ? 19.308  6.779   -3.234  1.00 24.57 ? 48  HIS A N   1 
ATOM   379  C  CA  . HIS A 1 48  ? 20.026  8.004   -3.566  1.00 24.83 ? 48  HIS A CA  1 
ATOM   380  C  C   . HIS A 1 48  ? 19.202  9.202   -3.223  1.00 25.18 ? 48  HIS A C   1 
ATOM   381  O  O   . HIS A 1 48  ? 19.609  10.373  -3.264  1.00 26.98 ? 48  HIS A O   1 
ATOM   382  C  CB  . HIS A 1 48  ? 20.367  8.055   -5.095  1.00 23.97 ? 48  HIS A CB  1 
ATOM   383  C  CG  . HIS A 1 48  ? 19.153  8.044   -6.004  1.00 23.75 ? 48  HIS A CG  1 
ATOM   384  N  ND1 . HIS A 1 48  ? 18.514  9.198   -6.501  1.00 22.71 ? 48  HIS A ND1 1 
ATOM   385  C  CD2 . HIS A 1 48  ? 18.427  7.010   -6.508  1.00 22.70 ? 48  HIS A CD2 1 
ATOM   386  C  CE1 . HIS A 1 48  ? 17.498  8.782   -7.244  1.00 21.83 ? 48  HIS A CE1 1 
ATOM   387  N  NE2 . HIS A 1 48  ? 17.442  7.509   -7.262  1.00 21.42 ? 48  HIS A NE2 1 
ATOM   388  N  N   . LEU A 1 49  ? 17.914  8.966   -2.998  1.00 26.15 ? 49  LEU A N   1 
ATOM   389  C  CA  . LEU A 1 49  ? 17.027  10.138  -2.739  1.00 25.29 ? 49  LEU A CA  1 
ATOM   390  C  C   . LEU A 1 49  ? 17.227  10.559  -1.317  1.00 25.94 ? 49  LEU A C   1 
ATOM   391  O  O   . LEU A 1 49  ? 16.653  9.911   -0.404  1.00 26.01 ? 49  LEU A O   1 
ATOM   392  C  CB  . LEU A 1 49  ? 15.648  9.727   -3.186  1.00 25.15 ? 49  LEU A CB  1 
ATOM   393  C  CG  . LEU A 1 49  ? 15.441  9.463   -4.663  1.00 25.58 ? 49  LEU A CG  1 
ATOM   394  C  CD1 . LEU A 1 49  ? 13.969  9.067   -4.906  1.00 25.06 ? 49  LEU A CD1 1 
ATOM   395  C  CD2 . LEU A 1 49  ? 15.761  10.724  -5.466  1.00 26.30 ? 49  LEU A CD2 1 
ATOM   396  N  N   . LYS A 1 50  ? 18.060  11.603  -1.141  1.00 25.26 ? 50  LYS A N   1 
ATOM   397  C  CA  . LYS A 1 50  ? 18.204  12.063  0.287   1.00 24.19 ? 50  LYS A CA  1 
ATOM   398  C  C   . LYS A 1 50  ? 17.002  12.912  0.644   1.00 23.31 ? 50  LYS A C   1 
ATOM   399  O  O   . LYS A 1 50  ? 16.248  12.584  1.613   1.00 23.82 ? 50  LYS A O   1 
ATOM   400  C  CB  . LYS A 1 50  ? 19.529  12.767  0.481   1.00 25.55 ? 50  LYS A CB  1 
ATOM   401  C  CG  . LYS A 1 50  ? 20.272  12.265  1.761   1.00 25.35 ? 50  LYS A CG  1 
ATOM   402  C  CD  . LYS A 1 50  ? 21.198  13.394  2.252   1.00 27.02 ? 50  LYS A CD  1 
ATOM   403  C  CE  . LYS A 1 50  ? 20.577  14.592  2.941   1.00 26.38 ? 50  LYS A CE  1 
ATOM   404  N  NZ  . LYS A 1 50  ? 21.081  14.712  4.344   1.00 26.14 ? 50  LYS A NZ  1 
ATOM   405  N  N   . THR A 1 51  ? 16.708  13.979  0.004   1.00 21.25 ? 51  THR A N   1 
ATOM   406  C  CA  . THR A 1 51  ? 15.618  14.885  0.290   1.00 20.83 ? 51  THR A CA  1 
ATOM   407  C  C   . THR A 1 51  ? 14.260  14.448  -0.279  1.00 20.06 ? 51  THR A C   1 
ATOM   408  O  O   . THR A 1 51  ? 14.127  13.574  -1.065  1.00 19.00 ? 51  THR A O   1 
ATOM   409  C  CB  . THR A 1 51  ? 15.950  16.359  -0.188  1.00 20.31 ? 51  THR A CB  1 
ATOM   410  O  OG1 . THR A 1 51  ? 16.074  16.363  -1.710  1.00 21.38 ? 51  THR A OG1 1 
ATOM   411  C  CG2 . THR A 1 51  ? 17.209  16.846  0.496   1.00 20.06 ? 51  THR A CG2 1 
ATOM   412  N  N   . GLU A 1 52  ? 13.285  15.130  0.264   1.00 19.69 ? 52  GLU A N   1 
ATOM   413  C  CA  . GLU A 1 52  ? 11.877  14.993  -0.116  1.00 19.74 ? 52  GLU A CA  1 
ATOM   414  C  C   . GLU A 1 52  ? 11.580  15.687  -1.445  1.00 18.95 ? 52  GLU A C   1 
ATOM   415  O  O   . GLU A 1 52  ? 10.623  15.367  -2.176  1.00 17.19 ? 52  GLU A O   1 
ATOM   416  C  CB  . GLU A 1 52  ? 10.983  15.438  1.044   1.00 19.71 ? 52  GLU A CB  1 
ATOM   417  C  CG  . GLU A 1 52  ? 9.600   14.905  0.846   1.00 21.60 ? 52  GLU A CG  1 
ATOM   418  C  CD  . GLU A 1 52  ? 8.420   15.586  1.400   1.00 22.26 ? 52  GLU A CD  1 
ATOM   419  O  OE1 . GLU A 1 52  ? 8.582   15.930  2.594   1.00 22.87 ? 52  GLU A OE1 1 
ATOM   420  O  OE2 . GLU A 1 52  ? 7.390   15.722  0.715   1.00 23.19 ? 52  GLU A OE2 1 
ATOM   421  N  N   . ALA A 1 53  ? 12.440  16.649  -1.840  1.00 19.03 ? 53  ALA A N   1 
ATOM   422  C  CA  . ALA A 1 53  ? 12.309  17.341  -3.162  1.00 17.98 ? 53  ALA A CA  1 
ATOM   423  C  C   . ALA A 1 53  ? 13.015  16.418  -4.174  1.00 19.15 ? 53  ALA A C   1 
ATOM   424  O  O   . ALA A 1 53  ? 12.486  16.198  -5.284  1.00 20.12 ? 53  ALA A O   1 
ATOM   425  C  CB  . ALA A 1 53  ? 12.888  18.690  -3.239  1.00 17.13 ? 53  ALA A CB  1 
ATOM   426  N  N   . GLU A 1 54  ? 14.220  15.861  -3.803  1.00 18.15 ? 54  GLU A N   1 
ATOM   427  C  CA  . GLU A 1 54  ? 14.813  14.987  -4.809  1.00 17.77 ? 54  GLU A CA  1 
ATOM   428  C  C   . GLU A 1 54  ? 13.762  13.869  -5.075  1.00 16.86 ? 54  GLU A C   1 
ATOM   429  O  O   . GLU A 1 54  ? 13.647  13.422  -6.150  1.00 16.57 ? 54  GLU A O   1 
ATOM   430  C  CB  . GLU A 1 54  ? 16.135  14.341  -4.574  1.00 17.73 ? 54  GLU A CB  1 
ATOM   431  C  CG  . GLU A 1 54  ? 17.471  15.169  -4.447  1.00 17.69 ? 54  GLU A CG  1 
ATOM   432  C  CD  . GLU A 1 54  ? 18.438  14.289  -3.718  1.00 18.62 ? 54  GLU A CD  1 
ATOM   433  O  OE1 . GLU A 1 54  ? 18.012  14.017  -2.519  1.00 19.13 ? 54  GLU A OE1 1 
ATOM   434  O  OE2 . GLU A 1 54  ? 19.392  13.801  -4.254  1.00 19.37 ? 54  GLU A OE2 1 
ATOM   435  N  N   . MET A 1 55  ? 13.003  13.609  -4.017  1.00 16.83 ? 55  MET A N   1 
ATOM   436  C  CA  . MET A 1 55  ? 12.009  12.518  -4.187  1.00 17.35 ? 55  MET A CA  1 
ATOM   437  C  C   . MET A 1 55  ? 10.859  12.946  -5.066  1.00 16.40 ? 55  MET A C   1 
ATOM   438  O  O   . MET A 1 55  ? 10.402  12.131  -5.840  1.00 16.21 ? 55  MET A O   1 
ATOM   439  C  CB  . MET A 1 55  ? 11.432  12.091  -2.852  1.00 17.06 ? 55  MET A CB  1 
ATOM   440  C  CG  . MET A 1 55  ? 12.371  11.576  -1.895  1.00 18.43 ? 55  MET A CG  1 
ATOM   441  S  SD  . MET A 1 55  ? 11.683  10.752  -0.499  1.00 19.38 ? 55  MET A SD  1 
ATOM   442  C  CE  . MET A 1 55  ? 10.130  11.246  0.010   1.00 20.64 ? 55  MET A CE  1 
ATOM   443  N  N   . LYS A 1 56  ? 10.260  14.116  -4.717  1.00 16.60 ? 56  LYS A N   1 
ATOM   444  C  CA  . LYS A 1 56  ? 9.082   14.566  -5.469  1.00 17.27 ? 56  LYS A CA  1 
ATOM   445  C  C   . LYS A 1 56  ? 9.524   14.887  -6.887  1.00 17.42 ? 56  LYS A C   1 
ATOM   446  O  O   . LYS A 1 56  ? 8.602   14.764  -7.694  1.00 19.05 ? 56  LYS A O   1 
ATOM   447  C  CB  . LYS A 1 56  ? 8.334   15.838  -5.028  1.00 18.88 ? 56  LYS A CB  1 
ATOM   448  C  CG  . LYS A 1 56  ? 7.158   15.362  -4.182  1.00 20.60 ? 56  LYS A CG  1 
ATOM   449  C  CD  . LYS A 1 56  ? 6.662   16.291  -3.141  1.00 21.69 ? 56  LYS A CD  1 
ATOM   450  C  CE  . LYS A 1 56  ? 5.246   16.778  -3.459  1.00 23.91 ? 56  LYS A CE  1 
ATOM   451  N  NZ  . LYS A 1 56  ? 4.912   17.143  -4.864  1.00 23.63 ? 56  LYS A NZ  1 
ATOM   452  N  N   . ALA A 1 57  ? 10.795  15.242  -7.093  1.00 17.17 ? 57  ALA A N   1 
ATOM   453  C  CA  . ALA A 1 57  ? 11.224  15.590  -8.470  1.00 16.27 ? 57  ALA A CA  1 
ATOM   454  C  C   . ALA A 1 57  ? 11.245  14.309  -9.273  1.00 16.61 ? 57  ALA A C   1 
ATOM   455  O  O   . ALA A 1 57  ? 10.672  14.205  -10.380 1.00 16.46 ? 57  ALA A O   1 
ATOM   456  C  CB  . ALA A 1 57  ? 12.475  16.346  -8.244  1.00 17.03 ? 57  ALA A CB  1 
ATOM   457  N  N   . SER A 1 58  ? 11.760  13.268  -8.690  1.00 16.65 ? 58  SER A N   1 
ATOM   458  C  CA  . SER A 1 58  ? 11.919  11.915  -9.214  1.00 15.82 ? 58  SER A CA  1 
ATOM   459  C  C   . SER A 1 58  ? 10.679  11.419  -9.965  1.00 15.99 ? 58  SER A C   1 
ATOM   460  O  O   . SER A 1 58  ? 9.633   11.336  -9.325  1.00 16.02 ? 58  SER A O   1 
ATOM   461  C  CB  . SER A 1 58  ? 12.135  10.825  -8.159  1.00 15.65 ? 58  SER A CB  1 
ATOM   462  O  OG  . SER A 1 58  ? 12.659  9.702   -8.821  1.00 15.69 ? 58  SER A OG  1 
ATOM   463  N  N   . GLU A 1 59  ? 10.938  11.133  -11.233 1.00 15.73 ? 59  GLU A N   1 
ATOM   464  C  CA  . GLU A 1 59  ? 10.012  10.587  -12.216 1.00 14.42 ? 59  GLU A CA  1 
ATOM   465  C  C   . GLU A 1 59  ? 9.992   9.034   -12.095 1.00 13.74 ? 59  GLU A C   1 
ATOM   466  O  O   . GLU A 1 59  ? 8.964   8.362   -12.399 1.00 12.87 ? 59  GLU A O   1 
ATOM   467  C  CB  . GLU A 1 59  ? 10.193  11.045  -13.614 1.00 15.45 ? 59  GLU A CB  1 
ATOM   468  C  CG  . GLU A 1 59  ? 9.090   11.658  -14.425 1.00 15.63 ? 59  GLU A CG  1 
ATOM   469  C  CD  . GLU A 1 59  ? 8.069   12.474  -13.666 1.00 16.83 ? 59  GLU A CD  1 
ATOM   470  O  OE1 . GLU A 1 59  ? 8.444   13.562  -13.234 1.00 15.60 ? 59  GLU A OE1 1 
ATOM   471  O  OE2 . GLU A 1 59  ? 6.959   11.974  -13.430 1.00 18.00 ? 59  GLU A OE2 1 
ATOM   472  N  N   . ASP A 1 60  ? 10.941  8.495   -11.462 1.00 12.40 ? 60  ASP A N   1 
ATOM   473  C  CA  . ASP A 1 60  ? 11.044  6.993   -11.200 1.00 12.75 ? 60  ASP A CA  1 
ATOM   474  C  C   . ASP A 1 60  ? 10.218  6.598   -9.976  1.00 11.74 ? 60  ASP A C   1 
ATOM   475  O  O   . ASP A 1 60  ? 9.766   5.423   -9.809  1.00 12.16 ? 60  ASP A O   1 
ATOM   476  C  CB  . ASP A 1 60  ? 12.481  6.672   -11.093 1.00 13.44 ? 60  ASP A CB  1 
ATOM   477  C  CG  . ASP A 1 60  ? 13.378  5.665   -11.472 1.00 15.24 ? 60  ASP A CG  1 
ATOM   478  O  OD1 . ASP A 1 60  ? 13.094  5.063   -12.539 1.00 15.72 ? 60  ASP A OD1 1 
ATOM   479  O  OD2 . ASP A 1 60  ? 14.410  5.405   -10.723 1.00 15.07 ? 60  ASP A OD2 1 
ATOM   480  N  N   . LEU A 1 61  ? 10.053  7.533   -9.045  1.00 10.91 ? 61  LEU A N   1 
ATOM   481  C  CA  . LEU A 1 61  ? 9.250   7.195   -7.872  1.00 9.39  ? 61  LEU A CA  1 
ATOM   482  C  C   . LEU A 1 61  ? 7.746   7.041   -8.290  1.00 9.49  ? 61  LEU A C   1 
ATOM   483  O  O   . LEU A 1 61  ? 7.032   6.095   -7.850  1.00 8.87  ? 61  LEU A O   1 
ATOM   484  C  CB  . LEU A 1 61  ? 9.561   8.162   -6.757  1.00 8.81  ? 61  LEU A CB  1 
ATOM   485  C  CG  . LEU A 1 61  ? 8.659   8.198   -5.540  1.00 7.33  ? 61  LEU A CG  1 
ATOM   486  C  CD1 . LEU A 1 61  ? 8.171   6.814   -5.048  1.00 10.56 ? 61  LEU A CD1 1 
ATOM   487  C  CD2 . LEU A 1 61  ? 9.430   8.747   -4.356  1.00 8.14  ? 61  LEU A CD2 1 
ATOM   488  N  N   . LYS A 1 62  ? 7.378   7.958   -9.130  1.00 8.66  ? 62  LYS A N   1 
ATOM   489  C  CA  . LYS A 1 62  ? 5.934   8.077   -9.580  1.00 8.85  ? 62  LYS A CA  1 
ATOM   490  C  C   . LYS A 1 62  ? 5.662   6.873   -10.433 1.00 8.66  ? 62  LYS A C   1 
ATOM   491  O  O   . LYS A 1 62  ? 4.609   6.189   -10.045 1.00 10.18 ? 62  LYS A O   1 
ATOM   492  C  CB  . LYS A 1 62  ? 5.613   9.392   -9.995  1.00 8.62  ? 62  LYS A CB  1 
ATOM   493  C  CG  . LYS A 1 62  ? 4.830   10.330  -10.690 1.00 9.65  ? 62  LYS A CG  1 
ATOM   494  C  CD  . LYS A 1 62  ? 5.140   11.790  -10.641 1.00 10.35 ? 62  LYS A CD  1 
ATOM   495  C  CE  . LYS A 1 62  ? 3.844   12.594  -10.836 1.00 11.56 ? 62  LYS A CE  1 
ATOM   496  N  NZ  . LYS A 1 62  ? 3.151   12.297  -12.190 1.00 11.52 ? 62  LYS A NZ  1 
ATOM   497  N  N   . LYS A 1 63  ? 6.453   6.410   -11.284 1.00 7.73  ? 63  LYS A N   1 
ATOM   498  C  CA  . LYS A 1 63  ? 6.333   5.208   -12.031 1.00 7.98  ? 63  LYS A CA  1 
ATOM   499  C  C   . LYS A 1 63  ? 6.335   4.049   -11.001 1.00 7.88  ? 63  LYS A C   1 
ATOM   500  O  O   . LYS A 1 63  ? 5.610   3.077   -11.341 1.00 6.96  ? 63  LYS A O   1 
ATOM   501  C  CB  . LYS A 1 63  ? 7.478   5.038   -12.982 1.00 9.71  ? 63  LYS A CB  1 
ATOM   502  C  CG  . LYS A 1 63  ? 7.536   4.046   -14.126 1.00 10.67 ? 63  LYS A CG  1 
ATOM   503  C  CD  . LYS A 1 63  ? 8.963   3.591   -14.437 1.00 11.11 ? 63  LYS A CD  1 
ATOM   504  C  CE  . LYS A 1 63  ? 9.375   3.262   -15.849 1.00 10.73 ? 63  LYS A CE  1 
ATOM   505  N  NZ  . LYS A 1 63  ? 8.909   1.963   -16.426 1.00 8.67  ? 63  LYS A NZ  1 
ATOM   506  N  N   . HIS A 1 64  ? 7.012   4.187   -9.852  1.00 7.38  ? 64  HIS A N   1 
ATOM   507  C  CA  . HIS A 1 64  ? 6.949   2.939   -8.959  1.00 8.45  ? 64  HIS A CA  1 
ATOM   508  C  C   . HIS A 1 64  ? 5.694   3.074   -8.141  1.00 8.35  ? 64  HIS A C   1 
ATOM   509  O  O   . HIS A 1 64  ? 5.138   1.965   -7.916  1.00 9.50  ? 64  HIS A O   1 
ATOM   510  C  CB  . HIS A 1 64  ? 8.116   2.514   -8.161  1.00 7.11  ? 64  HIS A CB  1 
ATOM   511  C  CG  . HIS A 1 64  ? 8.163   1.279   -7.346  1.00 5.80  ? 64  HIS A CG  1 
ATOM   512  N  ND1 . HIS A 1 64  ? 8.172   0.014   -7.713  1.00 5.58  ? 64  HIS A ND1 1 
ATOM   513  C  CD2 . HIS A 1 64  ? 8.126   1.251   -5.973  1.00 5.68  ? 64  HIS A CD2 1 
ATOM   514  C  CE1 . HIS A 1 64  ? 8.058   -0.840  -6.733  1.00 5.95  ? 64  HIS A CE1 1 
ATOM   515  N  NE2 . HIS A 1 64  ? 8.066   -0.064  -5.626  1.00 7.88  ? 64  HIS A NE2 1 
ATOM   516  N  N   . GLY A 1 65  ? 5.259   4.278   -7.855  1.00 8.73  ? 65  GLY A N   1 
ATOM   517  C  CA  . GLY A 1 65  ? 3.991   4.464   -7.101  1.00 6.46  ? 65  GLY A CA  1 
ATOM   518  C  C   . GLY A 1 65  ? 2.868   3.841   -7.835  1.00 5.28  ? 65  GLY A C   1 
ATOM   519  O  O   . GLY A 1 65  ? 2.066   3.173   -7.168  1.00 6.43  ? 65  GLY A O   1 
ATOM   520  N  N   . THR A 1 66  ? 2.697   3.916   -9.054  1.00 6.75  ? 66  THR A N   1 
ATOM   521  C  CA  . THR A 1 66  ? 1.647   3.392   -9.993  1.00 8.16  ? 66  THR A CA  1 
ATOM   522  C  C   . THR A 1 66  ? 1.519   1.885   -9.963  1.00 8.02  ? 66  THR A C   1 
ATOM   523  O  O   . THR A 1 66  ? 0.475   1.274   -10.182 1.00 8.88  ? 66  THR A O   1 
ATOM   524  C  CB  . THR A 1 66  ? 1.931   3.874   -11.483 1.00 8.16  ? 66  THR A CB  1 
ATOM   525  O  OG1 . THR A 1 66  ? 0.994   4.989   -11.705 1.00 9.53  ? 66  THR A OG1 1 
ATOM   526  C  CG2 . THR A 1 66  ? 1.711   3.077   -12.742 1.00 9.32  ? 66  THR A CG2 1 
ATOM   527  N  N   . VAL A 1 67  ? 2.721   1.255   -9.794  1.00 7.60  ? 67  VAL A N   1 
ATOM   528  C  CA  . VAL A 1 67  ? 2.767   -0.233  -9.892  1.00 6.30  ? 67  VAL A CA  1 
ATOM   529  C  C   . VAL A 1 67  ? 2.169   -0.760  -8.652  1.00 6.56  ? 67  VAL A C   1 
ATOM   530  O  O   . VAL A 1 67  ? 1.328   -1.702  -8.549  1.00 5.88  ? 67  VAL A O   1 
ATOM   531  C  CB  . VAL A 1 67  ? 4.232   -0.436  -10.314 1.00 7.06  ? 67  VAL A CB  1 
ATOM   532  C  CG1 . VAL A 1 67  ? 4.819   -1.864  -10.217 1.00 7.74  ? 67  VAL A CG1 1 
ATOM   533  C  CG2 . VAL A 1 67  ? 4.388   0.132   -11.762 1.00 5.43  ? 67  VAL A CG2 1 
ATOM   534  N  N   . VAL A 1 68  ? 2.627   -0.028  -7.557  1.00 6.13  ? 68  VAL A N   1 
ATOM   535  C  CA  . VAL A 1 68  ? 2.134   -0.320  -6.220  1.00 5.22  ? 68  VAL A CA  1 
ATOM   536  C  C   . VAL A 1 68  ? 0.596   -0.250  -6.190  1.00 5.95  ? 68  VAL A C   1 
ATOM   537  O  O   . VAL A 1 68  ? 0.022   -1.310  -6.059  1.00 7.71  ? 68  VAL A O   1 
ATOM   538  C  CB  . VAL A 1 68  ? 2.857   0.479   -5.146  1.00 6.05  ? 68  VAL A CB  1 
ATOM   539  C  CG1 . VAL A 1 68  ? 2.399   0.037   -3.665  1.00 5.30  ? 68  VAL A CG1 1 
ATOM   540  C  CG2 . VAL A 1 68  ? 4.290   0.378   -5.083  1.00 4.48  ? 68  VAL A CG2 1 
ATOM   541  N  N   . LEU A 1 69  ? -0.080  0.871   -6.378  1.00 6.41  ? 69  LEU A N   1 
ATOM   542  C  CA  . LEU A 1 69  ? -1.519  1.028   -6.421  1.00 5.70  ? 69  LEU A CA  1 
ATOM   543  C  C   . LEU A 1 69  ? -2.163  0.298   -7.575  1.00 5.98  ? 69  LEU A C   1 
ATOM   544  O  O   . LEU A 1 69  ? -3.370  -0.209  -7.483  1.00 8.49  ? 69  LEU A O   1 
ATOM   545  C  CB  . LEU A 1 69  ? -1.736  2.532   -6.334  1.00 4.00  ? 69  LEU A CB  1 
ATOM   546  C  CG  . LEU A 1 69  ? -1.001  3.373   -5.339  1.00 4.05  ? 69  LEU A CG  1 
ATOM   547  C  CD1 . LEU A 1 69  ? -1.861  4.631   -5.049  1.00 5.47  ? 69  LEU A CD1 1 
ATOM   548  C  CD2 . LEU A 1 69  ? -0.703  2.809   -3.933  1.00 2.17  ? 69  LEU A CD2 1 
ATOM   549  N  N   . THR A 1 70  ? -1.549  0.096   -8.693  1.00 5.97  ? 70  THR A N   1 
ATOM   550  C  CA  . THR A 1 70  ? -2.226  -0.702  -9.767  1.00 5.44  ? 70  THR A CA  1 
ATOM   551  C  C   . THR A 1 70  ? -2.290  -2.109  -9.141  1.00 4.36  ? 70  THR A C   1 
ATOM   552  O  O   . THR A 1 70  ? -3.389  -2.598  -8.990  1.00 2.80  ? 70  THR A O   1 
ATOM   553  C  CB  . THR A 1 70  ? -1.661  -0.726  -11.168 1.00 4.52  ? 70  THR A CB  1 
ATOM   554  O  OG1 . THR A 1 70  ? -1.473  0.565   -11.687 1.00 6.64  ? 70  THR A OG1 1 
ATOM   555  C  CG2 . THR A 1 70  ? -2.630  -1.361  -12.185 1.00 5.94  ? 70  THR A CG2 1 
ATOM   556  N  N   . ALA A 1 71  ? -1.135  -2.656  -8.695  1.00 5.26  ? 71  ALA A N   1 
ATOM   557  C  CA  . ALA A 1 71  ? -1.232  -4.015  -8.093  1.00 5.37  ? 71  ALA A CA  1 
ATOM   558  C  C   . ALA A 1 71  ? -2.170  -4.056  -6.877  1.00 5.51  ? 71  ALA A C   1 
ATOM   559  O  O   . ALA A 1 71  ? -2.896  -5.050  -6.723  1.00 5.30  ? 71  ALA A O   1 
ATOM   560  C  CB  . ALA A 1 71  ? 0.098   -4.677  -7.535  1.00 5.82  ? 71  ALA A CB  1 
ATOM   561  N  N   . LEU A 1 72  ? -2.154  -2.986  -6.037  1.00 4.31  ? 72  LEU A N   1 
ATOM   562  C  CA  . LEU A 1 72  ? -3.075  -3.097  -4.869  1.00 3.66  ? 72  LEU A CA  1 
ATOM   563  C  C   . LEU A 1 72  ? -4.515  -2.972  -5.357  1.00 3.56  ? 72  LEU A C   1 
ATOM   564  O  O   . LEU A 1 72  ? -5.416  -3.619  -4.804  1.00 2.35  ? 72  LEU A O   1 
ATOM   565  C  CB  . LEU A 1 72  ? -2.660  -1.864  -4.029  1.00 5.13  ? 72  LEU A CB  1 
ATOM   566  C  CG  . LEU A 1 72  ? -2.959  -1.772  -2.561  1.00 6.71  ? 72  LEU A CG  1 
ATOM   567  C  CD1 . LEU A 1 72  ? -1.669  -2.107  -1.783  1.00 6.95  ? 72  LEU A CD1 1 
ATOM   568  C  CD2 . LEU A 1 72  ? -3.315  -0.423  -2.000  1.00 5.50  ? 72  LEU A CD2 1 
ATOM   569  N  N   . GLY A 1 73  ? -4.698  -1.968  -6.228  1.00 2.00  ? 73  GLY A N   1 
ATOM   570  C  CA  . GLY A 1 73  ? -6.080  -1.668  -6.740  1.00 3.03  ? 73  GLY A CA  1 
ATOM   571  C  C   . GLY A 1 73  ? -6.820  -2.925  -7.109  1.00 2.75  ? 73  GLY A C   1 
ATOM   572  O  O   . GLY A 1 73  ? -7.909  -3.253  -6.727  1.00 3.77  ? 73  GLY A O   1 
ATOM   573  N  N   . GLY A 1 74  ? -6.155  -3.790  -7.923  1.00 5.99  ? 74  GLY A N   1 
ATOM   574  C  CA  . GLY A 1 74  ? -6.576  -5.102  -8.466  1.00 5.02  ? 74  GLY A CA  1 
ATOM   575  C  C   . GLY A 1 74  ? -6.863  -6.084  -7.345  1.00 6.65  ? 74  GLY A C   1 
ATOM   576  O  O   . GLY A 1 74  ? -7.803  -6.860  -7.371  1.00 5.58  ? 74  GLY A O   1 
ATOM   577  N  N   . ILE A 1 75  ? -5.999  -6.093  -6.271  1.00 6.95  ? 75  ILE A N   1 
ATOM   578  C  CA  . ILE A 1 75  ? -6.394  -7.108  -5.253  1.00 6.97  ? 75  ILE A CA  1 
ATOM   579  C  C   . ILE A 1 75  ? -7.751  -6.782  -4.653  1.00 7.60  ? 75  ILE A C   1 
ATOM   580  O  O   . ILE A 1 75  ? -8.694  -7.509  -4.411  1.00 6.12  ? 75  ILE A O   1 
ATOM   581  C  CB  . ILE A 1 75  ? -5.238  -7.266  -4.164  1.00 7.93  ? 75  ILE A CB  1 
ATOM   582  C  CG1 . ILE A 1 75  ? -4.041  -8.029  -4.780  1.00 7.18  ? 75  ILE A CG1 1 
ATOM   583  C  CG2 . ILE A 1 75  ? -5.601  -8.000  -2.844  1.00 5.53  ? 75  ILE A CG2 1 
ATOM   584  C  CD1 . ILE A 1 75  ? -2.678  -7.498  -4.135  1.00 7.86  ? 75  ILE A CD1 1 
ATOM   585  N  N   . LEU A 1 76  ? -7.858  -5.434  -4.328  1.00 8.68  ? 76  LEU A N   1 
ATOM   586  C  CA  . LEU A 1 76  ? -9.107  -5.037  -3.628  1.00 8.67  ? 76  LEU A CA  1 
ATOM   587  C  C   . LEU A 1 76  ? -10.318 -5.197  -4.568  1.00 8.91  ? 76  LEU A C   1 
ATOM   588  O  O   . LEU A 1 76  ? -11.358 -5.534  -3.896  1.00 9.42  ? 76  LEU A O   1 
ATOM   589  C  CB  . LEU A 1 76  ? -8.947  -3.756  -2.938  1.00 6.55  ? 76  LEU A CB  1 
ATOM   590  C  CG  . LEU A 1 76  ? -7.875  -3.036  -2.359  1.00 7.95  ? 76  LEU A CG  1 
ATOM   591  C  CD1 . LEU A 1 76  ? -8.107  -1.526  -2.640  1.00 6.86  ? 76  LEU A CD1 1 
ATOM   592  C  CD2 . LEU A 1 76  ? -7.751  -3.233  -0.809  1.00 6.80  ? 76  LEU A CD2 1 
ATOM   593  N  N   . LYS A 1 77  ? -10.158 -5.055  -5.900  1.00 8.81  ? 77  LYS A N   1 
ATOM   594  C  CA  . LYS A 1 77  ? -11.433 -5.220  -6.700  1.00 7.82  ? 77  LYS A CA  1 
ATOM   595  C  C   . LYS A 1 77  ? -11.929 -6.664  -6.572  1.00 8.20  ? 77  LYS A C   1 
ATOM   596  O  O   . LYS A 1 77  ? -13.083 -6.989  -6.990  1.00 8.99  ? 77  LYS A O   1 
ATOM   597  C  CB  . LYS A 1 77  ? -11.240 -4.750  -8.085  1.00 7.24  ? 77  LYS A CB  1 
ATOM   598  C  CG  . LYS A 1 77  ? -10.873 -3.300  -8.254  1.00 8.57  ? 77  LYS A CG  1 
ATOM   599  C  CD  . LYS A 1 77  ? -11.128 -2.569  -9.514  1.00 7.72  ? 77  LYS A CD  1 
ATOM   600  C  CE  . LYS A 1 77  ? -10.638 -1.130  -9.462  1.00 11.37 ? 77  LYS A CE  1 
ATOM   601  N  NZ  . LYS A 1 77  ? -9.272  -0.847  -9.960  1.00 11.78 ? 77  LYS A NZ  1 
ATOM   602  N  N   . LYS A 1 78  ? -11.129 -7.547  -5.994  1.00 7.72  ? 78  LYS A N   1 
ATOM   603  C  CA  . LYS A 1 78  ? -11.413 -8.937  -5.802  1.00 7.78  ? 78  LYS A CA  1 
ATOM   604  C  C   . LYS A 1 78  ? -12.237 -9.107  -4.478  1.00 8.56  ? 78  LYS A C   1 
ATOM   605  O  O   . LYS A 1 78  ? -12.879 -10.236 -4.407  1.00 6.93  ? 78  LYS A O   1 
ATOM   606  C  CB  . LYS A 1 78  ? -10.195 -9.860  -5.778  1.00 9.38  ? 78  LYS A CB  1 
ATOM   607  C  CG  . LYS A 1 78  ? -9.269  -9.750  -7.065  1.00 11.95 ? 78  LYS A CG  1 
ATOM   608  C  CD  . LYS A 1 78  ? -9.807  -10.615 -8.159  1.00 12.80 ? 78  LYS A CD  1 
ATOM   609  C  CE  . LYS A 1 78  ? -9.865  -10.135 -9.557  1.00 14.23 ? 78  LYS A CE  1 
ATOM   610  N  NZ  . LYS A 1 78  ? -11.042 -9.138  -9.814  1.00 14.51 ? 78  LYS A NZ  1 
ATOM   611  N  N   . LYS A 1 79  ? -12.273 -8.094  -3.607  1.00 7.07  ? 79  LYS A N   1 
ATOM   612  C  CA  . LYS A 1 79  ? -13.156 -8.343  -2.422  1.00 9.73  ? 79  LYS A CA  1 
ATOM   613  C  C   . LYS A 1 79  ? -12.752 -9.554  -1.582  1.00 10.89 ? 79  LYS A C   1 
ATOM   614  O  O   . LYS A 1 79  ? -13.640 -10.324 -1.123  1.00 12.49 ? 79  LYS A O   1 
ATOM   615  C  CB  . LYS A 1 79  ? -14.624 -8.393  -2.787  1.00 8.08  ? 79  LYS A CB  1 
ATOM   616  C  CG  . LYS A 1 79  ? -15.400 -7.158  -3.188  1.00 6.28  ? 79  LYS A CG  1 
ATOM   617  C  CD  . LYS A 1 79  ? -16.518 -7.583  -4.244  1.00 8.07  ? 79  LYS A CD  1 
ATOM   618  C  CE  . LYS A 1 79  ? -17.797 -6.779  -3.900  1.00 6.41  ? 79  LYS A CE  1 
ATOM   619  N  NZ  . LYS A 1 79  ? -19.003 -7.698  -3.955  1.00 8.95  ? 79  LYS A NZ  1 
ATOM   620  N  N   . GLY A 1 80  ? -11.460 -9.684  -1.246  1.00 12.11 ? 80  GLY A N   1 
ATOM   621  C  CA  . GLY A 1 80  ? -10.944 -10.747 -0.395  1.00 13.89 ? 80  GLY A CA  1 
ATOM   622  C  C   . GLY A 1 80  ? -10.732 -12.075 -1.088  1.00 14.30 ? 80  GLY A C   1 
ATOM   623  O  O   . GLY A 1 80  ? -10.272 -13.078 -0.510  1.00 15.04 ? 80  GLY A O   1 
ATOM   624  N  N   . HIS A 1 81  ? -11.155 -12.183 -2.318  1.00 15.24 ? 81  HIS A N   1 
ATOM   625  C  CA  . HIS A 1 81  ? -10.929 -13.441 -3.129  1.00 16.28 ? 81  HIS A CA  1 
ATOM   626  C  C   . HIS A 1 81  ? -9.666  -13.211 -3.952  1.00 14.91 ? 81  HIS A C   1 
ATOM   627  O  O   . HIS A 1 81  ? -9.636  -13.344 -5.187  1.00 15.02 ? 81  HIS A O   1 
ATOM   628  C  CB  . HIS A 1 81  ? -12.144 -13.837 -4.004  1.00 16.97 ? 81  HIS A CB  1 
ATOM   629  C  CG  . HIS A 1 81  ? -13.442 -13.985 -3.294  1.00 18.77 ? 81  HIS A CG  1 
ATOM   630  N  ND1 . HIS A 1 81  ? -14.561 -13.221 -3.556  1.00 20.25 ? 81  HIS A ND1 1 
ATOM   631  C  CD2 . HIS A 1 81  ? -13.828 -14.899 -2.368  1.00 19.15 ? 81  HIS A CD2 1 
ATOM   632  C  CE1 . HIS A 1 81  ? -15.589 -13.638 -2.786  1.00 20.48 ? 81  HIS A CE1 1 
ATOM   633  N  NE2 . HIS A 1 81  ? -15.112 -14.685 -2.089  1.00 20.35 ? 81  HIS A NE2 1 
ATOM   634  N  N   . HIS A 1 82  ? -8.583  -12.865 -3.349  1.00 14.73 ? 82  HIS A N   1 
ATOM   635  C  CA  . HIS A 1 82  ? -7.295  -12.516 -3.918  1.00 15.38 ? 82  HIS A CA  1 
ATOM   636  C  C   . HIS A 1 82  ? -6.238  -13.548 -3.747  1.00 14.59 ? 82  HIS A C   1 
ATOM   637  O  O   . HIS A 1 82  ? -5.045  -13.249 -3.915  1.00 15.49 ? 82  HIS A O   1 
ATOM   638  C  CB  . HIS A 1 82  ? -6.737  -11.148 -3.306  1.00 17.23 ? 82  HIS A CB  1 
ATOM   639  C  CG  . HIS A 1 82  ? -6.893  -11.128 -1.794  1.00 18.04 ? 82  HIS A CG  1 
ATOM   640  N  ND1 . HIS A 1 82  ? -6.166  -12.013 -1.012  1.00 18.35 ? 82  HIS A ND1 1 
ATOM   641  C  CD2 . HIS A 1 82  ? -7.665  -10.410 -0.958  1.00 18.73 ? 82  HIS A CD2 1 
ATOM   642  C  CE1 . HIS A 1 82  ? -6.546  -11.760 0.256   1.00 18.82 ? 82  HIS A CE1 1 
ATOM   643  N  NE2 . HIS A 1 82  ? -7.427  -10.799 0.374   1.00 18.12 ? 82  HIS A NE2 1 
ATOM   644  N  N   . GLU A 1 83  ? -6.583  -14.726 -3.421  1.00 15.07 ? 83  GLU A N   1 
ATOM   645  C  CA  . GLU A 1 83  ? -5.662  -15.875 -3.185  1.00 15.33 ? 83  GLU A CA  1 
ATOM   646  C  C   . GLU A 1 83  ? -4.637  -15.913 -4.275  1.00 15.35 ? 83  GLU A C   1 
ATOM   647  O  O   . GLU A 1 83  ? -3.423  -15.892 -4.041  1.00 16.44 ? 83  GLU A O   1 
ATOM   648  C  CB  . GLU A 1 83  ? -6.343  -17.231 -3.002  1.00 15.73 ? 83  GLU A CB  1 
ATOM   649  C  CG  . GLU A 1 83  ? -7.699  -17.123 -2.219  1.00 16.27 ? 83  GLU A CG  1 
ATOM   650  C  CD  . GLU A 1 83  ? -8.823  -16.609 -3.083  1.00 17.53 ? 83  GLU A CD  1 
ATOM   651  O  OE1 . GLU A 1 83  ? -8.677  -16.220 -4.203  1.00 17.44 ? 83  GLU A OE1 1 
ATOM   652  O  OE2 . GLU A 1 83  ? -10.010 -16.614 -2.692  1.00 19.36 ? 83  GLU A OE2 1 
ATOM   653  N  N   . ALA A 1 84  ? -5.053  -15.751 -5.496  1.00 15.83 ? 84  ALA A N   1 
ATOM   654  C  CA  . ALA A 1 84  ? -4.304  -15.753 -6.743  1.00 14.45 ? 84  ALA A CA  1 
ATOM   655  C  C   . ALA A 1 84  ? -3.368  -14.626 -6.946  1.00 13.99 ? 84  ALA A C   1 
ATOM   656  O  O   . ALA A 1 84  ? -2.223  -14.852 -7.368  1.00 14.54 ? 84  ALA A O   1 
ATOM   657  C  CB  . ALA A 1 84  ? -5.433  -15.841 -7.787  1.00 13.37 ? 84  ALA A CB  1 
ATOM   658  N  N   . GLU A 1 85  ? -3.756  -13.373 -6.874  1.00 14.61 ? 85  GLU A N   1 
ATOM   659  C  CA  . GLU A 1 85  ? -2.788  -12.257 -7.099  1.00 14.71 ? 85  GLU A CA  1 
ATOM   660  C  C   . GLU A 1 85  ? -1.879  -12.095 -5.907  1.00 15.40 ? 85  GLU A C   1 
ATOM   661  O  O   . GLU A 1 85  ? -0.795  -11.484 -5.825  1.00 15.27 ? 85  GLU A O   1 
ATOM   662  C  CB  . GLU A 1 85  ? -3.606  -11.001 -7.268  1.00 15.25 ? 85  GLU A CB  1 
ATOM   663  C  CG  . GLU A 1 85  ? -4.696  -10.946 -8.374  1.00 13.73 ? 85  GLU A CG  1 
ATOM   664  C  CD  . GLU A 1 85  ? -5.899  -11.810 -8.310  1.00 14.38 ? 85  GLU A CD  1 
ATOM   665  O  OE1 . GLU A 1 85  ? -6.519  -12.530 -7.489  1.00 11.91 ? 85  GLU A OE1 1 
ATOM   666  O  OE2 . GLU A 1 85  ? -6.319  -11.796 -9.513  1.00 15.02 ? 85  GLU A OE2 1 
ATOM   667  N  N   . LEU A 1 86  ? -2.294  -12.606 -4.763  1.00 16.17 ? 86  LEU A N   1 
ATOM   668  C  CA  . LEU A 1 86  ? -1.504  -12.354 -3.532  1.00 16.57 ? 86  LEU A CA  1 
ATOM   669  C  C   . LEU A 1 86  ? -0.344  -13.324 -3.367  1.00 17.36 ? 86  LEU A C   1 
ATOM   670  O  O   . LEU A 1 86  ? 0.739   -12.796 -2.899  1.00 16.40 ? 86  LEU A O   1 
ATOM   671  C  CB  . LEU A 1 86  ? -2.446  -12.312 -2.334  1.00 17.06 ? 86  LEU A CB  1 
ATOM   672  C  CG  . LEU A 1 86  ? -2.034  -11.754 -1.021  1.00 16.52 ? 86  LEU A CG  1 
ATOM   673  C  CD1 . LEU A 1 86  ? -1.710  -10.247 -1.084  1.00 17.99 ? 86  LEU A CD1 1 
ATOM   674  C  CD2 . LEU A 1 86  ? -3.217  -11.800 -0.075  1.00 16.86 ? 86  LEU A CD2 1 
ATOM   675  N  N   . LYS A 1 87  ? -0.588  -14.604 -3.662  1.00 15.18 ? 87  LYS A N   1 
ATOM   676  C  CA  . LYS A 1 87  ? 0.524   -15.568 -3.517  1.00 15.76 ? 87  LYS A CA  1 
ATOM   677  C  C   . LYS A 1 87  ? 1.879   -15.047 -3.989  1.00 14.70 ? 87  LYS A C   1 
ATOM   678  O  O   . LYS A 1 87  ? 2.840   -15.036 -3.155  1.00 14.71 ? 87  LYS A O   1 
ATOM   679  C  CB  . LYS A 1 87  ? 0.150   -16.966 -4.082  1.00 14.79 ? 87  LYS A CB  1 
ATOM   680  C  CG  . LYS A 1 87  ? 0.708   -18.155 -3.239  1.00 18.57 ? 87  LYS A CG  1 
ATOM   681  C  CD  . LYS A 1 87  ? 1.918   -18.850 -3.998  1.00 17.15 ? 87  LYS A CD  1 
ATOM   682  C  CE  . LYS A 1 87  ? 1.693   -20.295 -4.284  1.00 18.07 ? 87  LYS A CE  1 
ATOM   683  N  NZ  . LYS A 1 87  ? 2.069   -20.656 -5.760  1.00 18.59 ? 87  LYS A NZ  1 
ATOM   684  N  N   . PRO A 1 88  ? 2.028   -14.574 -5.214  1.00 14.36 ? 88  PRO A N   1 
ATOM   685  C  CA  . PRO A 1 88  ? 3.181   -14.043 -5.815  1.00 14.11 ? 88  PRO A CA  1 
ATOM   686  C  C   . PRO A 1 88  ? 3.856   -12.848 -5.187  1.00 13.44 ? 88  PRO A C   1 
ATOM   687  O  O   . PRO A 1 88  ? 5.123   -12.807 -5.383  1.00 13.51 ? 88  PRO A O   1 
ATOM   688  C  CB  . PRO A 1 88  ? 2.701   -13.528 -7.259  1.00 14.78 ? 88  PRO A CB  1 
ATOM   689  C  CG  . PRO A 1 88  ? 1.270   -13.107 -6.844  1.00 14.16 ? 88  PRO A CG  1 
ATOM   690  C  CD  . PRO A 1 88  ? 0.873   -14.501 -6.205  1.00 14.99 ? 88  PRO A CD  1 
ATOM   691  N  N   . LEU A 1 89  ? 3.094   -11.976 -4.631  1.00 12.63 ? 89  LEU A N   1 
ATOM   692  C  CA  . LEU A 1 89  ? 3.684   -10.763 -3.916  1.00 12.74 ? 89  LEU A CA  1 
ATOM   693  C  C   . LEU A 1 89  ? 4.241   -11.187 -2.602  1.00 13.08 ? 89  LEU A C   1 
ATOM   694  O  O   . LEU A 1 89  ? 5.414   -10.900 -2.276  1.00 14.60 ? 89  LEU A O   1 
ATOM   695  C  CB  . LEU A 1 89  ? 2.601   -9.699  -3.948  1.00 12.24 ? 89  LEU A CB  1 
ATOM   696  C  CG  . LEU A 1 89  ? 2.499   -9.068  -5.360  1.00 13.42 ? 89  LEU A CG  1 
ATOM   697  C  CD1 . LEU A 1 89  ? 1.196   -8.211  -5.319  1.00 12.90 ? 89  LEU A CD1 1 
ATOM   698  C  CD2 . LEU A 1 89  ? 3.772   -8.261  -5.797  1.00 10.66 ? 89  LEU A CD2 1 
ATOM   699  N  N   . ALA A 1 90  ? 3.546   -11.991 -1.801  1.00 13.93 ? 90  ALA A N   1 
ATOM   700  C  CA  . ALA A 1 90  ? 4.031   -12.484 -0.496  1.00 13.11 ? 90  ALA A CA  1 
ATOM   701  C  C   . ALA A 1 90  ? 5.363   -13.150 -0.663  1.00 13.25 ? 90  ALA A C   1 
ATOM   702  O  O   . ALA A 1 90  ? 6.393   -12.950 0.009   1.00 12.02 ? 90  ALA A O   1 
ATOM   703  C  CB  . ALA A 1 90  ? 2.977   -13.441 0.068   1.00 12.28 ? 90  ALA A CB  1 
ATOM   704  N  N   . GLN A 1 91  ? 5.226   -14.050 -1.711  1.00 13.92 ? 91  GLN A N   1 
ATOM   705  C  CA  . GLN A 1 91  ? 6.530   -14.865 -2.006  1.00 12.64 ? 91  GLN A CA  1 
ATOM   706  C  C   . GLN A 1 91  ? 7.523   -13.914 -2.622  1.00 12.81 ? 91  GLN A C   1 
ATOM   707  O  O   . GLN A 1 91  ? 8.741   -14.090 -2.246  1.00 12.00 ? 91  GLN A O   1 
ATOM   708  C  CB  . GLN A 1 91  ? 6.207   -16.187 -2.612  1.00 13.88 ? 91  GLN A CB  1 
ATOM   709  C  CG  . GLN A 1 91  ? 6.009   -16.430 -4.007  1.00 14.97 ? 91  GLN A CG  1 
ATOM   710  C  CD  . GLN A 1 91  ? 5.412   -17.647 -4.543  1.00 17.38 ? 91  GLN A CD  1 
ATOM   711  O  OE1 . GLN A 1 91  ? 4.852   -18.546 -3.937  1.00 17.25 ? 91  GLN A OE1 1 
ATOM   712  N  NE2 . GLN A 1 91  ? 5.554   -17.784 -5.971  1.00 17.94 ? 91  GLN A NE2 1 
ATOM   713  N  N   . SER A 1 92  ? 7.190   -12.835 -3.345  1.00 11.70 ? 92  SER A N   1 
ATOM   714  C  CA  . SER A 1 92  ? 8.321   -11.940 -3.802  1.00 12.79 ? 92  SER A CA  1 
ATOM   715  C  C   . SER A 1 92  ? 8.876   -11.101 -2.646  1.00 12.37 ? 92  SER A C   1 
ATOM   716  O  O   . SER A 1 92  ? 10.104  -11.016 -2.503  1.00 13.60 ? 92  SER A O   1 
ATOM   717  C  CB  . SER A 1 92  ? 7.915   -11.037 -4.983  1.00 12.36 ? 92  SER A CB  1 
ATOM   718  O  OG  . SER A 1 92  ? 6.806   -10.275 -4.374  1.00 12.14 ? 92  SER A OG  1 
ATOM   719  N  N   . HIS A 1 93  ? 8.048   -10.475 -1.902  1.00 11.43 ? 93  HIS A N   1 
ATOM   720  C  CA  . HIS A 1 93  ? 8.471   -9.545  -0.849  1.00 11.89 ? 93  HIS A CA  1 
ATOM   721  C  C   . HIS A 1 93  ? 9.195   -10.250 0.290   1.00 11.95 ? 93  HIS A C   1 
ATOM   722  O  O   . HIS A 1 93  ? 9.969   -9.545  0.970   1.00 11.86 ? 93  HIS A O   1 
ATOM   723  C  CB  . HIS A 1 93  ? 7.305   -8.661  -0.278  1.00 9.24  ? 93  HIS A CB  1 
ATOM   724  C  CG  . HIS A 1 93  ? 6.811   -7.732  -1.419  1.00 10.28 ? 93  HIS A CG  1 
ATOM   725  N  ND1 . HIS A 1 93  ? 6.302   -8.171  -2.643  1.00 6.09  ? 93  HIS A ND1 1 
ATOM   726  C  CD2 . HIS A 1 93  ? 6.959   -6.410  -1.492  1.00 8.24  ? 93  HIS A CD2 1 
ATOM   727  C  CE1 . HIS A 1 93  ? 6.056   -7.120  -3.303  1.00 8.91  ? 93  HIS A CE1 1 
ATOM   728  N  NE2 . HIS A 1 93  ? 6.475   -6.035  -2.732  1.00 8.20  ? 93  HIS A NE2 1 
ATOM   729  N  N   . ALA A 1 94  ? 8.977   -11.513 0.472   1.00 12.60 ? 94  ALA A N   1 
ATOM   730  C  CA  . ALA A 1 94  ? 9.593   -12.318 1.477   1.00 14.14 ? 94  ALA A CA  1 
ATOM   731  C  C   . ALA A 1 94  ? 10.913  -12.985 1.139   1.00 15.68 ? 94  ALA A C   1 
ATOM   732  O  O   . ALA A 1 94  ? 11.839  -12.702 1.905   1.00 15.26 ? 94  ALA A O   1 
ATOM   733  C  CB  . ALA A 1 94  ? 8.657   -13.424 1.914   1.00 14.43 ? 94  ALA A CB  1 
ATOM   734  N  N   . THR A 1 95  ? 10.952  -13.792 0.074   1.00 16.86 ? 95  THR A N   1 
ATOM   735  C  CA  . THR A 1 95  ? 12.220  -14.472 -0.267  1.00 18.29 ? 95  THR A CA  1 
ATOM   736  C  C   . THR A 1 95  ? 13.105  -13.478 -0.989  1.00 18.10 ? 95  THR A C   1 
ATOM   737  O  O   . THR A 1 95  ? 14.244  -13.190 -0.553  1.00 20.08 ? 95  THR A O   1 
ATOM   738  C  CB  . THR A 1 95  ? 12.085  -15.876 -0.993  1.00 17.89 ? 95  THR A CB  1 
ATOM   739  O  OG1 . THR A 1 95  ? 13.249  -16.079 -1.943  1.00 16.54 ? 95  THR A OG1 1 
ATOM   740  C  CG2 . THR A 1 95  ? 10.705  -16.131 -1.628  1.00 17.45 ? 95  THR A CG2 1 
ATOM   741  N  N   . LYS A 1 96  ? 12.661  -12.880 -1.984  1.00 19.26 ? 96  LYS A N   1 
ATOM   742  C  CA  . LYS A 1 96  ? 13.492  -11.917 -2.777  1.00 18.20 ? 96  LYS A CA  1 
ATOM   743  C  C   . LYS A 1 96  ? 13.826  -10.621 -2.106  1.00 18.66 ? 96  LYS A C   1 
ATOM   744  O  O   . LYS A 1 96  ? 15.005  -10.338 -1.829  1.00 17.04 ? 96  LYS A O   1 
ATOM   745  C  CB  . LYS A 1 96  ? 12.672  -11.771 -4.066  1.00 18.70 ? 96  LYS A CB  1 
ATOM   746  C  CG  . LYS A 1 96  ? 13.309  -10.853 -5.055  1.00 18.58 ? 96  LYS A CG  1 
ATOM   747  C  CD  . LYS A 1 96  ? 13.126  -11.225 -6.479  1.00 18.49 ? 96  LYS A CD  1 
ATOM   748  C  CE  . LYS A 1 96  ? 14.457  -10.849 -7.185  1.00 18.05 ? 96  LYS A CE  1 
ATOM   749  N  NZ  . LYS A 1 96  ? 14.402  -9.402  -7.307  1.00 16.13 ? 96  LYS A NZ  1 
ATOM   750  N  N   . HIS A 1 97  ? 12.772  -9.802  -1.881  1.00 18.57 ? 97  HIS A N   1 
ATOM   751  C  CA  . HIS A 1 97  ? 12.978  -8.448  -1.308  1.00 18.73 ? 97  HIS A CA  1 
ATOM   752  C  C   . HIS A 1 97  ? 13.076  -8.582  0.188   1.00 19.27 ? 97  HIS A C   1 
ATOM   753  O  O   . HIS A 1 97  ? 13.679  -7.581  0.752   1.00 20.49 ? 97  HIS A O   1 
ATOM   754  C  CB  . HIS A 1 97  ? 12.083  -7.312  -1.717  1.00 17.41 ? 97  HIS A CB  1 
ATOM   755  C  CG  . HIS A 1 97  ? 11.716  -7.305  -3.190  1.00 17.18 ? 97  HIS A CG  1 
ATOM   756  N  ND1 . HIS A 1 97  ? 12.547  -7.465  -4.279  1.00 15.88 ? 97  HIS A ND1 1 
ATOM   757  C  CD2 . HIS A 1 97  ? 10.484  -7.301  -3.667  1.00 15.88 ? 97  HIS A CD2 1 
ATOM   758  C  CE1 . HIS A 1 97  ? 11.844  -7.529  -5.330  1.00 16.24 ? 97  HIS A CE1 1 
ATOM   759  N  NE2 . HIS A 1 97  ? 10.601  -7.401  -5.005  1.00 16.40 ? 97  HIS A NE2 1 
ATOM   760  N  N   . LYS A 1 98  ? 12.704  -9.666  0.808   1.00 19.16 ? 98  LYS A N   1 
ATOM   761  C  CA  . LYS A 1 98  ? 13.014  -9.719  2.296   1.00 19.49 ? 98  LYS A CA  1 
ATOM   762  C  C   . LYS A 1 98  ? 12.539  -8.573  3.143   1.00 19.54 ? 98  LYS A C   1 
ATOM   763  O  O   . LYS A 1 98  ? 13.140  -7.937  4.040   1.00 18.09 ? 98  LYS A O   1 
ATOM   764  C  CB  . LYS A 1 98  ? 14.556  -9.933  2.380   1.00 19.31 ? 98  LYS A CB  1 
ATOM   765  C  CG  . LYS A 1 98  ? 15.119  -11.237 1.757   1.00 20.54 ? 98  LYS A CG  1 
ATOM   766  C  CD  . LYS A 1 98  ? 14.615  -12.506 2.369   1.00 22.39 ? 98  LYS A CD  1 
ATOM   767  C  CE  . LYS A 1 98  ? 15.073  -13.903 2.071   1.00 22.59 ? 98  LYS A CE  1 
ATOM   768  N  NZ  . LYS A 1 98  ? 14.233  -14.961 2.760   1.00 24.45 ? 98  LYS A NZ  1 
ATOM   769  N  N   . ILE A 1 99  ? 11.281  -8.176  2.862   1.00 20.07 ? 99  ILE A N   1 
ATOM   770  C  CA  . ILE A 1 99  ? 10.601  -7.031  3.593   1.00 19.68 ? 99  ILE A CA  1 
ATOM   771  C  C   . ILE A 1 99  ? 9.783   -7.587  4.724   1.00 19.48 ? 99  ILE A C   1 
ATOM   772  O  O   . ILE A 1 99  ? 8.805   -8.352  4.379   1.00 20.12 ? 99  ILE A O   1 
ATOM   773  C  CB  . ILE A 1 99  ? 9.797   -6.265  2.463   1.00 19.19 ? 99  ILE A CB  1 
ATOM   774  C  CG1 . ILE A 1 99  ? 10.686  -5.198  1.725   1.00 18.29 ? 99  ILE A CG1 1 
ATOM   775  C  CG2 . ILE A 1 99  ? 8.448   -5.663  2.829   1.00 18.61 ? 99  ILE A CG2 1 
ATOM   776  C  CD1 . ILE A 1 99  ? 11.382  -4.077  2.465   1.00 17.43 ? 99  ILE A CD1 1 
ATOM   777  N  N   . PRO A 1 100 ? 10.032  -7.281  5.985   1.00 18.54 ? 100 PRO A N   1 
ATOM   778  C  CA  . PRO A 1 100 ? 9.171   -7.748  7.081   1.00 18.39 ? 100 PRO A CA  1 
ATOM   779  C  C   . PRO A 1 100 ? 7.772   -7.148  6.965   1.00 18.35 ? 100 PRO A C   1 
ATOM   780  O  O   . PRO A 1 100 ? 7.448   -5.998  6.507   1.00 19.60 ? 100 PRO A O   1 
ATOM   781  C  CB  . PRO A 1 100 ? 9.824   -7.241  8.334   1.00 17.56 ? 100 PRO A CB  1 
ATOM   782  C  CG  . PRO A 1 100 ? 10.842  -6.257  7.901   1.00 17.30 ? 100 PRO A CG  1 
ATOM   783  C  CD  . PRO A 1 100 ? 11.121  -6.452  6.454   1.00 18.39 ? 100 PRO A CD  1 
ATOM   784  N  N   . ILE A 1 101 ? 6.832   -7.863  7.529   1.00 18.96 ? 101 ILE A N   1 
ATOM   785  C  CA  . ILE A 1 101 ? 5.399   -7.578  7.624   1.00 17.64 ? 101 ILE A CA  1 
ATOM   786  C  C   . ILE A 1 101 ? 5.084   -6.187  8.157   1.00 16.58 ? 101 ILE A C   1 
ATOM   787  O  O   . ILE A 1 101 ? 3.990   -5.785  7.673   1.00 16.58 ? 101 ILE A O   1 
ATOM   788  C  CB  . ILE A 1 101 ? 4.654   -8.765  8.405   1.00 18.56 ? 101 ILE A CB  1 
ATOM   789  C  CG1 . ILE A 1 101 ? 3.644   -9.394  7.470   1.00 17.88 ? 101 ILE A CG1 1 
ATOM   790  C  CG2 . ILE A 1 101 ? 3.941   -8.429  9.743   1.00 18.89 ? 101 ILE A CG2 1 
ATOM   791  C  CD1 . ILE A 1 101 ? 2.317   -8.747  7.090   1.00 20.35 ? 101 ILE A CD1 1 
ATOM   792  N  N   . LYS A 1 102 ? 5.803   -5.557  9.028   1.00 14.83 ? 102 LYS A N   1 
ATOM   793  C  CA  . LYS A 1 102 ? 5.431   -4.264  9.641   1.00 13.81 ? 102 LYS A CA  1 
ATOM   794  C  C   . LYS A 1 102 ? 5.624   -3.074  8.711   1.00 14.14 ? 102 LYS A C   1 
ATOM   795  O  O   . LYS A 1 102 ? 5.107   -1.941  8.944   1.00 12.50 ? 102 LYS A O   1 
ATOM   796  C  CB  . LYS A 1 102 ? 6.251   -4.079  10.859  1.00 15.53 ? 102 LYS A CB  1 
ATOM   797  C  CG  . LYS A 1 102 ? 6.267   -2.902  11.732  1.00 17.05 ? 102 LYS A CG  1 
ATOM   798  C  CD  . LYS A 1 102 ? 7.347   -2.766  12.750  1.00 19.59 ? 102 LYS A CD  1 
ATOM   799  C  CE  . LYS A 1 102 ? 8.789   -2.971  12.279  1.00 19.19 ? 102 LYS A CE  1 
ATOM   800  N  NZ  . LYS A 1 102 ? 9.681   -1.995  13.052  1.00 21.96 ? 102 LYS A NZ  1 
ATOM   801  N  N   . TYR A 1 103 ? 6.443   -3.413  7.699   1.00 13.58 ? 103 TYR A N   1 
ATOM   802  C  CA  . TYR A 1 103 ? 6.731   -2.344  6.620   1.00 12.50 ? 103 TYR A CA  1 
ATOM   803  C  C   . TYR A 1 103 ? 5.423   -2.270  5.797   1.00 11.08 ? 103 TYR A C   1 
ATOM   804  O  O   . TYR A 1 103 ? 4.965   -1.240  5.274   1.00 10.74 ? 103 TYR A O   1 
ATOM   805  C  CB  . TYR A 1 103 ? 7.955   -2.777  6.020   1.00 12.62 ? 103 TYR A CB  1 
ATOM   806  C  CG  . TYR A 1 103 ? 9.361   -2.511  6.382   1.00 11.65 ? 103 TYR A CG  1 
ATOM   807  C  CD1 . TYR A 1 103 ? 9.776   -2.145  7.652   1.00 11.76 ? 103 TYR A CD1 1 
ATOM   808  C  CD2 . TYR A 1 103 ? 10.311  -2.657  5.300   1.00 11.43 ? 103 TYR A CD2 1 
ATOM   809  C  CE1 . TYR A 1 103 ? 11.138  -1.944  7.881   1.00 12.13 ? 103 TYR A CE1 1 
ATOM   810  C  CE2 . TYR A 1 103 ? 11.695  -2.494  5.549   1.00 11.85 ? 103 TYR A CE2 1 
ATOM   811  C  CZ  . TYR A 1 103 ? 12.058  -2.119  6.814   1.00 10.92 ? 103 TYR A CZ  1 
ATOM   812  O  OH  . TYR A 1 103 ? 13.352  -1.808  7.170   1.00 12.74 ? 103 TYR A OH  1 
ATOM   813  N  N   . LEU A 1 104 ? 4.801   -3.375  5.721   1.00 10.01 ? 104 LEU A N   1 
ATOM   814  C  CA  . LEU A 1 104 ? 3.435   -3.474  5.154   1.00 9.71  ? 104 LEU A CA  1 
ATOM   815  C  C   . LEU A 1 104 ? 2.487   -2.722  6.121   1.00 8.80  ? 104 LEU A C   1 
ATOM   816  O  O   . LEU A 1 104 ? 1.370   -2.391  5.634   1.00 11.76 ? 104 LEU A O   1 
ATOM   817  C  CB  . LEU A 1 104 ? 3.030   -4.871  4.940   1.00 8.60  ? 104 LEU A CB  1 
ATOM   818  C  CG  . LEU A 1 104 ? 3.454   -5.907  3.934   1.00 7.06  ? 104 LEU A CG  1 
ATOM   819  C  CD1 . LEU A 1 104 ? 2.310   -6.884  3.713   1.00 8.14  ? 104 LEU A CD1 1 
ATOM   820  C  CD2 . LEU A 1 104 ? 3.738   -5.289  2.584   1.00 9.53  ? 104 LEU A CD2 1 
ATOM   821  N  N   . GLU A 1 105 ? 2.820   -2.511  7.322   1.00 8.13  ? 105 GLU A N   1 
ATOM   822  C  CA  . GLU A 1 105 ? 1.976   -1.831  8.305   1.00 8.27  ? 105 GLU A CA  1 
ATOM   823  C  C   . GLU A 1 105 ? 2.113   -0.307  8.120   1.00 7.62  ? 105 GLU A C   1 
ATOM   824  O  O   . GLU A 1 105 ? 1.113   0.412   8.145   1.00 7.96  ? 105 GLU A O   1 
ATOM   825  C  CB  . GLU A 1 105 ? 2.282   -2.132  9.765   1.00 7.95  ? 105 GLU A CB  1 
ATOM   826  C  CG  . GLU A 1 105 ? 1.208   -1.621  10.768  1.00 9.45  ? 105 GLU A CG  1 
ATOM   827  C  CD  . GLU A 1 105 ? 1.407   -1.606  12.245  1.00 10.06 ? 105 GLU A CD  1 
ATOM   828  O  OE1 . GLU A 1 105 ? 2.399   -2.213  12.649  1.00 11.11 ? 105 GLU A OE1 1 
ATOM   829  O  OE2 . GLU A 1 105 ? 0.712   -0.995  13.073  1.00 10.56 ? 105 GLU A OE2 1 
ATOM   830  N  N   . PHE A 1 106 ? 3.365   0.065   8.001   1.00 7.93  ? 106 PHE A N   1 
ATOM   831  C  CA  . PHE A 1 106 ? 3.824   1.417   7.585   1.00 8.86  ? 106 PHE A CA  1 
ATOM   832  C  C   . PHE A 1 106 ? 3.132   1.925   6.318   1.00 9.02  ? 106 PHE A C   1 
ATOM   833  O  O   . PHE A 1 106 ? 2.600   3.065   6.242   1.00 8.16  ? 106 PHE A O   1 
ATOM   834  C  CB  . PHE A 1 106 ? 5.355   1.342   7.420   1.00 9.37  ? 106 PHE A CB  1 
ATOM   835  C  CG  . PHE A 1 106 ? 6.243   1.025   8.629   1.00 8.43  ? 106 PHE A CG  1 
ATOM   836  C  CD1 . PHE A 1 106 ? 5.918   1.018   9.918   1.00 9.72  ? 106 PHE A CD1 1 
ATOM   837  C  CD2 . PHE A 1 106 ? 7.583   0.662   8.357   1.00 11.24 ? 106 PHE A CD2 1 
ATOM   838  C  CE1 . PHE A 1 106 ? 6.757   0.754   11.023  1.00 9.62  ? 106 PHE A CE1 1 
ATOM   839  C  CE2 . PHE A 1 106 ? 8.515   0.321   9.334   1.00 11.01 ? 106 PHE A CE2 1 
ATOM   840  C  CZ  . PHE A 1 106 ? 8.086   0.406   10.726  1.00 12.38 ? 106 PHE A CZ  1 
ATOM   841  N  N   . ILE A 1 107 ? 3.061   1.091   5.237   1.00 9.54  ? 107 ILE A N   1 
ATOM   842  C  CA  . ILE A 1 107 ? 2.441   1.496   3.967   1.00 8.99  ? 107 ILE A CA  1 
ATOM   843  C  C   . ILE A 1 107 ? 0.930   1.690   4.128   1.00 9.97  ? 107 ILE A C   1 
ATOM   844  O  O   . ILE A 1 107 ? 0.322   2.615   3.478   1.00 10.68 ? 107 ILE A O   1 
ATOM   845  C  CB  . ILE A 1 107 ? 2.742   0.480   2.830   1.00 7.35  ? 107 ILE A CB  1 
ATOM   846  C  CG1 . ILE A 1 107 ? 2.144   0.880   1.443   1.00 8.54  ? 107 ILE A CG1 1 
ATOM   847  C  CG2 . ILE A 1 107 ? 2.180   -0.922  3.286   1.00 9.43  ? 107 ILE A CG2 1 
ATOM   848  C  CD1 . ILE A 1 107 ? 3.185   1.208   0.323   1.00 5.93  ? 107 ILE A CD1 1 
ATOM   849  N  N   . SER A 1 108 ? 0.309   0.796   4.861   1.00 10.71 ? 108 SER A N   1 
ATOM   850  C  CA  . SER A 1 108 ? -1.126  0.838   5.137   1.00 11.25 ? 108 SER A CA  1 
ATOM   851  C  C   . SER A 1 108 ? -1.563  2.124   5.838   1.00 11.66 ? 108 SER A C   1 
ATOM   852  O  O   . SER A 1 108 ? -2.692  2.644   5.551   1.00 10.70 ? 108 SER A O   1 
ATOM   853  C  CB  . SER A 1 108 ? -1.611  -0.337  6.050   1.00 13.09 ? 108 SER A CB  1 
ATOM   854  O  OG  . SER A 1 108 ? -1.229  -1.535  5.387   1.00 13.64 ? 108 SER A OG  1 
ATOM   855  N  N   . ASP A 1 109 ? -0.736  2.527   6.788   1.00 10.92 ? 109 ASP A N   1 
ATOM   856  C  CA  . ASP A 1 109 ? -1.053  3.698   7.604   1.00 12.34 ? 109 ASP A CA  1 
ATOM   857  C  C   . ASP A 1 109 ? -0.849  4.906   6.681   1.00 12.23 ? 109 ASP A C   1 
ATOM   858  O  O   . ASP A 1 109 ? -1.693  5.786   6.752   1.00 13.26 ? 109 ASP A O   1 
ATOM   859  C  CB  . ASP A 1 109 ? -0.290  3.767   8.927   1.00 12.92 ? 109 ASP A CB  1 
ATOM   860  C  CG  . ASP A 1 109 ? -0.707  2.816   10.015  1.00 15.10 ? 109 ASP A CG  1 
ATOM   861  O  OD1 . ASP A 1 109 ? -1.789  2.127   9.928   1.00 15.32 ? 109 ASP A OD1 1 
ATOM   862  O  OD2 . ASP A 1 109 ? 0.025   2.565   11.031  1.00 14.74 ? 109 ASP A OD2 1 
ATOM   863  N  N   . ALA A 1 110 ? 0.174   4.843   5.912   1.00 11.59 ? 110 ALA A N   1 
ATOM   864  C  CA  . ALA A 1 110 ? 0.704   5.684   4.939   1.00 11.41 ? 110 ALA A CA  1 
ATOM   865  C  C   . ALA A 1 110 ? -0.386  5.998   3.847   1.00 11.69 ? 110 ALA A C   1 
ATOM   866  O  O   . ALA A 1 110 ? -0.513  7.185   3.481   1.00 10.74 ? 110 ALA A O   1 
ATOM   867  C  CB  . ALA A 1 110 ? 1.926   5.117   4.211   1.00 12.88 ? 110 ALA A CB  1 
ATOM   868  N  N   . ILE A 1 111 ? -1.052  5.014   3.467   1.00 11.49 ? 111 ILE A N   1 
ATOM   869  C  CA  . ILE A 1 111 ? -2.172  5.091   2.522   1.00 12.93 ? 111 ILE A CA  1 
ATOM   870  C  C   . ILE A 1 111 ? -3.287  5.918   3.227   1.00 14.18 ? 111 ILE A C   1 
ATOM   871  O  O   . ILE A 1 111 ? -3.803  6.857   2.586   1.00 13.88 ? 111 ILE A O   1 
ATOM   872  C  CB  . ILE A 1 111 ? -2.630  3.698   2.094   1.00 12.86 ? 111 ILE A CB  1 
ATOM   873  C  CG1 . ILE A 1 111 ? -1.658  3.064   1.083   1.00 12.74 ? 111 ILE A CG1 1 
ATOM   874  C  CG2 . ILE A 1 111 ? -4.091  3.650   1.527   1.00 14.46 ? 111 ILE A CG2 1 
ATOM   875  C  CD1 . ILE A 1 111 ? -1.822  1.648   0.581   1.00 12.11 ? 111 ILE A CD1 1 
ATOM   876  N  N   . ILE A 1 112 ? -3.633  5.504   4.483   1.00 13.92 ? 112 ILE A N   1 
ATOM   877  C  CA  . ILE A 1 112 ? -4.725  6.137   5.236   1.00 14.46 ? 112 ILE A CA  1 
ATOM   878  C  C   . ILE A 1 112 ? -4.408  7.554   5.607   1.00 15.17 ? 112 ILE A C   1 
ATOM   879  O  O   . ILE A 1 112 ? -5.311  8.294   6.035   1.00 17.63 ? 112 ILE A O   1 
ATOM   880  C  CB  . ILE A 1 112 ? -5.217  5.311   6.446   1.00 13.96 ? 112 ILE A CB  1 
ATOM   881  C  CG1 . ILE A 1 112 ? -6.195  4.292   5.805   1.00 12.99 ? 112 ILE A CG1 1 
ATOM   882  C  CG2 . ILE A 1 112 ? -6.048  6.003   7.572   1.00 14.88 ? 112 ILE A CG2 1 
ATOM   883  C  CD1 . ILE A 1 112 ? -5.579  2.938   5.876   1.00 14.58 ? 112 ILE A CD1 1 
ATOM   884  N  N   . HIS A 1 113 ? -3.177  7.945   5.551   1.00 15.86 ? 113 HIS A N   1 
ATOM   885  C  CA  . HIS A 1 113 ? -2.906  9.409   5.905   1.00 14.87 ? 113 HIS A CA  1 
ATOM   886  C  C   . HIS A 1 113 ? -3.179  10.164  4.665   1.00 14.70 ? 113 HIS A C   1 
ATOM   887  O  O   . HIS A 1 113 ? -3.879  11.198  4.414   1.00 15.02 ? 113 HIS A O   1 
ATOM   888  C  CB  . HIS A 1 113 ? -1.519  9.282   6.482   1.00 16.14 ? 113 HIS A CB  1 
ATOM   889  C  CG  . HIS A 1 113 ? -0.820  10.583  6.552   1.00 18.26 ? 113 HIS A CG  1 
ATOM   890  N  ND1 . HIS A 1 113 ? -1.024  11.505  7.557   1.00 18.50 ? 113 HIS A ND1 1 
ATOM   891  C  CD2 . HIS A 1 113 ? -0.024  11.128  5.627   1.00 18.60 ? 113 HIS A CD2 1 
ATOM   892  C  CE1 . HIS A 1 113 ? -0.288  12.535  7.253   1.00 19.47 ? 113 HIS A CE1 1 
ATOM   893  N  NE2 . HIS A 1 113 ? 0.336   12.377  6.102   1.00 19.56 ? 113 HIS A NE2 1 
ATOM   894  N  N   . VAL A 1 114 ? -2.520  9.629   3.600   1.00 12.42 ? 114 VAL A N   1 
ATOM   895  C  CA  . VAL A 1 114 ? -2.592  10.186  2.259   1.00 11.16 ? 114 VAL A CA  1 
ATOM   896  C  C   . VAL A 1 114 ? -4.053  10.448  1.793   1.00 10.12 ? 114 VAL A C   1 
ATOM   897  O  O   . VAL A 1 114 ? -4.229  11.472  1.100   1.00 10.35 ? 114 VAL A O   1 
ATOM   898  C  CB  . VAL A 1 114 ? -1.823  9.271   1.269   1.00 10.57 ? 114 VAL A CB  1 
ATOM   899  C  CG1 . VAL A 1 114 ? -2.207  9.596   -0.205  1.00 10.66 ? 114 VAL A CG1 1 
ATOM   900  C  CG2 . VAL A 1 114 ? -0.400  9.468   1.609   1.00 9.45  ? 114 VAL A CG2 1 
ATOM   901  N  N   . LEU A 1 115 ? -4.944  9.547   2.008   1.00 7.90  ? 115 LEU A N   1 
ATOM   902  C  CA  . LEU A 1 115 ? -6.313  9.693   1.712   1.00 7.81  ? 115 LEU A CA  1 
ATOM   903  C  C   . LEU A 1 115 ? -6.919  10.901  2.486   1.00 8.33  ? 115 LEU A C   1 
ATOM   904  O  O   . LEU A 1 115 ? -7.745  11.509  1.886   1.00 5.59  ? 115 LEU A O   1 
ATOM   905  C  CB  . LEU A 1 115 ? -7.036  8.296   1.916   1.00 5.72  ? 115 LEU A CB  1 
ATOM   906  C  CG  . LEU A 1 115 ? -6.921  7.620   0.568   1.00 6.71  ? 115 LEU A CG  1 
ATOM   907  C  CD1 . LEU A 1 115 ? -6.375  6.211   0.602   1.00 8.16  ? 115 LEU A CD1 1 
ATOM   908  C  CD2 . LEU A 1 115 ? -8.291  7.667   -0.131  1.00 6.72  ? 115 LEU A CD2 1 
ATOM   909  N  N   . HIS A 1 116 ? -6.466  11.210  3.768   1.00 9.41  ? 116 HIS A N   1 
ATOM   910  C  CA  . HIS A 1 116 ? -6.968  12.304  4.577   1.00 9.68  ? 116 HIS A CA  1 
ATOM   911  C  C   . HIS A 1 116 ? -6.575  13.705  3.993   1.00 11.72 ? 116 HIS A C   1 
ATOM   912  O  O   . HIS A 1 116 ? -7.342  14.642  3.666   1.00 9.73  ? 116 HIS A O   1 
ATOM   913  C  CB  . HIS A 1 116 ? -6.595  12.306  6.136   1.00 9.74  ? 116 HIS A CB  1 
ATOM   914  C  CG  . HIS A 1 116 ? -7.524  11.329  6.854   1.00 8.23  ? 116 HIS A CG  1 
ATOM   915  N  ND1 . HIS A 1 116 ? -8.878  11.323  6.601   1.00 8.78  ? 116 HIS A ND1 1 
ATOM   916  C  CD2 . HIS A 1 116 ? -7.312  10.302  7.685   1.00 8.48  ? 116 HIS A CD2 1 
ATOM   917  C  CE1 . HIS A 1 116 ? -9.463  10.328  7.300   1.00 8.72  ? 116 HIS A CE1 1 
ATOM   918  N  NE2 . HIS A 1 116 ? -8.508  9.667   7.972   1.00 8.39  ? 116 HIS A NE2 1 
ATOM   919  N  N   . SER A 1 117 ? -5.232  13.756  3.790   1.00 11.78 ? 117 SER A N   1 
ATOM   920  C  CA  . SER A 1 117 ? -4.552  14.897  3.276   1.00 11.92 ? 117 SER A CA  1 
ATOM   921  C  C   . SER A 1 117 ? -5.117  15.314  1.924   1.00 12.27 ? 117 SER A C   1 
ATOM   922  O  O   . SER A 1 117 ? -5.469  16.482  1.753   1.00 12.30 ? 117 SER A O   1 
ATOM   923  C  CB  . SER A 1 117 ? -3.013  14.613  3.192   1.00 10.90 ? 117 SER A CB  1 
ATOM   924  O  OG  . SER A 1 117 ? -2.414  15.630  2.364   1.00 13.26 ? 117 SER A OG  1 
ATOM   925  N  N   . LYS A 1 118 ? -5.075  14.350  1.012   1.00 13.26 ? 118 LYS A N   1 
ATOM   926  C  CA  . LYS A 1 118 ? -5.577  14.805  -0.341  1.00 13.80 ? 118 LYS A CA  1 
ATOM   927  C  C   . LYS A 1 118 ? -7.066  14.951  -0.295  1.00 14.44 ? 118 LYS A C   1 
ATOM   928  O  O   . LYS A 1 118 ? -7.551  15.918  -1.014  1.00 14.60 ? 118 LYS A O   1 
ATOM   929  C  CB  . LYS A 1 118 ? -4.937  13.936  -1.392  1.00 14.62 ? 118 LYS A CB  1 
ATOM   930  C  CG  . LYS A 1 118 ? -3.512  14.474  -1.911  1.00 13.40 ? 118 LYS A CG  1 
ATOM   931  C  CD  . LYS A 1 118 ? -2.763  13.276  -2.144  1.00 14.30 ? 118 LYS A CD  1 
ATOM   932  C  CE  . LYS A 1 118 ? -2.843  12.454  -3.442  1.00 13.33 ? 118 LYS A CE  1 
ATOM   933  N  NZ  . LYS A 1 118 ? -2.353  11.075  -2.895  1.00 16.54 ? 118 LYS A NZ  1 
ATOM   934  N  N   . HIS A 1 119 ? -7.860  14.235  0.468   1.00 14.13 ? 119 HIS A N   1 
ATOM   935  C  CA  . HIS A 1 119 ? -9.375  14.416  0.445   1.00 13.88 ? 119 HIS A CA  1 
ATOM   936  C  C   . HIS A 1 119 ? -9.850  14.805  1.831   1.00 15.00 ? 119 HIS A C   1 
ATOM   937  O  O   . HIS A 1 119 ? -10.495 14.102  2.633   1.00 13.99 ? 119 HIS A O   1 
ATOM   938  C  CB  . HIS A 1 119 ? -10.074 13.128  -0.009  1.00 11.64 ? 119 HIS A CB  1 
ATOM   939  C  CG  . HIS A 1 119 ? -9.593  12.704  -1.359  1.00 9.76  ? 119 HIS A CG  1 
ATOM   940  N  ND1 . HIS A 1 119 ? -8.475  11.818  -1.390  1.00 8.41  ? 119 HIS A ND1 1 
ATOM   941  C  CD2 . HIS A 1 119 ? -9.931  13.048  -2.604  1.00 7.96  ? 119 HIS A CD2 1 
ATOM   942  C  CE1 . HIS A 1 119 ? -8.194  11.650  -2.667  1.00 7.49  ? 119 HIS A CE1 1 
ATOM   943  N  NE2 . HIS A 1 119 ? -9.064  12.367  -3.418  1.00 9.14  ? 119 HIS A NE2 1 
ATOM   944  N  N   . PRO A 1 120 ? -9.401  16.011  2.192   1.00 15.67 ? 120 PRO A N   1 
ATOM   945  C  CA  . PRO A 1 120 ? -9.636  16.569  3.526   1.00 16.15 ? 120 PRO A CA  1 
ATOM   946  C  C   . PRO A 1 120 ? -11.059 16.845  3.725   1.00 16.45 ? 120 PRO A C   1 
ATOM   947  O  O   . PRO A 1 120 ? -11.449 18.042  3.497   1.00 18.33 ? 120 PRO A O   1 
ATOM   948  C  CB  . PRO A 1 120 ? -8.645  17.764  3.489   1.00 16.24 ? 120 PRO A CB  1 
ATOM   949  C  CG  . PRO A 1 120 ? -8.980  18.283  2.062   1.00 16.71 ? 120 PRO A CG  1 
ATOM   950  C  CD  . PRO A 1 120 ? -8.693  16.974  1.311   1.00 16.04 ? 120 PRO A CD  1 
ATOM   951  N  N   . GLY A 1 121 ? -11.859 15.890  4.028   1.00 16.71 ? 121 GLY A N   1 
ATOM   952  C  CA  . GLY A 1 121 ? -13.264 16.114  4.162   1.00 16.92 ? 121 GLY A CA  1 
ATOM   953  C  C   . GLY A 1 121 ? -14.109 15.226  3.356   1.00 17.77 ? 121 GLY A C   1 
ATOM   954  O  O   . GLY A 1 121 ? -15.384 15.197  3.767   1.00 18.20 ? 121 GLY A O   1 
ATOM   955  N  N   . ASP A 1 122 ? -13.666 14.460  2.371   1.00 18.04 ? 122 ASP A N   1 
ATOM   956  C  CA  . ASP A 1 122 ? -14.702 13.552  1.764   1.00 18.38 ? 122 ASP A CA  1 
ATOM   957  C  C   . ASP A 1 122 ? -14.339 12.075  2.022   1.00 17.81 ? 122 ASP A C   1 
ATOM   958  O  O   . ASP A 1 122 ? -14.843 11.182  1.336   1.00 15.79 ? 122 ASP A O   1 
ATOM   959  C  CB  . ASP A 1 122 ? -15.271 13.828  0.367   1.00 20.58 ? 122 ASP A CB  1 
ATOM   960  C  CG  . ASP A 1 122 ? -16.721 14.373  0.503   1.00 22.37 ? 122 ASP A CG  1 
ATOM   961  O  OD1 . ASP A 1 122 ? -17.372 14.185  1.615   1.00 23.19 ? 122 ASP A OD1 1 
ATOM   962  O  OD2 . ASP A 1 122 ? -17.255 14.967  -0.502  1.00 22.89 ? 122 ASP A OD2 1 
ATOM   963  N  N   . PHE A 1 123 ? -13.563 11.904  3.104   1.00 16.59 ? 123 PHE A N   1 
ATOM   964  C  CA  . PHE A 1 123 ? -13.337 10.428  3.466   1.00 16.55 ? 123 PHE A CA  1 
ATOM   965  C  C   . PHE A 1 123 ? -13.564 10.350  4.956   1.00 16.26 ? 123 PHE A C   1 
ATOM   966  O  O   . PHE A 1 123 ? -12.729 10.574  5.812   1.00 17.96 ? 123 PHE A O   1 
ATOM   967  C  CB  . PHE A 1 123 ? -12.131 9.865   2.780   1.00 14.79 ? 123 PHE A CB  1 
ATOM   968  C  CG  . PHE A 1 123 ? -11.304 8.833   3.348   1.00 14.04 ? 123 PHE A CG  1 
ATOM   969  C  CD1 . PHE A 1 123 ? -11.622 7.445   3.207   1.00 14.00 ? 123 PHE A CD1 1 
ATOM   970  C  CD2 . PHE A 1 123 ? -10.144 9.220   4.090   1.00 14.19 ? 123 PHE A CD2 1 
ATOM   971  C  CE1 . PHE A 1 123 ? -10.779 6.487   3.759   1.00 13.86 ? 123 PHE A CE1 1 
ATOM   972  C  CE2 . PHE A 1 123 ? -9.337  8.232   4.627   1.00 12.40 ? 123 PHE A CE2 1 
ATOM   973  C  CZ  . PHE A 1 123 ? -9.652  6.912   4.467   1.00 12.10 ? 123 PHE A CZ  1 
ATOM   974  N  N   . GLY A 1 124 ? -14.817 9.939   5.312   1.00 15.18 ? 124 GLY A N   1 
ATOM   975  C  CA  . GLY A 1 124 ? -15.458 9.865   6.503   1.00 14.17 ? 124 GLY A CA  1 
ATOM   976  C  C   . GLY A 1 124 ? -15.142 8.918   7.572   1.00 14.07 ? 124 GLY A C   1 
ATOM   977  O  O   . GLY A 1 124 ? -13.992 8.358   7.431   1.00 14.82 ? 124 GLY A O   1 
ATOM   978  N  N   . ALA A 1 125 ? -16.031 8.712   8.554   1.00 13.30 ? 125 ALA A N   1 
ATOM   979  C  CA  . ALA A 1 125 ? -15.773 7.743   9.608   1.00 11.81 ? 125 ALA A CA  1 
ATOM   980  C  C   . ALA A 1 125 ? -15.916 6.281   9.007   1.00 11.91 ? 125 ALA A C   1 
ATOM   981  O  O   . ALA A 1 125 ? -15.098 5.495   9.310   1.00 10.41 ? 125 ALA A O   1 
ATOM   982  C  CB  . ALA A 1 125 ? -16.614 7.923   10.811  1.00 11.76 ? 125 ALA A CB  1 
ATOM   983  N  N   . ASP A 1 126 ? -16.953 6.022   8.246   1.00 11.52 ? 126 ASP A N   1 
ATOM   984  C  CA  . ASP A 1 126 ? -17.289 4.702   7.661   1.00 10.92 ? 126 ASP A CA  1 
ATOM   985  C  C   . ASP A 1 126 ? -16.325 4.286   6.565   1.00 10.62 ? 126 ASP A C   1 
ATOM   986  O  O   . ASP A 1 126 ? -15.831 3.078   6.684   1.00 11.09 ? 126 ASP A O   1 
ATOM   987  C  CB  . ASP A 1 126 ? -18.714 4.765   7.302   1.00 13.05 ? 126 ASP A CB  1 
ATOM   988  C  CG  . ASP A 1 126 ? -19.348 5.494   6.135   1.00 15.79 ? 126 ASP A CG  1 
ATOM   989  O  OD1 . ASP A 1 126 ? -18.878 6.440   5.456   1.00 14.55 ? 126 ASP A OD1 1 
ATOM   990  O  OD2 . ASP A 1 126 ? -20.543 5.042   5.823   1.00 15.48 ? 126 ASP A OD2 1 
ATOM   991  N  N   . ALA A 1 127 ? -15.991 5.105   5.603   1.00 8.25  ? 127 ALA A N   1 
ATOM   992  C  CA  . ALA A 1 127 ? -15.057 4.772   4.545   1.00 8.06  ? 127 ALA A CA  1 
ATOM   993  C  C   . ALA A 1 127 ? -13.677 4.369   5.146   1.00 8.57  ? 127 ALA A C   1 
ATOM   994  O  O   . ALA A 1 127 ? -13.085 3.384   4.725   1.00 7.85  ? 127 ALA A O   1 
ATOM   995  C  CB  . ALA A 1 127 ? -14.733 5.779   3.461   1.00 3.08  ? 127 ALA A CB  1 
ATOM   996  N  N   . GLN A 1 128 ? -13.178 5.233   6.010   1.00 10.44 ? 128 GLN A N   1 
ATOM   997  C  CA  . GLN A 1 128 ? -11.958 5.145   6.765   1.00 10.85 ? 128 GLN A CA  1 
ATOM   998  C  C   . GLN A 1 128 ? -11.967 3.768   7.519   1.00 11.64 ? 128 GLN A C   1 
ATOM   999  O  O   . GLN A 1 128 ? -11.022 3.058   7.599   1.00 11.92 ? 128 GLN A O   1 
ATOM   1000 C  CB  . GLN A 1 128 ? -11.706 6.259   7.766   1.00 12.27 ? 128 GLN A CB  1 
ATOM   1001 C  CG  . GLN A 1 128 ? -10.257 6.052   8.256   1.00 13.00 ? 128 GLN A CG  1 
ATOM   1002 C  CD  . GLN A 1 128 ? -9.779  6.860   9.357   1.00 12.96 ? 128 GLN A CD  1 
ATOM   1003 O  OE1 . GLN A 1 128 ? -9.121  6.293   10.252  1.00 13.30 ? 128 GLN A OE1 1 
ATOM   1004 N  NE2 . GLN A 1 128 ? -10.097 8.121   9.381   1.00 13.02 ? 128 GLN A NE2 1 
ATOM   1005 N  N   . GLY A 1 129 ? -13.103 3.453   8.053   1.00 11.43 ? 129 GLY A N   1 
ATOM   1006 C  CA  . GLY A 1 129 ? -13.442 2.208   8.778   1.00 10.89 ? 129 GLY A CA  1 
ATOM   1007 C  C   . GLY A 1 129 ? -13.178 1.043   7.854   1.00 9.54  ? 129 GLY A C   1 
ATOM   1008 O  O   . GLY A 1 129 ? -12.393 0.163   8.218   1.00 10.65 ? 129 GLY A O   1 
ATOM   1009 N  N   . ALA A 1 130 ? -13.847 0.999   6.737   1.00 10.15 ? 130 ALA A N   1 
ATOM   1010 C  CA  . ALA A 1 130 ? -13.809 -0.044  5.711   1.00 9.47  ? 130 ALA A CA  1 
ATOM   1011 C  C   . ALA A 1 130 ? -12.456 -0.043  4.950   1.00 10.16 ? 130 ALA A C   1 
ATOM   1012 O  O   . ALA A 1 130 ? -11.998 -1.049  4.402   1.00 10.76 ? 130 ALA A O   1 
ATOM   1013 C  CB  . ALA A 1 130 ? -14.906 0.197   4.707   1.00 7.94  ? 130 ALA A CB  1 
ATOM   1014 N  N   . MET A 1 131 ? -11.793 1.099   4.870   1.00 9.74  ? 131 MET A N   1 
ATOM   1015 C  CA  . MET A 1 131 ? -10.497 1.054   4.119   1.00 9.39  ? 131 MET A CA  1 
ATOM   1016 C  C   . MET A 1 131 ? -9.533  0.415   5.078   1.00 7.87  ? 131 MET A C   1 
ATOM   1017 O  O   . MET A 1 131 ? -8.719  -0.462  4.659   1.00 9.70  ? 131 MET A O   1 
ATOM   1018 C  CB  . MET A 1 131 ? -10.245 2.394   3.574   1.00 9.76  ? 131 MET A CB  1 
ATOM   1019 C  CG  . MET A 1 131 ? -8.965  2.671   2.884   1.00 12.27 ? 131 MET A CG  1 
ATOM   1020 S  SD  . MET A 1 131 ? -8.567  1.735   1.355   1.00 17.29 ? 131 MET A SD  1 
ATOM   1021 C  CE  . MET A 1 131 ? -10.037 2.243   0.400   1.00 12.69 ? 131 MET A CE  1 
ATOM   1022 N  N   . THR A 1 132 ? -9.650  0.712   6.369   1.00 7.82  ? 132 THR A N   1 
ATOM   1023 C  CA  . THR A 1 132 ? -8.682  0.006   7.346   1.00 5.62  ? 132 THR A CA  1 
ATOM   1024 C  C   . THR A 1 132 ? -8.811  -1.437  7.342   1.00 5.06  ? 132 THR A C   1 
ATOM   1025 O  O   . THR A 1 132 ? -7.742  -2.128  7.195   1.00 5.59  ? 132 THR A O   1 
ATOM   1026 C  CB  . THR A 1 132 ? -8.934  0.603   8.792   1.00 5.88  ? 132 THR A CB  1 
ATOM   1027 O  OG1 . THR A 1 132 ? -8.904  2.063   8.503   1.00 6.11  ? 132 THR A OG1 1 
ATOM   1028 C  CG2 . THR A 1 132 ? -7.993  0.023   9.834   1.00 5.56  ? 132 THR A CG2 1 
ATOM   1029 N  N   . LYS A 1 133 ? -10.049 -1.900  7.486   1.00 4.78  ? 133 LYS A N   1 
ATOM   1030 C  CA  . LYS A 1 133 ? -10.293 -3.386  7.435   1.00 4.93  ? 133 LYS A CA  1 
ATOM   1031 C  C   . LYS A 1 133 ? -9.757  -4.172  6.313   1.00 5.17  ? 133 LYS A C   1 
ATOM   1032 O  O   . LYS A 1 133 ? -9.397  -5.467  6.290   1.00 5.47  ? 133 LYS A O   1 
ATOM   1033 C  CB  . LYS A 1 133 ? -11.865 -3.673  7.362   1.00 5.76  ? 133 LYS A CB  1 
ATOM   1034 C  CG  . LYS A 1 133 ? -12.297 -3.576  8.926   1.00 6.88  ? 133 LYS A CG  1 
ATOM   1035 C  CD  . LYS A 1 133 ? -13.852 -3.941  8.923   1.00 9.02  ? 133 LYS A CD  1 
ATOM   1036 C  CE  . LYS A 1 133 ? -13.926 -5.361  9.458   1.00 9.83  ? 133 LYS A CE  1 
ATOM   1037 N  NZ  . LYS A 1 133 ? -15.181 -6.058  9.018   1.00 12.11 ? 133 LYS A NZ  1 
ATOM   1038 N  N   . ALA A 1 134 ? -9.737  -3.526  5.109   1.00 4.48  ? 134 ALA A N   1 
ATOM   1039 C  CA  . ALA A 1 134 ? -9.393  -4.255  3.867   1.00 2.38  ? 134 ALA A CA  1 
ATOM   1040 C  C   . ALA A 1 134 ? -7.933  -4.287  3.793   1.00 4.48  ? 134 ALA A C   1 
ATOM   1041 O  O   . ALA A 1 134 ? -7.350  -5.285  3.290   1.00 3.13  ? 134 ALA A O   1 
ATOM   1042 C  CB  . ALA A 1 134 ? -10.087 -3.542  2.669   1.00 3.07  ? 134 ALA A CB  1 
ATOM   1043 N  N   . LEU A 1 135 ? -7.313  -3.267  4.351   1.00 4.15  ? 135 LEU A N   1 
ATOM   1044 C  CA  . LEU A 1 135 ? -5.807  -3.197  4.303   1.00 4.09  ? 135 LEU A CA  1 
ATOM   1045 C  C   . LEU A 1 135 ? -5.389  -4.159  5.397   1.00 5.05  ? 135 LEU A C   1 
ATOM   1046 O  O   . LEU A 1 135 ? -4.357  -4.883  5.293   1.00 5.19  ? 135 LEU A O   1 
ATOM   1047 C  CB  . LEU A 1 135 ? -5.483  -1.716  4.333   1.00 4.48  ? 135 LEU A CB  1 
ATOM   1048 C  CG  . LEU A 1 135 ? -5.226  -0.713  3.315   1.00 6.89  ? 135 LEU A CG  1 
ATOM   1049 C  CD1 . LEU A 1 135 ? -4.633  0.648   3.833   1.00 7.36  ? 135 LEU A CD1 1 
ATOM   1050 C  CD2 . LEU A 1 135 ? -4.116  -1.168  2.273   1.00 5.96  ? 135 LEU A CD2 1 
ATOM   1051 N  N   . GLU A 1 136 ? -6.206  -4.286  6.424   1.00 6.10  ? 136 GLU A N   1 
ATOM   1052 C  CA  . GLU A 1 136 ? -5.908  -5.281  7.482   1.00 7.42  ? 136 GLU A CA  1 
ATOM   1053 C  C   . GLU A 1 136 ? -6.024  -6.686  6.880   1.00 8.06  ? 136 GLU A C   1 
ATOM   1054 O  O   . GLU A 1 136 ? -5.050  -7.457  7.007   1.00 6.26  ? 136 GLU A O   1 
ATOM   1055 C  CB  . GLU A 1 136 ? -6.734  -5.095  8.743   1.00 8.10  ? 136 GLU A CB  1 
ATOM   1056 C  CG  . GLU A 1 136 ? -6.141  -4.012  9.769   1.00 9.98  ? 136 GLU A CG  1 
ATOM   1057 C  CD  . GLU A 1 136 ? -7.036  -3.589  10.928  1.00 11.49 ? 136 GLU A CD  1 
ATOM   1058 O  OE1 . GLU A 1 136 ? -8.221  -4.091  11.009  1.00 12.68 ? 136 GLU A OE1 1 
ATOM   1059 O  OE2 . GLU A 1 136 ? -6.533  -2.795  11.743  1.00 10.17 ? 136 GLU A OE2 1 
ATOM   1060 N  N   . LEU A 1 137 ? -7.076  -7.098  6.234   1.00 8.32  ? 137 LEU A N   1 
ATOM   1061 C  CA  . LEU A 1 137 ? -7.308  -8.426  5.631   1.00 9.24  ? 137 LEU A CA  1 
ATOM   1062 C  C   . LEU A 1 137 ? -6.237  -8.924  4.651   1.00 10.22 ? 137 LEU A C   1 
ATOM   1063 O  O   . LEU A 1 137 ? -6.108  -10.141 4.385   1.00 10.80 ? 137 LEU A O   1 
ATOM   1064 C  CB  . LEU A 1 137 ? -8.591  -8.417  4.765   1.00 8.73  ? 137 LEU A CB  1 
ATOM   1065 C  CG  . LEU A 1 137 ? -9.180  -9.608  4.058   1.00 6.88  ? 137 LEU A CG  1 
ATOM   1066 C  CD1 . LEU A 1 137 ? -10.735 -9.508  4.116   1.00 6.94  ? 137 LEU A CD1 1 
ATOM   1067 C  CD2 . LEU A 1 137 ? -8.846  -9.578  2.625   1.00 6.42  ? 137 LEU A CD2 1 
ATOM   1068 N  N   . PHE A 1 138 ? -5.660  -7.837  4.033   1.00 10.46 ? 138 PHE A N   1 
ATOM   1069 C  CA  . PHE A 1 138 ? -4.608  -7.843  3.111   1.00 8.68  ? 138 PHE A CA  1 
ATOM   1070 C  C   . PHE A 1 138 ? -3.319  -8.309  3.823   1.00 8.92  ? 138 PHE A C   1 
ATOM   1071 O  O   . PHE A 1 138 ? -2.665  -9.244  3.277   1.00 8.81  ? 138 PHE A O   1 
ATOM   1072 C  CB  . PHE A 1 138 ? -4.405  -6.462  2.553   1.00 9.30  ? 138 PHE A CB  1 
ATOM   1073 C  CG  . PHE A 1 138 ? -3.176  -6.288  1.672   1.00 8.77  ? 138 PHE A CG  1 
ATOM   1074 C  CD1 . PHE A 1 138 ? -3.028  -6.951  0.476   1.00 7.81  ? 138 PHE A CD1 1 
ATOM   1075 C  CD2 . PHE A 1 138 ? -2.177  -5.437  2.124   1.00 8.79  ? 138 PHE A CD2 1 
ATOM   1076 C  CE1 . PHE A 1 138 ? -1.881  -6.722  -0.221  1.00 8.11  ? 138 PHE A CE1 1 
ATOM   1077 C  CE2 . PHE A 1 138 ? -0.966  -5.226  1.411   1.00 6.52  ? 138 PHE A CE2 1 
ATOM   1078 C  CZ  . PHE A 1 138 ? -0.845  -5.840  0.248   1.00 7.87  ? 138 PHE A CZ  1 
ATOM   1079 N  N   . ARG A 1 139 ? -2.868  -7.592  4.776   1.00 6.61  ? 139 ARG A N   1 
ATOM   1080 C  CA  . ARG A 1 139 ? -1.655  -7.839  5.586   1.00 7.73  ? 139 ARG A CA  1 
ATOM   1081 C  C   . ARG A 1 139 ? -1.701  -9.250  6.205   1.00 9.18  ? 139 ARG A C   1 
ATOM   1082 O  O   . ARG A 1 139 ? -0.716  -10.016 6.309   1.00 10.20 ? 139 ARG A O   1 
ATOM   1083 C  CB  . ARG A 1 139 ? -1.532  -6.821  6.701   1.00 6.09  ? 139 ARG A CB  1 
ATOM   1084 C  CG  . ARG A 1 139 ? -0.586  -5.737  6.665   1.00 6.76  ? 139 ARG A CG  1 
ATOM   1085 C  CD  . ARG A 1 139 ? -0.066  -5.046  7.831   1.00 7.23  ? 139 ARG A CD  1 
ATOM   1086 N  NE  . ARG A 1 139 ? -0.896  -4.477  8.794   1.00 8.97  ? 139 ARG A NE  1 
ATOM   1087 C  CZ  . ARG A 1 139 ? -1.959  -3.804  9.043   1.00 9.54  ? 139 ARG A CZ  1 
ATOM   1088 N  NH1 . ARG A 1 139 ? -2.805  -3.238  8.166   1.00 10.28 ? 139 ARG A NH1 1 
ATOM   1089 N  NH2 . ARG A 1 139 ? -2.462  -3.512  10.297  1.00 9.92  ? 139 ARG A NH2 1 
ATOM   1090 N  N   . ASN A 1 140 ? -2.921  -9.579  6.665   1.00 9.47  ? 140 ASN A N   1 
ATOM   1091 C  CA  . ASN A 1 140 ? -3.150  -10.835 7.353   1.00 10.50 ? 140 ASN A CA  1 
ATOM   1092 C  C   . ASN A 1 140 ? -2.995  -12.065 6.462   1.00 11.47 ? 140 ASN A C   1 
ATOM   1093 O  O   . ASN A 1 140 ? -2.658  -13.208 6.884   1.00 9.08  ? 140 ASN A O   1 
ATOM   1094 C  CB  . ASN A 1 140 ? -4.568  -10.606 7.957   1.00 11.82 ? 140 ASN A CB  1 
ATOM   1095 C  CG  . ASN A 1 140 ? -5.048  -11.841 8.722   1.00 13.10 ? 140 ASN A CG  1 
ATOM   1096 O  OD1 . ASN A 1 140 ? -4.511  -11.958 9.858   1.00 12.33 ? 140 ASN A OD1 1 
ATOM   1097 N  ND2 . ASN A 1 140 ? -5.864  -12.657 8.076   1.00 12.05 ? 140 ASN A ND2 1 
ATOM   1098 N  N   . ASP A 1 141 ? -3.353  -11.793 5.154   1.00 10.91 ? 141 ASP A N   1 
ATOM   1099 C  CA  . ASP A 1 141 ? -3.337  -12.948 4.221   1.00 11.34 ? 141 ASP A CA  1 
ATOM   1100 C  C   . ASP A 1 141 ? -1.896  -13.200 3.869   1.00 11.31 ? 141 ASP A C   1 
ATOM   1101 O  O   . ASP A 1 141 ? -1.481  -14.340 3.770   1.00 12.85 ? 141 ASP A O   1 
ATOM   1102 C  CB  . ASP A 1 141 ? -4.287  -12.770 3.017   1.00 12.36 ? 141 ASP A CB  1 
ATOM   1103 C  CG  . ASP A 1 141 ? -5.655  -13.220 3.441   1.00 12.84 ? 141 ASP A CG  1 
ATOM   1104 O  OD1 . ASP A 1 141 ? -5.924  -13.961 4.455   1.00 13.83 ? 141 ASP A OD1 1 
ATOM   1105 O  OD2 . ASP A 1 141 ? -6.562  -12.802 2.758   1.00 13.14 ? 141 ASP A OD2 1 
ATOM   1106 N  N   . ILE A 1 142 ? -1.149  -12.075 3.794   1.00 11.47 ? 142 ILE A N   1 
ATOM   1107 C  CA  . ILE A 1 142 ? 0.274   -12.141 3.518   1.00 10.13 ? 142 ILE A CA  1 
ATOM   1108 C  C   . ILE A 1 142 ? 0.915   -12.737 4.760   1.00 10.45 ? 142 ILE A C   1 
ATOM   1109 O  O   . ILE A 1 142 ? 1.912   -13.374 4.556   1.00 11.55 ? 142 ILE A O   1 
ATOM   1110 C  CB  . ILE A 1 142 ? 0.961   -10.775 3.235   1.00 9.02  ? 142 ILE A CB  1 
ATOM   1111 C  CG1 . ILE A 1 142 ? 0.228   -10.052 2.088   1.00 10.08 ? 142 ILE A CG1 1 
ATOM   1112 C  CG2 . ILE A 1 142 ? 2.491   -11.019 2.993   1.00 10.39 ? 142 ILE A CG2 1 
ATOM   1113 C  CD1 . ILE A 1 142 ? 0.822   -9.078  1.115   1.00 8.69  ? 142 ILE A CD1 1 
ATOM   1114 N  N   . ALA A 1 143 ? 0.485   -12.269 6.010   1.00 10.51 ? 143 ALA A N   1 
ATOM   1115 C  CA  . ALA A 1 143 ? 1.196   -12.787 7.163   1.00 9.37  ? 143 ALA A CA  1 
ATOM   1116 C  C   . ALA A 1 143 ? 1.041   -14.297 7.106   1.00 8.88  ? 143 ALA A C   1 
ATOM   1117 O  O   . ALA A 1 143 ? 1.953   -14.929 7.604   1.00 11.05 ? 143 ALA A O   1 
ATOM   1118 C  CB  . ALA A 1 143 ? 0.720   -12.364 8.537   1.00 8.68  ? 143 ALA A CB  1 
ATOM   1119 N  N   . ALA A 1 144 ? -0.068  -14.748 6.586   1.00 8.02  ? 144 ALA A N   1 
ATOM   1120 C  CA  . ALA A 1 144 ? -0.336  -16.150 6.636   1.00 7.53  ? 144 ALA A CA  1 
ATOM   1121 C  C   . ALA A 1 144 ? 0.665   -16.790 5.695   1.00 9.61  ? 144 ALA A C   1 
ATOM   1122 O  O   . ALA A 1 144 ? 1.288   -17.878 6.282   1.00 9.32  ? 144 ALA A O   1 
ATOM   1123 C  CB  . ALA A 1 144 ? -1.822  -16.387 6.502   1.00 9.27  ? 144 ALA A CB  1 
ATOM   1124 N  N   . LYS A 1 145 ? 0.956   -16.253 4.547   1.00 8.17  ? 145 LYS A N   1 
ATOM   1125 C  CA  . LYS A 1 145 ? 1.957   -16.881 3.602   1.00 8.46  ? 145 LYS A CA  1 
ATOM   1126 C  C   . LYS A 1 145 ? 3.384   -16.599 4.003   1.00 7.49  ? 145 LYS A C   1 
ATOM   1127 O  O   . LYS A 1 145 ? 4.333   -17.246 3.628   1.00 9.17  ? 145 LYS A O   1 
ATOM   1128 C  CB  . LYS A 1 145 ? 1.834   -16.420 2.132   1.00 7.59  ? 145 LYS A CB  1 
ATOM   1129 C  CG  . LYS A 1 145 ? 0.540   -15.753 1.862   1.00 9.95  ? 145 LYS A CG  1 
ATOM   1130 C  CD  . LYS A 1 145 ? -0.585  -16.784 1.699   1.00 11.04 ? 145 LYS A CD  1 
ATOM   1131 C  CE  . LYS A 1 145 ? -1.927  -15.964 1.681   1.00 10.94 ? 145 LYS A CE  1 
ATOM   1132 N  NZ  . LYS A 1 145 ? -2.741  -16.429 2.854   1.00 8.82  ? 145 LYS A NZ  1 
ATOM   1133 N  N   . TYR A 1 146 ? 3.621   -15.570 4.833   1.00 7.08  ? 146 TYR A N   1 
ATOM   1134 C  CA  . TYR A 1 146 ? 4.871   -15.176 5.322   1.00 6.38  ? 146 TYR A CA  1 
ATOM   1135 C  C   . TYR A 1 146 ? 5.271   -16.255 6.404   1.00 8.39  ? 146 TYR A C   1 
ATOM   1136 O  O   . TYR A 1 146 ? 6.443   -16.609 6.481   1.00 8.50  ? 146 TYR A O   1 
ATOM   1137 C  CB  . TYR A 1 146 ? 4.758   -13.769 5.765   1.00 4.70  ? 146 TYR A CB  1 
ATOM   1138 C  CG  . TYR A 1 146 ? 5.363   -12.637 4.968   1.00 3.39  ? 146 TYR A CG  1 
ATOM   1139 C  CD1 . TYR A 1 146 ? 5.293   -12.550 3.603   1.00 3.15  ? 146 TYR A CD1 1 
ATOM   1140 C  CD2 . TYR A 1 146 ? 6.096   -11.646 5.617   1.00 4.00  ? 146 TYR A CD2 1 
ATOM   1141 C  CE1 . TYR A 1 146 ? 5.889   -11.508 2.982   1.00 4.42  ? 146 TYR A CE1 1 
ATOM   1142 C  CE2 . TYR A 1 146 ? 6.777   -10.570 5.014   1.00 3.37  ? 146 TYR A CE2 1 
ATOM   1143 C  CZ  . TYR A 1 146 ? 6.662   -10.545 3.677   1.00 3.77  ? 146 TYR A CZ  1 
ATOM   1144 O  OH  . TYR A 1 146 ? 7.230   -9.621  2.815   1.00 4.81  ? 146 TYR A OH  1 
ATOM   1145 N  N   . LYS A 1 147 ? 4.357   -16.694 7.206   1.00 9.44  ? 147 LYS A N   1 
ATOM   1146 C  CA  . LYS A 1 147 ? 4.484   -17.739 8.220   1.00 9.87  ? 147 LYS A CA  1 
ATOM   1147 C  C   . LYS A 1 147 ? 4.778   -19.108 7.534   1.00 10.53 ? 147 LYS A C   1 
ATOM   1148 O  O   . LYS A 1 147 ? 5.514   -19.851 8.231   1.00 10.81 ? 147 LYS A O   1 
ATOM   1149 C  CB  . LYS A 1 147 ? 3.230   -18.043 9.013   1.00 10.38 ? 147 LYS A CB  1 
ATOM   1150 C  CG  . LYS A 1 147 ? 3.370   -18.934 10.210  1.00 11.88 ? 147 LYS A CG  1 
ATOM   1151 C  CD  . LYS A 1 147 ? 2.257   -19.562 10.944  1.00 13.50 ? 147 LYS A CD  1 
ATOM   1152 C  CE  . LYS A 1 147 ? 2.854   -20.566 12.042  1.00 14.22 ? 147 LYS A CE  1 
ATOM   1153 N  NZ  . LYS A 1 147 ? 3.176   -19.795 13.333  1.00 15.32 ? 147 LYS A NZ  1 
ATOM   1154 N  N   . GLU A 1 148 ? 4.206   -19.380 6.395   1.00 11.62 ? 148 GLU A N   1 
ATOM   1155 C  CA  . GLU A 1 148 ? 4.478   -20.688 5.772   1.00 14.18 ? 148 GLU A CA  1 
ATOM   1156 C  C   . GLU A 1 148 ? 6.001   -20.836 5.439   1.00 14.35 ? 148 GLU A C   1 
ATOM   1157 O  O   . GLU A 1 148 ? 6.371   -21.981 5.881   1.00 15.30 ? 148 GLU A O   1 
ATOM   1158 C  CB  . GLU A 1 148 ? 3.800   -21.104 4.487   1.00 14.10 ? 148 GLU A CB  1 
ATOM   1159 C  CG  . GLU A 1 148 ? 2.350   -21.507 4.504   1.00 18.33 ? 148 GLU A CG  1 
ATOM   1160 C  CD  . GLU A 1 148 ? 1.681   -21.175 3.160   1.00 19.36 ? 148 GLU A CD  1 
ATOM   1161 O  OE1 . GLU A 1 148 ? 2.307   -21.406 2.102   1.00 21.85 ? 148 GLU A OE1 1 
ATOM   1162 O  OE2 . GLU A 1 148 ? 0.571   -20.623 3.247   1.00 20.56 ? 148 GLU A OE2 1 
ATOM   1163 N  N   . LEU A 1 149 ? 6.577   -19.859 4.789   1.00 13.93 ? 149 LEU A N   1 
ATOM   1164 C  CA  . LEU A 1 149 ? 7.949   -19.838 4.386   1.00 15.37 ? 149 LEU A CA  1 
ATOM   1165 C  C   . LEU A 1 149 ? 8.913   -19.608 5.578   1.00 16.52 ? 149 LEU A C   1 
ATOM   1166 O  O   . LEU A 1 149 ? 10.148  -19.459 5.532   1.00 15.94 ? 149 LEU A O   1 
ATOM   1167 C  CB  . LEU A 1 149 ? 8.212   -18.741 3.293   1.00 12.85 ? 149 LEU A CB  1 
ATOM   1168 C  CG  . LEU A 1 149 ? 7.317   -18.408 2.152   1.00 14.27 ? 149 LEU A CG  1 
ATOM   1169 C  CD1 . LEU A 1 149 ? 7.728   -17.174 1.289   1.00 12.15 ? 149 LEU A CD1 1 
ATOM   1170 C  CD2 . LEU A 1 149 ? 7.298   -19.567 1.110   1.00 12.18 ? 149 LEU A CD2 1 
ATOM   1171 N  N   . GLY A 1 150 ? 8.333   -19.414 6.757   1.00 18.74 ? 150 GLY A N   1 
ATOM   1172 C  CA  . GLY A 1 150 ? 9.036   -19.132 7.958   1.00 20.42 ? 150 GLY A CA  1 
ATOM   1173 C  C   . GLY A 1 150 ? 9.845   -17.870 7.951   1.00 21.87 ? 150 GLY A C   1 
ATOM   1174 O  O   . GLY A 1 150 ? 10.852  -17.884 8.739   1.00 23.59 ? 150 GLY A O   1 
ATOM   1175 N  N   . PHE A 1 151 ? 9.470   -16.850 7.270   1.00 23.24 ? 151 PHE A N   1 
ATOM   1176 C  CA  . PHE A 1 151 ? 10.156  -15.512 7.309   1.00 24.82 ? 151 PHE A CA  1 
ATOM   1177 C  C   . PHE A 1 151 ? 9.678   -14.744 8.544   1.00 26.02 ? 151 PHE A C   1 
ATOM   1178 O  O   . PHE A 1 151 ? 8.565   -14.193 8.514   1.00 25.06 ? 151 PHE A O   1 
ATOM   1179 C  CB  . PHE A 1 151 ? 9.868   -14.767 6.052   1.00 25.00 ? 151 PHE A CB  1 
ATOM   1180 C  CG  . PHE A 1 151 ? 10.501  -13.468 5.683   1.00 25.67 ? 151 PHE A CG  1 
ATOM   1181 C  CD1 . PHE A 1 151 ? 11.741  -13.436 5.024   1.00 25.02 ? 151 PHE A CD1 1 
ATOM   1182 C  CD2 . PHE A 1 151 ? 9.839   -12.279 5.968   1.00 25.02 ? 151 PHE A CD2 1 
ATOM   1183 C  CE1 . PHE A 1 151 ? 12.343  -12.229 4.692   1.00 25.48 ? 151 PHE A CE1 1 
ATOM   1184 C  CE2 . PHE A 1 151 ? 10.399  -11.089 5.607   1.00 26.14 ? 151 PHE A CE2 1 
ATOM   1185 C  CZ  . PHE A 1 151 ? 11.678  -11.039 5.016   1.00 25.79 ? 151 PHE A CZ  1 
ATOM   1186 N  N   . GLN A 1 152 ? 10.445  -14.701 9.599   1.00 27.41 ? 152 GLN A N   1 
ATOM   1187 C  CA  . GLN A 1 152 ? 10.368  -14.051 10.877  1.00 28.45 ? 152 GLN A CA  1 
ATOM   1188 C  C   . GLN A 1 152 ? 9.047   -14.094 11.648  1.00 28.88 ? 152 GLN A C   1 
ATOM   1189 O  O   . GLN A 1 152 ? 8.005   -13.607 11.241  1.00 28.21 ? 152 GLN A O   1 
ATOM   1190 C  CB  . GLN A 1 152 ? 10.734  -12.535 10.773  1.00 30.99 ? 152 GLN A CB  1 
ATOM   1191 C  CG  . GLN A 1 152 ? 10.121  -11.828 9.625   1.00 33.33 ? 152 GLN A CG  1 
ATOM   1192 C  CD  . GLN A 1 152 ? 8.945   -10.981 9.552   1.00 34.37 ? 152 GLN A CD  1 
ATOM   1193 O  OE1 . GLN A 1 152 ? 8.805   -10.066 10.392  1.00 36.72 ? 152 GLN A OE1 1 
ATOM   1194 N  NE2 . GLN A 1 152 ? 7.986   -11.094 8.625   1.00 34.11 ? 152 GLN A NE2 1 
ATOM   1195 N  N   . GLY A 1 153 ? 9.219   -14.663 12.854  1.00 29.82 ? 153 GLY A N   1 
ATOM   1196 C  CA  . GLY A 1 153 ? 8.256   -14.875 13.921  1.00 30.58 ? 153 GLY A CA  1 
ATOM   1197 C  C   . GLY A 1 153 ? 8.650   -15.582 15.194  1.00 30.87 ? 153 GLY A C   1 
ATOM   1198 O  O   . GLY A 1 153 ? 8.040   -15.254 16.256  1.00 31.64 ? 153 GLY A O   1 
ATOM   1199 O  OXT . GLY A 1 153 ? 9.500   -16.498 15.304  1.00 31.37 ? 153 GLY A OXT 1 
HETATM 1200 S  S   . SO4 B 2 .   ? 14.126  10.524  -12.122 1.00 53.07 ? 155 SO4 A S   1 
HETATM 1201 O  O1  . SO4 B 2 .   ? 15.112  10.079  -13.195 1.00 54.44 ? 155 SO4 A O1  1 
HETATM 1202 O  O2  . SO4 B 2 .   ? 14.716  10.492  -10.761 1.00 54.06 ? 155 SO4 A O2  1 
HETATM 1203 O  O3  . SO4 B 2 .   ? 13.305  11.544  -12.719 1.00 53.25 ? 155 SO4 A O3  1 
HETATM 1204 O  O4  . SO4 B 2 .   ? 13.218  9.242   -12.047 1.00 54.53 ? 155 SO4 A O4  1 
HETATM 1205 C  C   . CYN C 3 .   ? 6.725   -1.889  -3.707  1.00 15.81 ? 156 CYN A C   1 
HETATM 1206 N  N   . CYN C 3 .   ? 6.778   -0.969  -3.187  1.00 14.48 ? 156 CYN A N   1 
HETATM 1207 FE FE  . CLN D 4 .   ? 6.620   -3.951  -3.203  1.00 17.35 ? 154 CLN A FE  1 
HETATM 1208 C  CHA . CLN D 4 .   ? 8.446   -4.921  -5.956  1.00 17.00 ? 154 CLN A CHA 1 
HETATM 1209 C  CHB . CLN D 4 .   ? 3.784   -4.040  -5.151  1.00 17.40 ? 154 CLN A CHB 1 
HETATM 1210 C  CHC . CLN D 4 .   ? 4.726   -3.094  -0.541  1.00 18.57 ? 154 CLN A CHC 1 
HETATM 1211 C  CHD . CLN D 4 .   ? 9.475   -3.487  -1.419  1.00 19.31 ? 154 CLN A CHD 1 
HETATM 1212 N  NA  . CLN D 4 .   ? 6.207   -4.309  -5.199  1.00 16.91 ? 154 CLN A NA  1 
HETATM 1213 C  C1A . CLN D 4 .   ? 7.071   -4.834  -6.137  1.00 16.35 ? 154 CLN A C1A 1 
HETATM 1214 C  C2A . CLN D 4 .   ? 6.292   -5.223  -7.345  1.00 15.95 ? 154 CLN A C2A 1 
HETATM 1215 C  C3A . CLN D 4 .   ? 5.013   -4.942  -7.127  1.00 15.89 ? 154 CLN A C3A 1 
HETATM 1216 C  C4A . CLN D 4 .   ? 4.958   -4.384  -5.745  1.00 16.47 ? 154 CLN A C4A 1 
HETATM 1217 C  CMA . CLN D 4 .   ? 3.771   -5.137  -7.919  1.00 14.64 ? 154 CLN A CMA 1 
HETATM 1218 C  CAA . CLN D 4 .   ? 6.981   -5.862  -8.550  1.00 15.18 ? 154 CLN A CAA 1 
HETATM 1219 C  CBA . CLN D 4 .   ? 6.864   -7.447  -8.723  1.00 15.33 ? 154 CLN A CBA 1 
HETATM 1220 C  CGA . CLN D 4 .   ? 7.347   -8.183  -7.468  1.00 15.08 ? 154 CLN A CGA 1 
HETATM 1221 O  O1A . CLN D 4 .   ? 8.535   -7.795  -7.201  1.00 14.76 ? 154 CLN A O1A 1 
HETATM 1222 O  O2A . CLN D 4 .   ? 6.583   -9.002  -6.851  1.00 13.70 ? 154 CLN A O2A 1 
HETATM 1223 N  NB  . CLN D 4 .   ? 4.653   -3.612  -2.934  1.00 18.15 ? 154 CLN A NB  1 
HETATM 1224 C  C1B . CLN D 4 .   ? 3.619   -3.909  -3.801  1.00 17.50 ? 154 CLN A C1B 1 
HETATM 1225 C  C2B . CLN D 4 .   ? 2.368   -3.790  -3.109  1.00 18.29 ? 154 CLN A C2B 1 
HETATM 1226 C  C3B . CLN D 4 .   ? 2.626   -3.486  -1.841  1.00 18.26 ? 154 CLN A C3B 1 
HETATM 1227 C  C4B . CLN D 4 .   ? 4.050   -3.359  -1.698  1.00 18.01 ? 154 CLN A C4B 1 
HETATM 1228 C  CMB . CLN D 4 .   ? 0.963   -3.970  -3.836  1.00 18.27 ? 154 CLN A CMB 1 
HETATM 1229 C  CAB . CLN D 4 .   ? 1.678   -3.216  -0.626  1.00 18.43 ? 154 CLN A CAB 1 
HETATM 1230 C  CBB . CLN D 4 .   ? 1.352   -1.853  -0.558  1.00 18.37 ? 154 CLN A CBB 1 
HETATM 1231 N  NC  . CLN D 4 .   ? 7.018   -3.354  -1.229  1.00 19.16 ? 154 CLN A NC  1 
HETATM 1232 C  C1C . CLN D 4 .   ? 6.080   -3.044  -0.233  1.00 19.60 ? 154 CLN A C1C 1 
HETATM 1233 C  C2C . CLN D 4 .   ? 6.697   -2.701  1.098   1.00 19.84 ? 154 CLN A C2C 1 
HETATM 1234 C  C3C . CLN D 4 .   ? 8.152   -2.626  0.628   1.00 19.99 ? 154 CLN A C3C 1 
HETATM 1235 C  C4C . CLN D 4 .   ? 8.277   -3.054  -0.764  1.00 19.48 ? 154 CLN A C4C 1 
HETATM 1236 C  CMC . CLN D 4 .   ? 6.182   -3.516  2.259   1.00 20.71 ? 154 CLN A CMC 1 
HETATM 1237 C  CAC . CLN D 4 .   ? 9.089   -2.064  1.409   1.00 19.57 ? 154 CLN A CAC 1 
HETATM 1238 C  CBC . CLN D 4 .   ? 8.552   -1.074  2.316   1.00 19.61 ? 154 CLN A CBC 1 
HETATM 1239 S  S   . CLN D 4 .   ? 6.745   -1.065  1.779   1.00 22.77 ? 154 CLN A S   1 
HETATM 1240 N  ND  . CLN D 4 .   ? 8.560   -4.212  -3.602  1.00 17.84 ? 154 CLN A ND  1 
HETATM 1241 C  C1D . CLN D 4 .   ? 9.613   -3.794  -2.773  1.00 18.20 ? 154 CLN A C1D 1 
HETATM 1242 C  C2D . CLN D 4 .   ? 10.837  -3.805  -3.496  1.00 18.44 ? 154 CLN A C2D 1 
HETATM 1243 C  C3D . CLN D 4 .   ? 10.561  -4.230  -4.746  1.00 18.29 ? 154 CLN A C3D 1 
HETATM 1244 C  C4D . CLN D 4 .   ? 9.148   -4.462  -4.829  1.00 17.98 ? 154 CLN A C4D 1 
HETATM 1245 C  CMD . CLN D 4 .   ? 12.219  -3.476  -2.958  1.00 17.96 ? 154 CLN A CMD 1 
HETATM 1246 C  CAD . CLN D 4 .   ? 11.607  -4.365  -5.892  1.00 18.93 ? 154 CLN A CAD 1 
HETATM 1247 C  CBD . CLN D 4 .   ? 11.608  -3.169  -6.778  1.00 20.36 ? 154 CLN A CBD 1 
HETATM 1248 C  CGD . CLN D 4 .   ? 12.632  -2.850  -7.793  1.00 20.98 ? 154 CLN A CGD 1 
HETATM 1249 O  O1D . CLN D 4 .   ? 13.829  -2.672  -7.418  1.00 21.43 ? 154 CLN A O1D 1 
HETATM 1250 O  O2D . CLN D 4 .   ? 12.153  -2.766  -8.991  1.00 20.82 ? 154 CLN A O2D 1 
HETATM 1251 O  O   . HOH E 5 .   ? -10.424 -7.414  8.543   1.00 22.45 ? 157 HOH A O   1 
HETATM 1252 O  O   . HOH E 5 .   ? -17.594 -10.856 6.362   1.00 34.57 ? 158 HOH A O   1 
HETATM 1253 O  O   . HOH E 5 .   ? 15.909  7.828   -10.345 1.00 34.85 ? 159 HOH A O   1 
HETATM 1254 O  O   . HOH E 5 .   ? 19.011  8.459   1.237   1.00 12.36 ? 160 HOH A O   1 
HETATM 1255 O  O   . HOH E 5 .   ? 5.304   19.817  -5.407  1.00 21.63 ? 161 HOH A O   1 
HETATM 1256 O  O   . HOH E 5 .   ? -6.599  -0.487  -9.713  1.00 27.29 ? 162 HOH A O   1 
HETATM 1257 O  O   . HOH E 5 .   ? -18.040 -11.684 -5.330  1.00 49.11 ? 163 HOH A O   1 
HETATM 1258 O  O   . HOH E 5 .   ? -6.354  -16.057 0.417   1.00 2.00  ? 164 HOH A O   1 
HETATM 1259 O  O   . HOH E 5 .   ? 10.899  -10.259 -8.351  1.00 27.50 ? 165 HOH A O   1 
HETATM 1260 O  O   . HOH E 5 .   ? 8.151   -2.917  -8.785  1.00 21.77 ? 166 HOH A O   1 
HETATM 1261 O  O   . HOH E 5 .   ? -18.297 -9.348  -5.701  1.00 22.93 ? 167 HOH A O   1 
HETATM 1262 O  O   . HOH E 5 .   ? 4.955   -1.886  14.358  1.00 15.38 ? 168 HOH A O   1 
HETATM 1263 O  O   . HOH E 5 .   ? 10.162  -2.995  -10.325 1.00 5.75  ? 169 HOH A O   1 
HETATM 1264 O  O   . HOH E 5 .   ? 9.627   -6.440  -9.631  1.00 38.78 ? 170 HOH A O   1 
HETATM 1265 O  O   . HOH E 5 .   ? -18.150 -14.759 -4.970  1.00 26.09 ? 171 HOH A O   1 
HETATM 1266 O  O   . HOH E 5 .   ? -8.721  -15.914 0.187   1.00 19.32 ? 172 HOH A O   1 
HETATM 1267 O  O   . HOH E 5 .   ? -15.320 -0.796  8.665   1.00 26.42 ? 173 HOH A O   1 
HETATM 1268 O  O   . HOH E 5 .   ? -7.949  10.217  -14.069 1.00 14.05 ? 174 HOH A O   1 
HETATM 1269 O  O   . HOH E 5 .   ? 18.785  1.792   -11.215 1.00 21.69 ? 175 HOH A O   1 
HETATM 1270 O  O   . HOH E 5 .   ? -15.758 6.899   -5.971  1.00 7.76  ? 176 HOH A O   1 
HETATM 1271 O  O   . HOH E 5 .   ? -7.778  -15.859 -6.266  1.00 21.64 ? 177 HOH A O   1 
HETATM 1272 O  O   . HOH E 5 .   ? 11.899  -5.911  -8.956  1.00 13.13 ? 178 HOH A O   1 
HETATM 1273 O  O   . HOH E 5 .   ? -5.137  15.713  -8.466  1.00 15.68 ? 179 HOH A O   1 
HETATM 1274 O  O   . HOH E 5 .   ? 0.627   16.187  5.233   1.00 23.22 ? 180 HOH A O   1 
HETATM 1275 O  O   . HOH E 5 .   ? -0.529  13.977  -10.752 1.00 18.95 ? 181 HOH A O   1 
HETATM 1276 O  O   . HOH E 5 .   ? -17.529 5.136   2.743   1.00 51.27 ? 182 HOH A O   1 
HETATM 1277 O  O   . HOH E 5 .   ? -8.415  -18.772 -6.615  1.00 27.05 ? 183 HOH A O   1 
HETATM 1278 O  O   . HOH E 5 .   ? -4.238  -0.592  8.117   1.00 22.96 ? 184 HOH A O   1 
HETATM 1279 O  O   . HOH E 5 .   ? -22.037 -8.727  8.028   1.00 45.84 ? 185 HOH A O   1 
HETATM 1280 O  O   . HOH E 5 .   ? -17.108 1.172   8.278   1.00 25.85 ? 186 HOH A O   1 
HETATM 1281 O  O   . HOH E 5 .   ? 12.685  -8.353  -9.250  1.00 27.47 ? 187 HOH A O   1 
HETATM 1282 O  O   . HOH E 5 .   ? -15.032 7.296   5.650   1.00 37.36 ? 188 HOH A O   1 
HETATM 1283 O  O   . HOH E 5 .   ? 1.034   8.323   5.999   1.00 51.53 ? 189 HOH A O   1 
HETATM 1284 O  O   . HOH E 5 .   ? -7.565  13.884  -5.255  1.00 30.26 ? 190 HOH A O   1 
HETATM 1285 O  O   . HOH E 5 .   ? -2.728  6.846   9.013   1.00 11.34 ? 191 HOH A O   1 
HETATM 1286 O  O   . HOH E 5 .   ? -21.984 6.078   4.100   1.00 25.99 ? 192 HOH A O   1 
HETATM 1287 O  O   . HOH E 5 .   ? 8.424   14.262  8.582   1.00 37.02 ? 193 HOH A O   1 
HETATM 1288 O  O   . HOH E 5 .   ? 12.610  2.763   -13.843 1.00 27.61 ? 194 HOH A O   1 
HETATM 1289 O  O   . HOH E 5 .   ? -6.820  15.966  -3.674  1.00 20.96 ? 195 HOH A O   1 
HETATM 1290 O  O   . HOH E 5 .   ? 6.492   -14.426 -6.814  1.00 27.49 ? 196 HOH A O   1 
HETATM 1291 O  O   . HOH E 5 .   ? 18.636  -3.966  0.199   1.00 40.54 ? 197 HOH A O   1 
HETATM 1292 O  O   . HOH E 5 .   ? -22.001 4.724   7.658   1.00 18.58 ? 198 HOH A O   1 
HETATM 1293 O  O   . HOH E 5 .   ? -20.185 2.747   -4.503  1.00 44.42 ? 199 HOH A O   1 
HETATM 1294 O  O   . HOH E 5 .   ? 14.431  -6.311  -3.225  1.00 36.97 ? 200 HOH A O   1 
HETATM 1295 O  O   . HOH E 5 .   ? 10.859  13.898  -13.847 1.00 38.02 ? 201 HOH A O   1 
HETATM 1296 O  O   . HOH E 5 .   ? 15.349  -1.667  -9.854  1.00 42.98 ? 202 HOH A O   1 
HETATM 1297 O  O   . HOH E 5 .   ? 22.465  14.823  -4.185  1.00 19.55 ? 203 HOH A O   1 
HETATM 1298 O  O   . HOH E 5 .   ? -5.182  -16.612 2.670   1.00 59.78 ? 204 HOH A O   1 
HETATM 1299 O  O   . HOH E 5 .   ? -24.698 -4.688  3.520   1.00 28.86 ? 205 HOH A O   1 
HETATM 1300 O  O   . HOH E 5 .   ? -7.040  2.581   9.806   1.00 16.73 ? 206 HOH A O   1 
HETATM 1301 O  O   . HOH E 5 .   ? -2.619  -19.632 -2.134  1.00 13.66 ? 207 HOH A O   1 
HETATM 1302 O  O   . HOH E 5 .   ? -13.679 12.514  8.131   1.00 57.20 ? 208 HOH A O   1 
HETATM 1303 O  O   . HOH E 5 .   ? -2.065  17.740  1.017   1.00 59.22 ? 209 HOH A O   1 
HETATM 1304 O  O   . HOH E 5 .   ? -3.863  14.574  -5.183  1.00 29.79 ? 210 HOH A O   1 
HETATM 1305 O  O   . HOH E 5 .   ? 14.390  -6.700  -7.289  1.00 26.33 ? 211 HOH A O   1 
HETATM 1306 O  O   . HOH E 5 .   ? -1.636  16.338  -6.030  1.00 57.50 ? 212 HOH A O   1 
HETATM 1307 O  O   . HOH E 5 .   ? 10.848  2.340   -11.191 1.00 36.25 ? 213 HOH A O   1 
HETATM 1308 O  O   . HOH E 5 .   ? -16.491 9.605   3.599   1.00 23.36 ? 214 HOH A O   1 
HETATM 1309 O  O   . HOH E 5 .   ? 14.001  -16.406 9.066   1.00 31.98 ? 215 HOH A O   1 
HETATM 1310 O  O   . HOH E 5 .   ? 0.265   13.119  1.975   1.00 39.98 ? 216 HOH A O   1 
HETATM 1311 O  O   . HOH E 5 .   ? -20.346 -10.459 5.146   1.00 55.39 ? 217 HOH A O   1 
HETATM 1312 O  O   . HOH E 5 .   ? 15.094  13.813  -8.183  1.00 44.45 ? 218 HOH A O   1 
HETATM 1313 O  O   . HOH E 5 .   ? 18.947  13.753  -6.637  1.00 34.77 ? 219 HOH A O   1 
HETATM 1314 O  O   . HOH E 5 .   ? -12.751 9.877   9.560   1.00 34.07 ? 220 HOH A O   1 
HETATM 1315 O  O   . HOH E 5 .   ? -0.059  11.613  -10.970 1.00 37.84 ? 221 HOH A O   1 
HETATM 1316 O  O   . HOH E 5 .   ? -1.448  -18.882 0.249   1.00 29.04 ? 222 HOH A O   1 
HETATM 1317 O  O   . HOH E 5 .   ? 8.163   -8.293  -4.725  1.00 59.78 ? 223 HOH A O   1 
HETATM 1318 O  O   . HOH E 5 .   ? -24.349 -7.821  3.834   1.00 41.57 ? 224 HOH A O   1 
HETATM 1319 O  O   . HOH E 5 .   ? 22.462  9.831   -3.469  1.00 31.27 ? 225 HOH A O   1 
HETATM 1320 O  O   . HOH E 5 .   ? 15.938  16.414  -9.116  1.00 28.95 ? 226 HOH A O   1 
HETATM 1321 O  O   . HOH E 5 .   ? -11.248 -15.202 -10.628 1.00 27.89 ? 227 HOH A O   1 
HETATM 1322 O  O   . HOH E 5 .   ? 11.929  -10.793 7.942   1.00 38.52 ? 228 HOH A O   1 
HETATM 1323 O  O   . HOH E 5 .   ? 17.458  -1.696  -8.056  1.00 38.10 ? 229 HOH A O   1 
HETATM 1324 O  O   . HOH E 5 .   ? 15.419  -1.057  -6.202  1.00 39.87 ? 230 HOH A O   1 
HETATM 1325 O  O   . HOH E 5 .   ? 21.382  3.214   -5.758  1.00 57.88 ? 231 HOH A O   1 
HETATM 1326 O  O   . HOH E 5 .   ? 17.621  -9.152  -3.736  1.00 21.31 ? 232 HOH A O   1 
HETATM 1327 O  O   . HOH E 5 .   ? -3.666  -4.448  -10.798 1.00 27.68 ? 233 HOH A O   1 
HETATM 1328 O  O   . HOH E 5 .   ? -1.911  16.367  5.076   1.00 16.32 ? 234 HOH A O   1 
HETATM 1329 O  O   . HOH E 5 .   ? 15.437  -6.029  -0.150  1.00 28.19 ? 235 HOH A O   1 
HETATM 1330 O  O   . HOH E 5 .   ? -7.271  18.562  -2.000  1.00 22.52 ? 236 HOH A O   1 
HETATM 1331 O  O   . HOH E 5 .   ? -4.180  8.985   -14.575 1.00 45.45 ? 237 HOH A O   1 
HETATM 1332 O  O   . HOH E 5 .   ? 13.079  -17.168 1.855   1.00 30.01 ? 238 HOH A O   1 
HETATM 1333 O  O   . HOH E 5 .   ? 17.183  -15.075 0.651   1.00 29.30 ? 239 HOH A O   1 
HETATM 1334 O  O   . HOH E 5 .   ? 0.457   1.297   15.110  1.00 32.08 ? 240 HOH A O   1 
HETATM 1335 O  O   . HOH E 5 .   ? -18.144 4.217   -5.729  1.00 17.29 ? 241 HOH A O   1 
HETATM 1336 O  O   . HOH E 5 .   ? 4.678   -1.881  -6.983  1.00 71.26 ? 242 HOH A O   1 
HETATM 1337 O  O   . HOH E 5 .   ? 11.697  5.431   -14.891 1.00 37.26 ? 243 HOH A O   1 
HETATM 1338 O  O   . HOH E 5 .   ? 20.093  -5.529  -1.842  1.00 21.25 ? 244 HOH A O   1 
HETATM 1339 O  O   . HOH E 5 .   ? -17.694 0.420   4.755   1.00 63.66 ? 245 HOH A O   1 
HETATM 1340 O  O   . HOH E 5 .   ? 16.546  -17.558 2.501   1.00 55.03 ? 246 HOH A O   1 
HETATM 1341 O  O   . HOH E 5 .   ? -1.463  -19.327 -4.852  1.00 27.87 ? 247 HOH A O   1 
HETATM 1342 O  O   . HOH E 5 .   ? 9.499   -6.831  -0.178  1.00 43.20 ? 248 HOH A O   1 
HETATM 1343 O  O   . HOH E 5 .   ? -12.932 14.994  -0.148  1.00 36.65 ? 249 HOH A O   1 
HETATM 1344 O  O   . HOH E 5 .   ? -19.943 4.724   -1.728  1.00 45.33 ? 250 HOH A O   1 
HETATM 1345 O  O   . HOH E 5 .   ? 20.997  15.222  -1.961  1.00 21.11 ? 251 HOH A O   1 
HETATM 1346 O  O   . HOH E 5 .   ? -17.401 8.365   5.476   1.00 51.09 ? 252 HOH A O   1 
HETATM 1347 O  O   . HOH E 5 .   ? 0.368   -10.538 -7.966  1.00 25.95 ? 253 HOH A O   1 
HETATM 1348 O  O   . HOH E 5 .   ? 15.885  11.464  -8.266  1.00 42.11 ? 254 HOH A O   1 
HETATM 1349 O  O   . HOH E 5 .   ? 15.346  -12.603 7.124   1.00 63.71 ? 255 HOH A O   1 
HETATM 1350 O  O   . HOH E 5 .   ? 10.744  -0.100  -6.783  1.00 62.75 ? 256 HOH A O   1 
HETATM 1351 O  O   . HOH E 5 .   ? -5.882  18.654  0.964   1.00 46.75 ? 257 HOH A O   1 
HETATM 1352 O  O   . HOH E 5 .   ? -21.963 0.476   0.536   1.00 22.80 ? 258 HOH A O   1 
HETATM 1353 O  O   . HOH E 5 .   ? -15.272 -8.408  10.823  1.00 52.90 ? 259 HOH A O   1 
HETATM 1354 O  O   . HOH E 5 .   ? -20.039 8.677   5.492   1.00 17.33 ? 260 HOH A O   1 
HETATM 1355 O  O   . HOH E 5 .   ? 6.522   1.253   -13.490 1.00 64.49 ? 261 HOH A O   1 
HETATM 1356 O  O   . HOH E 5 .   ? -22.804 0.392   4.790   1.00 22.69 ? 262 HOH A O   1 
HETATM 1357 O  O   . HOH E 5 .   ? -13.778 -12.762 -7.858  1.00 53.64 ? 263 HOH A O   1 
HETATM 1358 O  O   . HOH E 5 .   ? 4.502   -17.912 0.618   1.00 41.77 ? 264 HOH A O   1 
HETATM 1359 O  O   . HOH E 5 .   ? 18.444  -12.529 3.658   1.00 43.15 ? 265 HOH A O   1 
HETATM 1360 O  O   . HOH E 5 .   ? 3.786   6.580   10.324  1.00 26.64 ? 266 HOH A O   1 
HETATM 1361 O  O   . HOH E 5 .   ? 23.949  1.839   1.392   1.00 43.42 ? 267 HOH A O   1 
HETATM 1362 O  O   . HOH E 5 .   ? 12.763  13.504  -11.705 1.00 29.65 ? 268 HOH A O   1 
HETATM 1363 O  O   . HOH E 5 .   ? -4.373  3.764   9.743   1.00 21.57 ? 269 HOH A O   1 
HETATM 1364 O  O   . HOH E 5 .   ? -18.580 8.714   -5.795  1.00 67.68 ? 270 HOH A O   1 
HETATM 1365 O  O   . HOH E 5 .   ? 6.651   -14.974 3.046   1.00 33.97 ? 271 HOH A O   1 
HETATM 1366 O  O   . HOH E 5 .   ? 21.621  -1.367  0.844   1.00 21.87 ? 272 HOH A O   1 
HETATM 1367 O  O   . HOH E 5 .   ? 0.593   -16.331 -0.867  1.00 46.65 ? 273 HOH A O   1 
HETATM 1368 O  O   . HOH E 5 .   ? -9.685  3.963   5.722   1.00 58.91 ? 274 HOH A O   1 
HETATM 1369 O  O   . HOH E 5 .   ? -6.473  13.898  -10.967 1.00 30.30 ? 275 HOH A O   1 
HETATM 1370 O  O   . HOH E 5 .   ? 8.075   9.903   -10.704 1.00 26.07 ? 276 HOH A O   1 
HETATM 1371 O  O   . HOH E 5 .   ? 11.463  18.602  -6.443  1.00 39.86 ? 277 HOH A O   1 
HETATM 1372 O  O   . HOH E 5 .   ? -6.237  -19.725 -5.620  1.00 52.78 ? 278 HOH A O   1 
HETATM 1373 O  O   . HOH E 5 .   ? 18.765  17.054  -2.189  1.00 23.11 ? 279 HOH A O   1 
HETATM 1374 O  O   . HOH E 5 .   ? 17.622  -15.054 -2.865  1.00 30.06 ? 280 HOH A O   1 
HETATM 1375 O  O   . HOH E 5 .   ? 1.513   -19.060 0.527   1.00 34.65 ? 281 HOH A O   1 
HETATM 1376 O  O   . HOH E 5 .   ? -25.693 -3.087  -1.586  1.00 45.89 ? 282 HOH A O   1 
HETATM 1377 O  O   . HOH E 5 .   ? 14.294  6.894   -8.771  1.00 55.31 ? 283 HOH A O   1 
HETATM 1378 O  O   . HOH E 5 .   ? 18.526  -12.179 1.211   1.00 19.45 ? 284 HOH A O   1 
HETATM 1379 O  O   . HOH E 5 .   ? -10.826 13.990  6.130   1.00 49.87 ? 285 HOH A O   1 
HETATM 1380 O  O   . HOH E 5 .   ? -17.679 5.324   0.307   1.00 36.30 ? 286 HOH A O   1 
HETATM 1381 O  O   . HOH E 5 .   ? -21.111 8.340   3.383   1.00 23.89 ? 287 HOH A O   1 
HETATM 1382 O  O   . HOH E 5 .   ? -14.228 -13.769 5.112   1.00 34.37 ? 288 HOH A O   1 
HETATM 1383 O  O   . HOH E 5 .   ? -4.375  6.014   11.019  1.00 61.51 ? 289 HOH A O   1 
HETATM 1384 O  O   . HOH E 5 .   ? 15.329  -4.288  -4.409  1.00 40.07 ? 290 HOH A O   1 
HETATM 1385 O  O   . HOH E 5 .   ? -20.411 13.265  3.203   1.00 42.06 ? 291 HOH A O   1 
HETATM 1386 O  O   . HOH E 5 .   ? -22.636 -9.944  3.833   1.00 34.51 ? 292 HOH A O   1 
HETATM 1387 O  O   . HOH E 5 .   ? 2.349   -14.790 10.446  1.00 25.39 ? 293 HOH A O   1 
HETATM 1388 O  O   . HOH E 5 .   ? -18.040 -6.437  8.802   1.00 38.30 ? 294 HOH A O   1 
HETATM 1389 O  O   . HOH E 5 .   ? 7.363   6.791   11.432  1.00 43.28 ? 295 HOH A O   1 
HETATM 1390 O  O   . HOH E 5 .   ? -7.172  4.929   10.244  1.00 34.60 ? 296 HOH A O   1 
HETATM 1391 O  O   . HOH E 5 .   ? 16.470  -4.984  -2.131  1.00 46.07 ? 297 HOH A O   1 
HETATM 1392 O  O   . HOH E 5 .   ? 0.409   6.657   8.812   1.00 37.29 ? 298 HOH A O   1 
HETATM 1393 O  O   . HOH E 5 .   ? -14.839 8.798   1.672   1.00 46.63 ? 299 HOH A O   1 
HETATM 1394 O  O   . HOH E 5 .   ? 6.932   14.049  -10.804 1.00 30.08 ? 300 HOH A O   1 
HETATM 1395 O  O   . HOH E 5 .   ? -18.569 -8.855  7.856   1.00 33.18 ? 301 HOH A O   1 
HETATM 1396 O  O   . HOH E 5 .   ? -3.428  -3.572  -14.752 1.00 62.52 ? 302 HOH A O   1 
HETATM 1397 O  O   . HOH E 5 .   ? 20.897  16.498  0.343   1.00 50.95 ? 303 HOH A O   1 
HETATM 1398 O  O   . HOH E 5 .   ? 6.740   11.445  7.687   1.00 29.60 ? 304 HOH A O   1 
HETATM 1399 O  O   . HOH E 5 .   ? 3.490   -17.244 -2.258  1.00 35.75 ? 305 HOH A O   1 
HETATM 1400 O  O   . HOH E 5 .   ? -12.557 -15.014 8.501   1.00 60.73 ? 306 HOH A O   1 
HETATM 1401 O  O   . HOH E 5 .   ? 1.529   13.207  -9.145  1.00 48.84 ? 307 HOH A O   1 
HETATM 1402 O  O   . HOH E 5 .   ? 17.576  -9.685  -1.216  1.00 47.04 ? 308 HOH A O   1 
HETATM 1403 O  O   . HOH E 5 .   ? 16.279  -10.715 5.742   1.00 34.63 ? 309 HOH A O   1 
HETATM 1404 O  O   . HOH E 5 .   ? 19.020  4.323   -6.333  1.00 57.86 ? 310 HOH A O   1 
HETATM 1405 O  O   . HOH E 5 .   ? -19.860 -4.749  10.303  1.00 41.28 ? 311 HOH A O   1 
HETATM 1406 O  O   . HOH E 5 .   ? 12.723  -14.201 8.618   1.00 48.08 ? 312 HOH A O   1 
HETATM 1407 O  O   . HOH E 5 .   ? 2.961   5.700   6.790   1.00 42.74 ? 313 HOH A O   1 
HETATM 1408 O  O   . HOH E 5 .   ? -11.462 -0.728  10.386  1.00 44.81 ? 314 HOH A O   1 
HETATM 1409 O  O   . HOH E 5 .   ? 4.431   10.598  10.433  1.00 28.88 ? 315 HOH A O   1 
HETATM 1410 O  O   . HOH E 5 .   ? 5.411   9.066   7.690   1.00 44.40 ? 316 HOH A O   1 
HETATM 1411 O  O   . HOH E 5 .   ? 0.563   14.694  -6.320  1.00 35.20 ? 317 HOH A O   1 
HETATM 1412 O  O   . HOH E 5 .   ? 0.900   -13.584 -9.576  1.00 58.02 ? 318 HOH A O   1 
HETATM 1413 O  O   . HOH E 5 .   ? -9.101  -13.903 6.058   1.00 39.26 ? 319 HOH A O   1 
HETATM 1414 O  O   . HOH E 5 .   ? -26.339 -0.012  -3.199  1.00 62.02 ? 320 HOH A O   1 
HETATM 1415 O  O   . HOH E 5 .   ? -8.240  5.759   2.382   1.00 36.43 ? 321 HOH A O   1 
HETATM 1416 O  O   . HOH E 5 .   ? 3.774   6.904   -12.928 1.00 63.55 ? 322 HOH A O   1 
HETATM 1417 O  O   . HOH E 5 .   ? -23.262 -2.036  6.681   1.00 60.18 ? 323 HOH A O   1 
HETATM 1418 O  O   . HOH E 5 .   ? -15.905 8.298   -2.852  1.00 50.03 ? 324 HOH A O   1 
HETATM 1419 O  O   . HOH E 5 .   ? 23.810  4.700   1.838   1.00 71.66 ? 325 HOH A O   1 
HETATM 1420 O  O   . HOH E 5 .   ? -10.324 -13.585 9.455   1.00 53.55 ? 326 HOH A O   1 
HETATM 1421 O  O   . HOH E 5 .   ? -4.032  1.912   7.953   1.00 51.47 ? 327 HOH A O   1 
HETATM 1422 O  O   . HOH E 5 .   ? 22.057  -3.521  -7.639  1.00 51.01 ? 328 HOH A O   1 
HETATM 1423 O  O   . HOH E 5 .   ? 4.625   9.128   -14.035 1.00 45.37 ? 329 HOH A O   1 
# 
